data_9OQL
#
_entry.id   9OQL
#
_cell.length_a   1.00
_cell.length_b   1.00
_cell.length_c   1.00
_cell.angle_alpha   90.00
_cell.angle_beta   90.00
_cell.angle_gamma   90.00
#
_symmetry.space_group_name_H-M   'P 1'
#
loop_
_entity.id
_entity.type
_entity.pdbx_description
1 polymer Pannexin-1
2 non-polymer PHOSPHATIDYLETHANOLAMINE
3 non-polymer CHOLESTEROL
4 non-polymer 2-acetamido-2-deoxy-beta-D-glucopyranose
5 non-polymer "ADENOSINE-5'-TRIPHOSPHATE"
#
_entity_poly.entity_id   1
_entity_poly.type   'polypeptide(L)'
_entity_poly.pdbx_seq_one_letter_code
;MAIAQLATEYVFSDFLLKEPTEPKFKGLRLELAVDKMVTCIAVGLPLLLISLAFAQEISIGTQISCFSPSSFSWRQAAFV
DSYCWAAVQQKNSLQSESGNLPLWLHKFFPYILLLFAILLYLPPLFWRFAAAPHICSDLKFIMEELDKVYNRAIKAAKSA
RDLDMRDGACSVPGVTENLGQSLWEVSESHFKYPIVEQYLKTKKNSNNLIIKYISCRLLTLIIILLACIYLGYYFSLSSL
SDEFVCSIKSGILRNDSTVPDQFQCKLIAVGIFQLLSVINLVVYVLLAPVVVYTLFVPFRQKTDVLKVYEILPTFDVLHF
KSEGYNDLSLYNLFLEENISEVKSYKCLKVLENIKSSGQGIDPMLLLTNLGMIKMDVVDGKTPMSAEMREEQGNQTAELQ
GMNIDSETKANNGEKNARQRLLDSSC
;
_entity_poly.pdbx_strand_id   A,B,C,D,E,F,G
#
# COMPACT_ATOMS: atom_id res chain seq x y z
N ALA A 2 -15.77 -7.27 5.92
CA ALA A 2 -16.44 -8.53 6.22
C ALA A 2 -16.07 -9.02 7.62
N ILE A 3 -16.84 -9.98 8.13
CA ILE A 3 -16.59 -10.50 9.47
C ILE A 3 -15.18 -11.06 9.58
N ALA A 4 -14.77 -11.84 8.58
CA ALA A 4 -13.44 -12.43 8.61
C ALA A 4 -12.35 -11.36 8.56
N GLN A 5 -12.58 -10.30 7.78
CA GLN A 5 -11.62 -9.20 7.75
C GLN A 5 -11.48 -8.56 9.12
N LEU A 6 -12.61 -8.33 9.80
CA LEU A 6 -12.55 -7.74 11.13
C LEU A 6 -11.80 -8.66 12.09
N ALA A 7 -12.05 -9.97 12.00
CA ALA A 7 -11.34 -10.91 12.86
C ALA A 7 -9.84 -10.85 12.60
N THR A 8 -9.45 -10.84 11.33
CA THR A 8 -8.02 -10.78 11.02
C THR A 8 -7.39 -9.51 11.56
N GLU A 9 -8.10 -8.39 11.43
CA GLU A 9 -7.55 -7.13 11.93
C GLU A 9 -7.40 -7.14 13.44
N TYR A 10 -8.38 -7.67 14.17
CA TYR A 10 -8.48 -7.40 15.59
C TYR A 10 -8.03 -8.53 16.51
N VAL A 11 -8.00 -9.79 16.04
CA VAL A 11 -7.56 -10.90 16.86
C VAL A 11 -6.36 -11.62 16.25
N PHE A 12 -6.37 -11.86 14.95
CA PHE A 12 -5.29 -12.60 14.30
C PHE A 12 -4.13 -11.72 13.85
N SER A 13 -4.26 -10.40 13.95
CA SER A 13 -3.19 -9.48 13.61
C SER A 13 -2.56 -8.91 14.88
N ASP A 14 -1.47 -8.18 14.68
CA ASP A 14 -0.76 -7.54 15.79
C ASP A 14 -1.42 -6.20 16.15
N PHE A 15 -2.68 -6.30 16.56
CA PHE A 15 -3.44 -5.13 16.97
C PHE A 15 -3.04 -4.75 18.39
N LEU A 16 -2.41 -3.60 18.54
CA LEU A 16 -1.88 -3.11 19.81
C LEU A 16 -0.76 -4.01 20.35
N LEU A 17 -0.32 -4.98 19.55
CA LEU A 17 0.83 -5.82 19.89
C LEU A 17 2.11 -5.32 19.24
N LYS A 18 2.06 -4.19 18.56
CA LYS A 18 3.24 -3.67 17.88
C LYS A 18 4.27 -3.19 18.90
N GLU A 19 5.51 -3.60 18.71
CA GLU A 19 6.58 -3.13 19.56
C GLU A 19 6.85 -1.65 19.29
N PRO A 20 7.39 -0.92 20.25
CA PRO A 20 7.69 0.50 20.02
C PRO A 20 8.54 0.70 18.77
N THR A 21 8.03 1.50 17.84
CA THR A 21 8.71 1.74 16.57
C THR A 21 9.74 2.85 16.77
N GLU A 22 10.86 2.47 17.37
CA GLU A 22 11.95 3.40 17.60
C GLU A 22 13.20 2.64 18.03
N PRO A 23 14.40 3.16 17.76
CA PRO A 23 15.63 2.48 18.18
C PRO A 23 15.89 2.55 19.69
N LYS A 24 15.18 3.41 20.41
CA LYS A 24 15.43 3.55 21.85
C LYS A 24 15.14 2.24 22.58
N PHE A 25 14.04 1.58 22.24
CA PHE A 25 13.64 0.32 22.86
C PHE A 25 13.76 -0.78 21.80
N LYS A 26 14.94 -1.37 21.71
CA LYS A 26 15.21 -2.45 20.76
C LYS A 26 15.08 -3.78 21.50
N GLY A 27 13.95 -4.45 21.31
CA GLY A 27 13.69 -5.73 21.94
C GLY A 27 13.13 -5.64 23.35
N LEU A 28 12.88 -4.45 23.86
CA LEU A 28 12.32 -4.28 25.20
C LEU A 28 10.81 -4.22 25.11
N ARG A 29 10.13 -5.15 25.78
CA ARG A 29 8.68 -5.17 25.76
C ARG A 29 8.10 -3.89 26.35
N LEU A 30 8.64 -3.45 27.49
CA LEU A 30 8.17 -2.29 28.24
C LEU A 30 6.76 -2.48 28.78
N GLU A 31 6.16 -3.66 28.60
CA GLU A 31 4.83 -3.93 29.12
C GLU A 31 4.75 -5.43 29.38
N LEU A 32 4.30 -5.80 30.57
CA LEU A 32 4.21 -7.20 30.92
C LEU A 32 3.25 -7.91 29.98
N ALA A 33 3.47 -9.22 29.80
CA ALA A 33 2.63 -9.99 28.88
C ALA A 33 1.17 -9.98 29.33
N VAL A 34 0.94 -10.15 30.63
CA VAL A 34 -0.43 -10.18 31.14
C VAL A 34 -1.10 -8.82 30.93
N ASP A 35 -0.37 -7.74 31.22
CA ASP A 35 -0.95 -6.41 31.03
C ASP A 35 -1.25 -6.15 29.56
N LYS A 36 -0.35 -6.56 28.67
CA LYS A 36 -0.59 -6.38 27.24
C LYS A 36 -1.80 -7.17 26.79
N MET A 37 -1.94 -8.40 27.27
CA MET A 37 -3.12 -9.20 26.94
C MET A 37 -4.39 -8.53 27.44
N VAL A 38 -4.37 -8.03 28.68
CA VAL A 38 -5.54 -7.40 29.26
C VAL A 38 -5.94 -6.17 28.45
N THR A 39 -4.96 -5.33 28.12
CA THR A 39 -5.25 -4.13 27.34
C THR A 39 -5.77 -4.48 25.96
N CYS A 40 -5.12 -5.45 25.30
CA CYS A 40 -5.53 -5.83 23.95
C CYS A 40 -6.95 -6.34 23.95
N ILE A 41 -7.31 -7.21 24.91
CA ILE A 41 -8.68 -7.69 24.99
C ILE A 41 -9.63 -6.54 25.27
N ALA A 42 -9.40 -5.81 26.37
CA ALA A 42 -10.33 -4.79 26.80
C ALA A 42 -10.53 -3.70 25.75
N VAL A 43 -9.59 -3.51 24.84
CA VAL A 43 -9.71 -2.49 23.81
C VAL A 43 -10.29 -3.07 22.51
N GLY A 44 -9.70 -4.15 22.00
CA GLY A 44 -10.11 -4.69 20.73
C GLY A 44 -11.33 -5.58 20.77
N LEU A 45 -11.87 -5.87 21.94
CA LEU A 45 -13.11 -6.63 22.01
C LEU A 45 -14.28 -5.70 21.69
N PRO A 46 -14.45 -4.58 22.41
CA PRO A 46 -15.56 -3.68 22.08
C PRO A 46 -15.50 -3.17 20.65
N LEU A 47 -14.31 -2.90 20.13
CA LEU A 47 -14.19 -2.49 18.73
C LEU A 47 -14.65 -3.60 17.79
N LEU A 48 -14.24 -4.84 18.09
CA LEU A 48 -14.67 -5.97 17.27
C LEU A 48 -16.18 -6.13 17.30
N LEU A 49 -16.79 -5.95 18.48
CA LEU A 49 -18.24 -6.07 18.59
C LEU A 49 -18.94 -4.95 17.85
N ILE A 50 -18.41 -3.73 17.92
CA ILE A 50 -18.96 -2.63 17.15
C ILE A 50 -18.96 -2.99 15.67
N SER A 51 -17.81 -3.46 15.17
CA SER A 51 -17.72 -3.79 13.76
C SER A 51 -18.67 -4.93 13.40
N LEU A 52 -18.77 -5.94 14.26
CA LEU A 52 -19.63 -7.08 13.98
C LEU A 52 -21.10 -6.67 13.93
N ALA A 53 -21.53 -5.83 14.87
CA ALA A 53 -22.95 -5.50 14.97
C ALA A 53 -23.47 -4.82 13.71
N PHE A 54 -22.60 -4.21 12.92
CA PHE A 54 -23.00 -3.52 11.70
C PHE A 54 -22.34 -4.15 10.47
N ALA A 55 -22.03 -5.44 10.56
CA ALA A 55 -21.48 -6.15 9.43
C ALA A 55 -22.51 -6.25 8.32
N GLN A 56 -22.03 -6.27 7.06
CA GLN A 56 -22.93 -6.25 5.92
C GLN A 56 -23.83 -7.48 5.89
N GLU A 57 -23.43 -8.57 6.54
CA GLU A 57 -24.24 -9.78 6.58
C GLU A 57 -25.25 -9.79 7.72
N ILE A 58 -24.84 -9.47 8.94
CA ILE A 58 -25.76 -9.44 10.07
C ILE A 58 -26.75 -8.29 10.00
N SER A 59 -26.45 -7.24 9.25
CA SER A 59 -27.29 -6.05 9.20
C SER A 59 -28.31 -6.19 8.08
N ILE A 60 -29.58 -6.15 8.45
CA ILE A 60 -30.65 -6.19 7.44
C ILE A 60 -30.62 -4.93 6.59
N GLY A 61 -30.28 -3.79 7.19
CA GLY A 61 -30.34 -2.52 6.49
C GLY A 61 -30.31 -1.35 7.46
N THR A 62 -31.28 -0.45 7.31
CA THR A 62 -31.35 0.72 8.17
C THR A 62 -31.61 0.31 9.61
N GLN A 63 -31.20 1.16 10.54
CA GLN A 63 -31.24 0.85 11.96
C GLN A 63 -32.58 1.14 12.61
N ILE A 64 -33.55 1.67 11.88
CA ILE A 64 -34.87 1.95 12.44
C ILE A 64 -35.88 1.98 11.32
N SER A 65 -37.05 1.38 11.56
CA SER A 65 -38.15 1.40 10.61
C SER A 65 -39.43 1.68 11.38
N CYS A 66 -40.22 2.64 10.89
CA CYS A 66 -41.37 3.15 11.63
C CYS A 66 -42.72 2.71 11.09
N PHE A 67 -42.76 2.02 9.95
CA PHE A 67 -44.00 1.48 9.39
C PHE A 67 -45.03 2.61 9.17
N SER A 68 -44.68 3.47 8.21
CA SER A 68 -45.59 4.51 7.81
C SER A 68 -46.79 3.90 7.08
N PRO A 69 -47.92 4.60 7.05
CA PRO A 69 -49.09 4.08 6.32
C PRO A 69 -48.78 3.82 4.86
N SER A 70 -49.63 3.01 4.24
CA SER A 70 -49.46 2.71 2.82
C SER A 70 -49.61 3.96 1.97
N SER A 71 -50.51 4.87 2.37
CA SER A 71 -50.67 6.11 1.62
C SER A 71 -49.39 6.92 1.58
N PHE A 72 -48.55 6.79 2.60
CA PHE A 72 -47.30 7.53 2.64
C PHE A 72 -46.38 7.10 1.52
N SER A 73 -45.69 8.07 0.93
CA SER A 73 -44.72 7.80 -0.11
C SER A 73 -43.40 7.34 0.54
N TRP A 74 -42.47 6.90 -0.30
CA TRP A 74 -41.19 6.40 0.21
C TRP A 74 -40.47 7.47 1.01
N ARG A 75 -40.38 8.69 0.49
CA ARG A 75 -39.63 9.71 1.19
C ARG A 75 -40.40 10.28 2.39
N GLN A 76 -41.73 10.20 2.39
CA GLN A 76 -42.47 10.50 3.61
C GLN A 76 -42.12 9.50 4.71
N ALA A 77 -42.09 8.21 4.36
CA ALA A 77 -41.71 7.19 5.33
C ALA A 77 -40.26 7.38 5.78
N ALA A 78 -39.38 7.75 4.86
CA ALA A 78 -38.00 8.02 5.22
C ALA A 78 -37.90 9.20 6.17
N PHE A 79 -38.69 10.25 5.93
CA PHE A 79 -38.75 11.36 6.87
C PHE A 79 -39.19 10.87 8.24
N VAL A 80 -40.22 10.03 8.28
CA VAL A 80 -40.70 9.52 9.56
C VAL A 80 -39.57 8.79 10.29
N ASP A 81 -38.89 7.89 9.58
CA ASP A 81 -37.86 7.09 10.21
C ASP A 81 -36.71 7.96 10.72
N SER A 82 -36.24 8.88 9.89
CA SER A 82 -35.14 9.75 10.29
C SER A 82 -35.55 10.68 11.43
N TYR A 83 -36.79 11.19 11.38
CA TYR A 83 -37.29 12.04 12.44
C TYR A 83 -37.30 11.30 13.77
N CYS A 84 -37.79 10.07 13.77
CA CYS A 84 -37.83 9.30 15.01
C CYS A 84 -36.42 8.96 15.49
N TRP A 85 -35.52 8.66 14.55
CA TRP A 85 -34.13 8.42 14.89
C TRP A 85 -33.52 9.61 15.60
N ALA A 86 -33.79 10.82 15.09
CA ALA A 86 -33.28 12.03 15.73
C ALA A 86 -34.09 12.44 16.95
N ALA A 87 -35.30 11.90 17.11
CA ALA A 87 -36.19 12.25 18.20
C ALA A 87 -36.11 11.31 19.38
N VAL A 88 -35.33 10.23 19.27
CA VAL A 88 -35.07 9.42 20.46
C VAL A 88 -34.57 10.31 21.58
N GLN A 89 -33.81 11.35 21.25
CA GLN A 89 -33.38 12.32 22.25
C GLN A 89 -34.57 13.16 22.74
N GLN A 90 -35.38 13.66 21.81
CA GLN A 90 -36.51 14.50 22.15
C GLN A 90 -37.58 13.69 22.86
N LYS A 91 -37.68 13.86 24.18
CA LYS A 91 -38.58 13.05 24.98
C LYS A 91 -40.05 13.28 24.61
N ASN A 92 -40.41 14.52 24.29
CA ASN A 92 -41.81 14.83 24.00
C ASN A 92 -42.30 14.06 22.77
N SER A 93 -41.44 13.94 21.76
CA SER A 93 -41.86 13.34 20.50
C SER A 93 -42.29 11.88 20.69
N LEU A 94 -41.53 11.11 21.47
CA LEU A 94 -41.76 9.69 21.61
C LEU A 94 -42.29 9.36 23.00
N GLN A 95 -43.08 8.28 23.06
CA GLN A 95 -43.63 7.77 24.31
C GLN A 95 -43.41 6.26 24.33
N SER A 96 -42.44 5.81 25.12
CA SER A 96 -42.09 4.40 25.22
C SER A 96 -42.26 3.93 26.66
N GLU A 97 -42.72 2.68 26.82
CA GLU A 97 -42.95 2.15 28.16
C GLU A 97 -41.66 2.08 28.95
N SER A 98 -40.57 1.63 28.31
CA SER A 98 -39.30 1.50 29.02
C SER A 98 -38.65 2.83 29.33
N GLY A 99 -39.10 3.91 28.71
CA GLY A 99 -38.54 5.23 28.89
C GLY A 99 -37.75 5.68 27.68
N ASN A 100 -36.89 6.67 27.89
CA ASN A 100 -36.06 7.21 26.82
C ASN A 100 -34.59 6.84 26.97
N LEU A 101 -34.14 6.53 28.18
CA LEU A 101 -32.77 6.06 28.36
C LEU A 101 -32.49 4.79 27.56
N PRO A 102 -33.38 3.79 27.52
CA PRO A 102 -33.12 2.63 26.65
C PRO A 102 -32.96 3.01 25.20
N LEU A 103 -33.73 3.99 24.71
CA LEU A 103 -33.58 4.42 23.33
C LEU A 103 -32.24 5.11 23.10
N TRP A 104 -31.86 5.99 24.04
CA TRP A 104 -30.54 6.61 23.95
C TRP A 104 -29.45 5.55 23.87
N LEU A 105 -29.52 4.54 24.74
CA LEU A 105 -28.52 3.50 24.75
C LEU A 105 -28.53 2.69 23.46
N HIS A 106 -29.71 2.36 22.95
CA HIS A 106 -29.79 1.60 21.72
C HIS A 106 -29.18 2.37 20.56
N LYS A 107 -29.42 3.68 20.52
CA LYS A 107 -28.88 4.49 19.43
C LYS A 107 -27.37 4.66 19.55
N PHE A 108 -26.85 4.84 20.77
CA PHE A 108 -25.46 5.23 20.96
C PHE A 108 -24.60 4.11 21.55
N PHE A 109 -25.06 2.86 21.48
CA PHE A 109 -24.25 1.73 21.94
C PHE A 109 -22.86 1.69 21.31
N PRO A 110 -22.70 1.87 20.00
CA PRO A 110 -21.34 1.92 19.44
C PRO A 110 -20.49 3.01 20.06
N TYR A 111 -21.08 4.18 20.30
CA TYR A 111 -20.34 5.26 20.93
C TYR A 111 -19.90 4.88 22.33
N ILE A 112 -20.77 4.18 23.07
CA ILE A 112 -20.44 3.80 24.44
C ILE A 112 -19.33 2.75 24.45
N LEU A 113 -19.38 1.79 23.54
CA LEU A 113 -18.31 0.81 23.43
C LEU A 113 -16.99 1.49 23.06
N LEU A 114 -17.03 2.42 22.11
CA LEU A 114 -15.81 3.14 21.75
C LEU A 114 -15.28 3.95 22.92
N LEU A 115 -16.18 4.55 23.70
CA LEU A 115 -15.77 5.30 24.89
C LEU A 115 -15.08 4.39 25.88
N PHE A 116 -15.63 3.21 26.13
CA PHE A 116 -15.00 2.27 27.05
C PHE A 116 -13.64 1.84 26.51
N ALA A 117 -13.55 1.58 25.21
CA ALA A 117 -12.27 1.18 24.64
C ALA A 117 -11.22 2.28 24.80
N ILE A 118 -11.62 3.52 24.55
CA ILE A 118 -10.69 4.65 24.68
C ILE A 118 -10.26 4.81 26.13
N LEU A 119 -11.22 4.72 27.05
CA LEU A 119 -10.89 4.88 28.46
C LEU A 119 -9.98 3.77 28.96
N LEU A 120 -10.13 2.56 28.42
CA LEU A 120 -9.27 1.45 28.80
C LEU A 120 -7.89 1.56 28.15
N TYR A 121 -7.81 2.16 26.96
CA TYR A 121 -6.53 2.40 26.30
C TYR A 121 -5.78 3.57 26.90
N LEU A 122 -6.48 4.48 27.58
CA LEU A 122 -5.81 5.64 28.14
C LEU A 122 -4.73 5.30 29.16
N PRO A 123 -4.97 4.46 30.16
CA PRO A 123 -3.94 4.20 31.18
C PRO A 123 -2.71 3.54 30.59
N PRO A 124 -2.87 2.54 29.71
CA PRO A 124 -1.68 1.99 29.03
C PRO A 124 -0.90 3.05 28.27
N LEU A 125 -1.58 3.98 27.61
CA LEU A 125 -0.88 5.03 26.88
C LEU A 125 -0.15 5.96 27.83
N PHE A 126 -0.79 6.31 28.95
CA PHE A 126 -0.13 7.13 29.96
C PHE A 126 1.12 6.44 30.48
N TRP A 127 1.02 5.14 30.75
CA TRP A 127 2.19 4.38 31.16
C TRP A 127 3.29 4.47 30.11
N ARG A 128 2.96 4.14 28.87
CA ARG A 128 3.96 4.05 27.81
C ARG A 128 4.59 5.40 27.51
N PHE A 129 3.89 6.50 27.80
CA PHE A 129 4.41 7.83 27.50
C PHE A 129 5.03 8.52 28.71
N ALA A 130 4.81 8.02 29.93
CA ALA A 130 5.35 8.65 31.12
C ALA A 130 6.38 7.78 31.83
N ALA A 131 6.02 6.54 32.19
CA ALA A 131 6.88 5.70 33.01
C ALA A 131 7.63 4.64 32.21
N ALA A 132 7.41 4.56 30.91
CA ALA A 132 8.07 3.55 30.09
C ALA A 132 9.49 3.96 29.74
N PRO A 133 9.74 5.21 29.32
CA PRO A 133 11.13 5.58 29.00
C PRO A 133 12.09 5.39 30.16
N HIS A 134 11.67 5.74 31.37
CA HIS A 134 12.55 5.64 32.54
C HIS A 134 12.91 4.19 32.82
N ILE A 135 11.90 3.31 32.87
CA ILE A 135 12.17 1.90 33.13
C ILE A 135 12.98 1.30 31.99
N CYS A 136 12.73 1.74 30.75
CA CYS A 136 13.51 1.24 29.62
C CYS A 136 14.98 1.57 29.79
N SER A 137 15.29 2.84 30.10
CA SER A 137 16.68 3.23 30.28
C SER A 137 17.31 2.48 31.45
N ASP A 138 16.61 2.40 32.57
CA ASP A 138 17.17 1.73 33.74
C ASP A 138 17.42 0.25 33.46
N LEU A 139 16.48 -0.41 32.79
CA LEU A 139 16.61 -1.83 32.52
C LEU A 139 17.69 -2.10 31.49
N LYS A 140 17.84 -1.22 30.50
CA LYS A 140 18.93 -1.36 29.54
C LYS A 140 20.27 -1.22 30.25
N PHE A 141 20.38 -0.25 31.15
CA PHE A 141 21.61 -0.13 31.94
C PHE A 141 21.86 -1.39 32.77
N ILE A 142 20.82 -1.94 33.38
CA ILE A 142 20.98 -3.12 34.21
C ILE A 142 21.45 -4.30 33.38
N MET A 143 20.84 -4.49 32.20
CA MET A 143 21.26 -5.59 31.34
C MET A 143 22.70 -5.41 30.87
N GLU A 144 23.07 -4.17 30.52
CA GLU A 144 24.45 -3.93 30.11
C GLU A 144 25.42 -4.22 31.25
N GLU A 145 25.06 -3.81 32.47
CA GLU A 145 25.92 -4.09 33.62
C GLU A 145 26.04 -5.59 33.86
N LEU A 146 24.94 -6.34 33.73
CA LEU A 146 25.01 -7.79 33.90
C LEU A 146 25.90 -8.42 32.84
N ASP A 147 25.78 -7.98 31.59
CA ASP A 147 26.65 -8.51 30.55
C ASP A 147 28.11 -8.20 30.84
N LYS A 148 28.39 -6.97 31.28
CA LYS A 148 29.77 -6.58 31.55
C LYS A 148 30.35 -7.38 32.71
N VAL A 149 29.58 -7.58 33.78
CA VAL A 149 30.10 -8.32 34.92
C VAL A 149 30.29 -9.79 34.55
N TYR A 150 29.39 -10.35 33.74
CA TYR A 150 29.59 -11.71 33.27
C TYR A 150 30.86 -11.83 32.45
N ASN A 151 31.09 -10.87 31.55
CA ASN A 151 32.31 -10.89 30.75
C ASN A 151 33.54 -10.77 31.64
N ARG A 152 33.51 -9.89 32.63
CA ARG A 152 34.66 -9.74 33.52
C ARG A 152 34.91 -11.01 34.31
N ALA A 153 33.84 -11.65 34.79
CA ALA A 153 34.01 -12.89 35.56
C ALA A 153 34.60 -14.00 34.70
N ILE A 154 34.11 -14.14 33.48
CA ILE A 154 34.65 -15.20 32.61
C ILE A 154 36.10 -14.89 32.24
N LYS A 155 36.41 -13.62 32.01
CA LYS A 155 37.80 -13.25 31.72
C LYS A 155 38.71 -13.57 32.91
N ALA A 156 38.24 -13.28 34.12
CA ALA A 156 39.03 -13.60 35.31
C ALA A 156 39.22 -15.10 35.44
N ALA A 157 38.17 -15.87 35.19
CA ALA A 157 38.28 -17.32 35.28
C ALA A 157 39.28 -17.86 34.25
N LYS A 158 39.21 -17.34 33.02
CA LYS A 158 40.14 -17.78 31.98
C LYS A 158 41.58 -17.41 32.34
N SER A 159 41.78 -16.20 32.88
CA SER A 159 43.12 -15.80 33.30
C SER A 159 43.64 -16.71 34.40
N ALA A 160 42.79 -17.04 35.38
CA ALA A 160 43.21 -17.94 36.45
C ALA A 160 43.56 -19.32 35.90
N ARG A 161 42.74 -19.82 34.96
CA ARG A 161 43.02 -21.13 34.38
C ARG A 161 44.34 -21.13 33.61
N ASP A 162 44.61 -20.06 32.87
CA ASP A 162 45.83 -19.97 32.08
C ASP A 162 47.03 -19.70 32.99
N PHE A 191 38.40 -2.01 40.75
CA PHE A 191 37.02 -1.61 41.07
C PHE A 191 36.28 -2.73 41.79
N LYS A 192 35.73 -3.67 41.00
CA LYS A 192 34.99 -4.80 41.56
C LYS A 192 33.88 -4.33 42.49
N TYR A 193 33.21 -3.24 42.10
CA TYR A 193 32.15 -2.67 42.93
C TYR A 193 30.80 -3.13 42.44
N PRO A 194 29.85 -3.47 43.33
CA PRO A 194 28.51 -3.91 42.87
C PRO A 194 27.60 -2.75 42.53
N ILE A 195 27.88 -2.13 41.38
CA ILE A 195 27.11 -0.97 40.95
C ILE A 195 25.66 -1.35 40.71
N VAL A 196 25.42 -2.47 40.03
CA VAL A 196 24.05 -2.89 39.73
C VAL A 196 23.30 -3.20 41.02
N GLU A 197 23.95 -3.88 41.97
CA GLU A 197 23.29 -4.20 43.24
C GLU A 197 22.95 -2.93 44.00
N GLN A 198 23.86 -1.95 44.02
CA GLN A 198 23.56 -0.69 44.68
C GLN A 198 22.40 0.03 44.00
N TYR A 199 22.35 0.00 42.66
CA TYR A 199 21.26 0.65 41.96
C TYR A 199 19.92 -0.01 42.29
N LEU A 200 19.89 -1.34 42.32
CA LEU A 200 18.66 -2.04 42.68
C LEU A 200 18.26 -1.72 44.11
N LYS A 201 19.24 -1.67 45.02
CA LYS A 201 18.93 -1.33 46.41
C LYS A 201 18.33 0.07 46.50
N THR A 202 18.87 1.02 45.73
CA THR A 202 18.30 2.35 45.72
C THR A 202 16.88 2.33 45.17
N LYS A 203 16.64 1.54 44.12
CA LYS A 203 15.29 1.40 43.60
C LYS A 203 14.35 0.82 44.64
N LYS A 204 14.88 0.05 45.59
CA LYS A 204 14.06 -0.48 46.68
C LYS A 204 13.33 0.62 47.43
N ASN A 205 13.92 1.82 47.51
CA ASN A 205 13.33 2.92 48.26
C ASN A 205 12.24 3.64 47.46
N SER A 206 12.58 4.13 46.28
CA SER A 206 11.62 4.88 45.47
C SER A 206 10.45 4.00 45.04
N ASN A 207 9.28 4.62 44.92
CA ASN A 207 8.07 3.88 44.59
C ASN A 207 7.18 4.60 43.58
N ASN A 208 7.70 5.63 42.89
CA ASN A 208 6.85 6.37 41.96
C ASN A 208 6.38 5.49 40.81
N LEU A 209 7.28 4.64 40.28
CA LEU A 209 6.90 3.78 39.17
C LEU A 209 5.83 2.77 39.58
N ILE A 210 6.01 2.16 40.76
CA ILE A 210 5.03 1.17 41.21
C ILE A 210 3.70 1.84 41.52
N ILE A 211 3.75 3.07 42.06
CA ILE A 211 2.51 3.79 42.33
C ILE A 211 1.78 4.10 41.04
N LYS A 212 2.51 4.54 40.01
CA LYS A 212 1.88 4.80 38.72
C LYS A 212 1.30 3.52 38.13
N TYR A 213 2.04 2.42 38.22
CA TYR A 213 1.56 1.14 37.70
C TYR A 213 0.27 0.72 38.39
N ILE A 214 0.25 0.77 39.72
CA ILE A 214 -0.93 0.38 40.47
C ILE A 214 -2.09 1.32 40.17
N SER A 215 -1.82 2.62 40.02
CA SER A 215 -2.89 3.55 39.72
C SER A 215 -3.51 3.27 38.35
N CYS A 216 -2.67 3.01 37.35
CA CYS A 216 -3.20 2.74 36.02
C CYS A 216 -3.97 1.42 36.00
N ARG A 217 -3.45 0.39 36.68
CA ARG A 217 -4.18 -0.87 36.77
C ARG A 217 -5.51 -0.69 37.49
N LEU A 218 -5.53 0.10 38.57
CA LEU A 218 -6.76 0.31 39.31
C LEU A 218 -7.78 1.08 38.48
N LEU A 219 -7.33 2.08 37.72
CA LEU A 219 -8.23 2.79 36.84
C LEU A 219 -8.78 1.88 35.75
N THR A 220 -7.93 1.01 35.20
CA THR A 220 -8.41 0.02 34.23
C THR A 220 -9.46 -0.88 34.85
N LEU A 221 -9.23 -1.34 36.09
CA LEU A 221 -10.19 -2.19 36.76
C LEU A 221 -11.52 -1.47 37.00
N ILE A 222 -11.45 -0.20 37.40
CA ILE A 222 -12.67 0.57 37.64
C ILE A 222 -13.43 0.77 36.35
N ILE A 223 -12.72 1.07 35.27
CA ILE A 223 -13.38 1.22 33.97
C ILE A 223 -14.04 -0.08 33.55
N ILE A 224 -13.35 -1.21 33.77
CA ILE A 224 -13.92 -2.50 33.42
C ILE A 224 -15.17 -2.77 34.23
N LEU A 225 -15.14 -2.46 35.53
CA LEU A 225 -16.32 -2.68 36.37
C LEU A 225 -17.48 -1.82 35.91
N LEU A 226 -17.22 -0.55 35.60
CA LEU A 226 -18.29 0.32 35.12
C LEU A 226 -18.85 -0.18 33.80
N ALA A 227 -17.97 -0.66 32.91
CA ALA A 227 -18.44 -1.24 31.65
C ALA A 227 -19.29 -2.46 31.90
N CYS A 228 -18.91 -3.30 32.86
CA CYS A 228 -19.72 -4.47 33.19
C CYS A 228 -21.09 -4.05 33.71
N ILE A 229 -21.13 -3.03 34.57
CA ILE A 229 -22.41 -2.53 35.08
C ILE A 229 -23.29 -2.08 33.91
N TYR A 230 -22.71 -1.28 33.02
CA TYR A 230 -23.47 -0.77 31.89
C TYR A 230 -23.97 -1.89 31.00
N LEU A 231 -23.11 -2.86 30.71
CA LEU A 231 -23.50 -3.95 29.81
C LEU A 231 -24.56 -4.84 30.45
N GLY A 232 -24.46 -5.08 31.75
CA GLY A 232 -25.51 -5.82 32.43
C GLY A 232 -26.83 -5.10 32.39
N TYR A 233 -26.81 -3.78 32.62
CA TYR A 233 -28.05 -3.01 32.52
C TYR A 233 -28.61 -3.06 31.10
N TYR A 234 -27.75 -2.94 30.10
CA TYR A 234 -28.20 -2.95 28.71
C TYR A 234 -28.79 -4.30 28.33
N PHE A 235 -28.17 -5.39 28.78
CA PHE A 235 -28.66 -6.72 28.48
C PHE A 235 -29.89 -7.10 29.32
N SER A 236 -30.13 -6.42 30.42
CA SER A 236 -31.28 -6.70 31.26
C SER A 236 -32.56 -6.06 30.74
N LEU A 237 -32.49 -5.25 29.69
CA LEU A 237 -33.67 -4.64 29.13
C LEU A 237 -34.68 -5.71 28.72
N SER A 238 -35.94 -5.29 28.57
CA SER A 238 -37.02 -6.20 28.26
C SER A 238 -36.94 -6.76 26.84
N SER A 239 -36.06 -6.23 26.00
CA SER A 239 -35.92 -6.56 24.59
C SER A 239 -37.03 -5.96 23.73
N LEU A 240 -38.04 -5.35 24.35
CA LEU A 240 -39.09 -4.64 23.64
C LEU A 240 -38.94 -3.14 23.76
N SER A 241 -37.95 -2.66 24.49
CA SER A 241 -37.70 -1.23 24.59
C SER A 241 -37.24 -0.65 23.26
N ASP A 242 -36.71 -1.48 22.37
CA ASP A 242 -36.34 -1.03 21.05
C ASP A 242 -37.55 -0.55 20.25
N GLU A 243 -38.76 -1.04 20.59
CA GLU A 243 -39.98 -0.58 19.96
C GLU A 243 -40.52 0.61 20.75
N PHE A 244 -40.59 1.77 20.11
CA PHE A 244 -41.09 2.97 20.74
C PHE A 244 -42.07 3.67 19.81
N VAL A 245 -43.01 4.39 20.41
CA VAL A 245 -44.01 5.14 19.66
C VAL A 245 -43.45 6.52 19.33
N CYS A 246 -43.63 6.93 18.07
CA CYS A 246 -43.04 8.16 17.55
C CYS A 246 -44.13 9.04 16.98
N SER A 247 -44.03 10.34 17.23
CA SER A 247 -45.05 11.31 16.83
C SER A 247 -44.40 12.46 16.09
N ILE A 248 -44.63 12.53 14.78
CA ILE A 248 -44.19 13.68 13.98
C ILE A 248 -45.37 14.67 13.98
N LYS A 249 -45.52 15.37 15.09
CA LYS A 249 -46.66 16.23 15.32
C LYS A 249 -46.22 17.54 15.96
N SER A 250 -45.02 18.00 15.61
CA SER A 250 -44.50 19.28 16.09
C SER A 250 -44.31 20.21 14.90
N GLY A 251 -44.72 21.46 15.08
CA GLY A 251 -44.63 22.44 14.03
C GLY A 251 -45.92 22.58 13.25
N ILE A 252 -45.81 22.70 11.92
CA ILE A 252 -47.00 22.83 11.09
C ILE A 252 -47.78 21.53 11.02
N LEU A 253 -47.13 20.40 11.30
CA LEU A 253 -47.78 19.09 11.25
C LEU A 253 -48.50 18.73 12.53
N ARG A 254 -48.46 19.61 13.55
CA ARG A 254 -49.06 19.26 14.83
C ARG A 254 -50.56 19.08 14.71
N ASN A 255 -51.22 19.96 13.95
CA ASN A 255 -52.66 19.89 13.76
C ASN A 255 -53.05 19.31 12.41
N ASP A 256 -52.09 18.79 11.65
CA ASP A 256 -52.41 18.13 10.39
C ASP A 256 -53.21 16.87 10.63
N SER A 257 -54.13 16.57 9.72
CA SER A 257 -55.07 15.47 9.90
C SER A 257 -54.65 14.22 9.13
N THR A 258 -54.15 14.37 7.90
CA THR A 258 -53.81 13.19 7.10
C THR A 258 -52.73 12.36 7.76
N VAL A 259 -51.89 12.97 8.58
CA VAL A 259 -50.80 12.23 9.23
C VAL A 259 -51.34 11.54 10.49
N PRO A 260 -51.06 10.26 10.71
CA PRO A 260 -51.50 9.61 11.95
C PRO A 260 -50.82 10.21 13.17
N ASP A 261 -51.53 10.12 14.30
CA ASP A 261 -51.03 10.74 15.53
C ASP A 261 -49.71 10.13 15.97
N GLN A 262 -49.44 8.88 15.57
CA GLN A 262 -48.23 8.22 16.01
C GLN A 262 -47.90 7.06 15.07
N PHE A 263 -46.68 6.55 15.21
CA PHE A 263 -46.14 5.49 14.38
C PHE A 263 -45.49 4.45 15.27
N GLN A 264 -45.34 3.25 14.73
CA GLN A 264 -44.67 2.15 15.43
C GLN A 264 -43.27 2.02 14.88
N CYS A 265 -42.28 2.47 15.65
CA CYS A 265 -40.89 2.40 15.26
C CYS A 265 -40.16 1.36 16.08
N LYS A 266 -39.23 0.65 15.43
CA LYS A 266 -38.40 -0.35 16.09
C LYS A 266 -36.95 -0.10 15.74
N LEU A 267 -36.09 -0.18 16.75
CA LEU A 267 -34.66 0.00 16.55
C LEU A 267 -34.05 -1.36 16.23
N ILE A 268 -33.70 -1.57 14.96
CA ILE A 268 -33.10 -2.83 14.56
C ILE A 268 -31.70 -2.93 15.16
N ALA A 269 -31.20 -4.17 15.23
CA ALA A 269 -29.89 -4.50 15.74
C ALA A 269 -29.79 -4.39 17.25
N VAL A 270 -30.89 -4.11 17.96
CA VAL A 270 -30.83 -4.03 19.41
C VAL A 270 -30.58 -5.40 20.02
N GLY A 271 -31.17 -6.44 19.43
CA GLY A 271 -30.86 -7.79 19.90
C GLY A 271 -29.40 -8.15 19.71
N ILE A 272 -28.83 -7.76 18.57
CA ILE A 272 -27.41 -7.98 18.34
C ILE A 272 -26.58 -7.20 19.35
N PHE A 273 -26.99 -5.96 19.63
CA PHE A 273 -26.29 -5.17 20.64
C PHE A 273 -26.32 -5.87 21.99
N GLN A 274 -27.46 -6.40 22.38
CA GLN A 274 -27.57 -7.08 23.67
C GLN A 274 -26.72 -8.34 23.71
N LEU A 275 -26.73 -9.12 22.62
CA LEU A 275 -25.90 -10.31 22.55
C LEU A 275 -24.43 -9.96 22.70
N LEU A 276 -23.95 -8.99 21.92
CA LEU A 276 -22.56 -8.60 22.00
C LEU A 276 -22.22 -7.97 23.33
N SER A 277 -23.19 -7.28 23.96
CA SER A 277 -22.96 -6.68 25.26
C SER A 277 -22.79 -7.75 26.33
N VAL A 278 -23.60 -8.81 26.28
CA VAL A 278 -23.41 -9.89 27.25
C VAL A 278 -22.10 -10.61 26.99
N ILE A 279 -21.70 -10.75 25.72
CA ILE A 279 -20.40 -11.34 25.42
C ILE A 279 -19.28 -10.51 26.05
N ASN A 280 -19.35 -9.19 25.85
CA ASN A 280 -18.34 -8.31 26.43
C ASN A 280 -18.37 -8.36 27.94
N LEU A 281 -19.57 -8.46 28.53
CA LEU A 281 -19.69 -8.58 29.98
C LEU A 281 -18.99 -9.84 30.48
N VAL A 282 -19.21 -10.97 29.80
CA VAL A 282 -18.56 -12.21 30.19
C VAL A 282 -17.04 -12.05 30.10
N VAL A 283 -16.57 -11.48 28.99
CA VAL A 283 -15.13 -11.33 28.81
C VAL A 283 -14.54 -10.45 29.90
N TYR A 284 -15.23 -9.34 30.22
CA TYR A 284 -14.69 -8.41 31.21
C TYR A 284 -14.74 -8.98 32.62
N VAL A 285 -15.78 -9.74 32.95
CA VAL A 285 -15.82 -10.34 34.28
C VAL A 285 -14.74 -11.41 34.40
N LEU A 286 -14.45 -12.14 33.31
CA LEU A 286 -13.34 -13.07 33.34
C LEU A 286 -12.01 -12.34 33.44
N LEU A 287 -11.91 -11.15 32.84
CA LEU A 287 -10.66 -10.40 32.82
C LEU A 287 -10.37 -9.70 34.14
N ALA A 288 -11.41 -9.24 34.84
CA ALA A 288 -11.18 -8.48 36.06
C ALA A 288 -10.35 -9.22 37.09
N PRO A 289 -10.57 -10.52 37.34
CA PRO A 289 -9.66 -11.23 38.26
C PRO A 289 -8.21 -11.14 37.83
N VAL A 290 -7.95 -11.14 36.52
CA VAL A 290 -6.57 -10.99 36.04
C VAL A 290 -6.01 -9.64 36.46
N VAL A 291 -6.81 -8.58 36.33
CA VAL A 291 -6.34 -7.25 36.72
C VAL A 291 -6.12 -7.18 38.23
N VAL A 292 -6.99 -7.81 39.01
CA VAL A 292 -6.82 -7.82 40.46
C VAL A 292 -5.53 -8.55 40.82
N TYR A 293 -5.28 -9.68 40.18
CA TYR A 293 -4.03 -10.42 40.41
C TYR A 293 -2.83 -9.57 40.01
N THR A 294 -2.96 -8.81 38.92
CA THR A 294 -1.89 -7.92 38.50
C THR A 294 -1.60 -6.85 39.56
N LEU A 295 -2.66 -6.32 40.18
CA LEU A 295 -2.47 -5.28 41.20
C LEU A 295 -1.55 -5.74 42.32
N PHE A 296 -1.60 -7.03 42.68
CA PHE A 296 -0.78 -7.57 43.75
C PHE A 296 0.58 -7.96 43.17
N VAL A 297 1.37 -6.94 42.83
CA VAL A 297 2.68 -7.18 42.22
C VAL A 297 3.63 -7.94 43.16
N PRO A 298 3.67 -7.64 44.47
CA PRO A 298 4.66 -8.37 45.31
C PRO A 298 4.49 -9.86 45.27
N PHE A 299 3.24 -10.36 45.25
CA PHE A 299 3.02 -11.79 45.13
C PHE A 299 3.55 -12.31 43.80
N ARG A 300 3.34 -11.55 42.72
CA ARG A 300 3.88 -11.93 41.43
C ARG A 300 5.40 -11.95 41.43
N GLN A 301 6.04 -11.17 42.30
CA GLN A 301 7.49 -11.12 42.35
C GLN A 301 8.03 -12.42 42.96
N LYS A 302 8.36 -13.38 42.11
CA LYS A 302 8.87 -14.67 42.56
C LYS A 302 9.80 -15.22 41.48
N THR A 303 10.40 -16.37 41.76
CA THR A 303 11.35 -16.99 40.85
C THR A 303 12.51 -16.02 40.55
N ASP A 304 13.24 -15.72 41.63
CA ASP A 304 14.25 -14.67 41.59
C ASP A 304 15.14 -14.81 40.36
N VAL A 305 15.08 -13.79 39.50
CA VAL A 305 15.88 -13.80 38.28
C VAL A 305 17.36 -13.63 38.61
N LEU A 306 17.67 -12.79 39.60
CA LEU A 306 19.04 -12.49 39.96
C LEU A 306 19.70 -13.59 40.77
N LYS A 307 18.93 -14.58 41.26
CA LYS A 307 19.52 -15.66 42.03
C LYS A 307 20.53 -16.45 41.22
N VAL A 308 20.35 -16.50 39.90
CA VAL A 308 21.25 -17.27 39.05
C VAL A 308 22.63 -16.60 38.99
N TYR A 309 22.67 -15.27 39.08
CA TYR A 309 23.94 -14.55 38.99
C TYR A 309 24.77 -14.62 40.26
N GLU A 310 24.24 -15.19 41.35
CA GLU A 310 24.95 -15.20 42.62
C GLU A 310 26.17 -16.12 42.61
N ILE A 311 26.33 -16.96 41.58
CA ILE A 311 27.44 -17.92 41.55
C ILE A 311 28.65 -17.29 40.88
N LEU A 312 28.49 -16.06 40.37
CA LEU A 312 29.61 -15.37 39.74
C LEU A 312 30.54 -14.80 40.80
N PRO A 313 31.85 -15.08 40.75
CA PRO A 313 32.75 -14.45 41.72
C PRO A 313 32.71 -12.93 41.69
N THR A 314 32.53 -12.33 40.51
CA THR A 314 32.51 -10.88 40.38
C THR A 314 31.19 -10.26 40.83
N PHE A 315 30.18 -11.05 41.14
CA PHE A 315 28.88 -10.56 41.57
C PHE A 315 28.66 -10.93 43.02
N ASP A 316 28.29 -9.95 43.84
CA ASP A 316 28.05 -10.19 45.25
C ASP A 316 26.86 -11.12 45.45
N VAL A 317 26.95 -11.95 46.48
CA VAL A 317 25.90 -12.94 46.77
C VAL A 317 24.87 -12.26 47.65
N LEU A 318 23.97 -11.51 46.99
CA LEU A 318 22.90 -10.82 47.71
C LEU A 318 21.80 -10.49 46.71
N HIS A 319 20.62 -11.09 46.89
CA HIS A 319 19.49 -10.77 46.03
C HIS A 319 18.75 -9.52 46.53
N PHE A 320 18.19 -9.61 47.74
CA PHE A 320 17.55 -8.48 48.40
C PHE A 320 16.49 -7.84 47.49
N LYS A 321 15.55 -8.67 47.03
CA LYS A 321 14.45 -8.18 46.20
C LYS A 321 13.23 -9.06 46.49
N SER A 322 12.40 -8.62 47.42
CA SER A 322 11.15 -9.32 47.74
C SER A 322 10.42 -8.55 48.83
N GLU A 323 9.12 -8.81 48.93
CA GLU A 323 8.29 -8.34 50.04
C GLU A 323 8.37 -6.81 50.18
N GLY A 324 7.89 -6.14 49.14
CA GLY A 324 7.88 -4.68 49.15
C GLY A 324 6.96 -4.05 48.13
N TYR A 325 6.15 -3.08 48.58
CA TYR A 325 5.34 -2.25 47.68
C TYR A 325 6.20 -1.12 47.12
N ASN A 326 7.26 -1.50 46.41
CA ASN A 326 8.24 -0.57 45.90
C ASN A 326 8.54 -0.89 44.44
N ASP A 327 9.23 0.04 43.78
CA ASP A 327 9.57 -0.17 42.38
C ASP A 327 10.49 -1.35 42.17
N LEU A 328 11.13 -1.85 43.23
CA LEU A 328 12.04 -2.98 43.07
C LEU A 328 11.28 -4.23 42.60
N SER A 329 10.09 -4.48 43.15
CA SER A 329 9.31 -5.63 42.72
C SER A 329 8.91 -5.50 41.25
N LEU A 330 8.52 -4.30 40.84
CA LEU A 330 8.14 -4.09 39.44
C LEU A 330 9.34 -4.30 38.52
N TYR A 331 10.51 -3.81 38.92
CA TYR A 331 11.72 -4.05 38.14
C TYR A 331 12.05 -5.54 38.07
N ASN A 332 11.83 -6.27 39.18
CA ASN A 332 12.03 -7.71 39.15
C ASN A 332 11.09 -8.37 38.16
N LEU A 333 9.84 -7.92 38.12
CA LEU A 333 8.89 -8.47 37.15
C LEU A 333 9.35 -8.20 35.72
N PHE A 334 9.75 -6.96 35.45
CA PHE A 334 10.20 -6.62 34.11
C PHE A 334 11.44 -7.41 33.71
N LEU A 335 12.35 -7.64 34.66
CA LEU A 335 13.52 -8.47 34.40
C LEU A 335 13.10 -9.90 34.07
N GLU A 336 12.28 -10.51 34.93
CA GLU A 336 11.82 -11.86 34.66
C GLU A 336 11.09 -11.94 33.32
N GLU A 337 10.53 -10.84 32.87
CA GLU A 337 9.83 -10.81 31.59
C GLU A 337 10.81 -10.77 30.41
N ASN A 338 11.70 -9.77 30.40
CA ASN A 338 12.54 -9.49 29.24
C ASN A 338 14.02 -9.74 29.50
N ILE A 339 14.36 -10.74 30.31
CA ILE A 339 15.75 -11.12 30.52
C ILE A 339 16.17 -12.28 29.62
N SER A 340 15.23 -12.95 28.98
CA SER A 340 15.57 -14.08 28.12
C SER A 340 16.47 -13.65 26.97
N GLU A 341 16.44 -12.36 26.61
CA GLU A 341 17.27 -11.85 25.53
C GLU A 341 18.74 -11.71 25.90
N VAL A 342 19.09 -11.94 27.16
CA VAL A 342 20.46 -11.73 27.63
C VAL A 342 21.20 -13.06 27.57
N LYS A 343 22.27 -13.08 26.77
CA LYS A 343 23.05 -14.32 26.59
C LYS A 343 23.69 -14.74 27.90
N SER A 344 24.21 -13.79 28.68
CA SER A 344 24.82 -14.14 29.96
C SER A 344 23.80 -14.76 30.90
N TYR A 345 22.59 -14.18 30.95
CA TYR A 345 21.55 -14.76 31.79
C TYR A 345 21.18 -16.16 31.33
N LYS A 346 21.09 -16.37 30.02
CA LYS A 346 20.76 -17.70 29.51
C LYS A 346 21.84 -18.70 29.89
N CYS A 347 23.10 -18.30 29.74
CA CYS A 347 24.21 -19.19 30.11
C CYS A 347 24.16 -19.53 31.59
N LEU A 348 23.95 -18.53 32.44
CA LEU A 348 23.88 -18.79 33.87
C LEU A 348 22.69 -19.69 34.20
N LYS A 349 21.58 -19.52 33.47
CA LYS A 349 20.41 -20.36 33.72
C LYS A 349 20.70 -21.82 33.38
N VAL A 350 21.37 -22.07 32.25
CA VAL A 350 21.70 -23.45 31.92
C VAL A 350 22.71 -24.01 32.92
N LEU A 351 23.65 -23.17 33.39
CA LEU A 351 24.56 -23.64 34.43
C LEU A 351 23.79 -24.03 35.69
N GLU A 352 22.81 -23.20 36.08
CA GLU A 352 22.00 -23.52 37.25
C GLU A 352 21.25 -24.82 37.05
N ASN A 353 20.63 -25.00 35.87
CA ASN A 353 19.87 -26.21 35.61
C ASN A 353 20.76 -27.44 35.67
N ILE A 354 21.97 -27.34 35.13
CA ILE A 354 22.91 -28.46 35.20
C ILE A 354 23.31 -28.71 36.66
N LYS A 355 23.41 -27.65 37.46
CA LYS A 355 23.80 -27.81 38.86
C LYS A 355 22.77 -28.62 39.65
N SER A 356 21.57 -28.80 39.11
CA SER A 356 20.58 -29.63 39.80
C SER A 356 21.11 -31.04 40.02
N SER A 357 21.76 -31.62 39.02
CA SER A 357 22.39 -32.92 39.19
C SER A 357 23.65 -32.81 40.04
N GLY A 358 24.40 -31.72 39.88
CA GLY A 358 25.61 -31.52 40.66
C GLY A 358 26.79 -32.33 40.20
N GLN A 359 26.72 -32.90 38.99
CA GLN A 359 27.82 -33.74 38.51
C GLN A 359 29.10 -32.93 38.35
N GLY A 360 29.01 -31.72 37.82
CA GLY A 360 30.19 -30.92 37.55
C GLY A 360 30.40 -29.79 38.55
N ILE A 361 31.04 -28.72 38.09
CA ILE A 361 31.34 -27.56 38.93
C ILE A 361 30.92 -26.30 38.17
N ASP A 362 30.34 -25.35 38.90
CA ASP A 362 29.88 -24.12 38.26
C ASP A 362 31.00 -23.34 37.58
N PRO A 363 32.14 -23.06 38.23
CA PRO A 363 33.20 -22.34 37.52
C PRO A 363 33.75 -23.10 36.33
N MET A 364 33.89 -24.43 36.44
CA MET A 364 34.38 -25.21 35.31
C MET A 364 33.41 -25.14 34.14
N LEU A 365 32.11 -25.26 34.42
CA LEU A 365 31.13 -25.16 33.35
C LEU A 365 31.14 -23.77 32.72
N LEU A 366 31.26 -22.73 33.55
CA LEU A 366 31.30 -21.37 33.01
C LEU A 366 32.51 -21.17 32.11
N LEU A 367 33.67 -21.67 32.53
CA LEU A 367 34.87 -21.57 31.71
C LEU A 367 34.70 -22.33 30.41
N THR A 368 34.14 -23.54 30.47
CA THR A 368 33.96 -24.34 29.26
C THR A 368 32.95 -23.71 28.31
N ASN A 369 31.96 -23.00 28.84
CA ASN A 369 30.91 -22.45 27.99
C ASN A 369 31.49 -21.48 26.96
N LEU A 370 32.39 -20.60 27.38
CA LEU A 370 32.99 -19.60 26.50
C LEU A 370 31.90 -18.82 25.75
N GLY A 371 31.07 -18.15 26.53
CA GLY A 371 29.93 -17.42 25.98
C GLY A 371 30.02 -15.93 26.21
N MET A 372 31.21 -15.35 26.03
CA MET A 372 31.38 -13.92 26.26
C MET A 372 30.43 -13.10 25.39
N ILE A 373 30.34 -13.44 24.11
CA ILE A 373 29.45 -12.74 23.20
C ILE A 373 29.33 -13.51 21.89
N ALA B 2 -15.59 2.63 9.28
CA ALA B 2 -16.35 2.19 10.45
C ALA B 2 -15.87 2.89 11.70
N ILE B 3 -16.67 2.79 12.78
CA ILE B 3 -16.32 3.45 14.04
C ILE B 3 -14.97 2.95 14.54
N ALA B 4 -14.78 1.63 14.50
CA ALA B 4 -13.52 1.05 15.00
C ALA B 4 -12.34 1.50 14.15
N GLN B 5 -12.54 1.61 12.83
CA GLN B 5 -11.48 2.11 11.96
C GLN B 5 -11.10 3.54 12.34
N LEU B 6 -12.09 4.39 12.58
CA LEU B 6 -11.81 5.76 12.99
C LEU B 6 -11.05 5.79 14.31
N ALA B 7 -11.46 4.95 15.25
CA ALA B 7 -10.76 4.89 16.53
C ALA B 7 -9.31 4.48 16.33
N THR B 8 -9.08 3.45 15.51
CA THR B 8 -7.70 3.01 15.29
C THR B 8 -6.88 4.11 14.66
N GLU B 9 -7.46 4.83 13.69
CA GLU B 9 -6.71 5.91 13.04
C GLU B 9 -6.36 7.03 14.01
N TYR B 10 -7.31 7.42 14.88
CA TYR B 10 -7.19 8.69 15.57
C TYR B 10 -6.76 8.60 17.03
N VAL B 11 -6.93 7.45 17.71
CA VAL B 11 -6.52 7.30 19.09
C VAL B 11 -5.49 6.19 19.27
N PHE B 12 -5.69 5.04 18.62
CA PHE B 12 -4.80 3.90 18.78
C PHE B 12 -3.61 3.91 17.83
N SER B 13 -3.58 4.84 16.88
CA SER B 13 -2.47 4.97 15.95
C SER B 13 -1.62 6.19 16.32
N ASP B 14 -0.48 6.32 15.64
CA ASP B 14 0.44 7.44 15.85
C ASP B 14 -0.03 8.67 15.05
N PHE B 15 -1.23 9.14 15.39
CA PHE B 15 -1.80 10.31 14.74
C PHE B 15 -1.18 11.55 15.34
N LEU B 16 -0.41 12.28 14.55
CA LEU B 16 0.33 13.46 14.99
C LEU B 16 1.39 13.12 16.03
N LEU B 17 1.62 11.83 16.27
CA LEU B 17 2.70 11.38 17.14
C LEU B 17 3.94 10.98 16.36
N LYS B 18 3.93 11.17 15.04
CA LYS B 18 5.06 10.78 14.21
C LYS B 18 6.26 11.68 14.50
N GLU B 19 7.42 11.06 14.71
CA GLU B 19 8.63 11.84 14.89
C GLU B 19 9.03 12.50 13.57
N PRO B 20 9.77 13.61 13.63
CA PRO B 20 10.19 14.27 12.38
C PRO B 20 10.89 13.29 11.46
N THR B 21 10.36 13.17 10.23
CA THR B 21 10.89 12.24 9.24
C THR B 21 12.06 12.92 8.52
N GLU B 22 13.20 12.94 9.20
CA GLU B 22 14.41 13.52 8.64
C GLU B 22 15.62 13.15 9.50
N PRO B 23 16.82 13.07 8.93
CA PRO B 23 18.00 12.75 9.74
C PRO B 23 18.46 13.90 10.64
N LYS B 24 17.95 15.12 10.43
CA LYS B 24 18.39 16.24 11.24
C LYS B 24 18.05 16.04 12.71
N PHE B 25 16.85 15.55 13.00
CA PHE B 25 16.38 15.30 14.36
C PHE B 25 16.25 13.80 14.54
N LYS B 26 17.34 13.15 14.95
CA LYS B 26 17.37 11.70 15.18
C LYS B 26 17.18 11.46 16.67
N GLY B 27 15.96 11.09 17.06
CA GLY B 27 15.65 10.82 18.44
C GLY B 27 15.28 12.03 19.27
N LEU B 28 15.24 13.21 18.68
CA LEU B 28 14.88 14.43 19.40
C LEU B 28 13.38 14.66 19.29
N ARG B 29 12.69 14.70 20.42
CA ARG B 29 11.25 14.91 20.41
C ARG B 29 10.90 16.27 19.80
N LEU B 30 11.64 17.31 20.19
CA LEU B 30 11.40 18.69 19.77
C LEU B 30 10.05 19.23 20.25
N GLU B 31 9.31 18.46 21.03
CA GLU B 31 8.03 18.89 21.57
C GLU B 31 7.81 18.18 22.89
N LEU B 32 7.49 18.93 23.94
CA LEU B 32 7.28 18.33 25.25
C LEU B 32 6.13 17.33 25.19
N ALA B 33 6.19 16.34 26.08
CA ALA B 33 5.15 15.30 26.08
C ALA B 33 3.77 15.90 26.35
N VAL B 34 3.69 16.82 27.32
CA VAL B 34 2.40 17.42 27.65
C VAL B 34 1.87 18.22 26.47
N ASP B 35 2.74 19.00 25.82
CA ASP B 35 2.30 19.78 24.66
C ASP B 35 1.85 18.88 23.53
N LYS B 36 2.57 17.79 23.29
CA LYS B 36 2.18 16.86 22.24
C LYS B 36 0.83 16.22 22.55
N MET B 37 0.63 15.84 23.81
CA MET B 37 -0.67 15.29 24.21
C MET B 37 -1.79 16.31 24.00
N VAL B 38 -1.55 17.56 24.40
CA VAL B 38 -2.57 18.59 24.27
C VAL B 38 -2.92 18.81 22.81
N THR B 39 -1.90 18.93 21.96
CA THR B 39 -2.15 19.14 20.54
C THR B 39 -2.88 17.94 19.93
N CYS B 40 -2.43 16.73 20.26
CA CYS B 40 -3.05 15.54 19.70
C CYS B 40 -4.51 15.45 20.08
N ILE B 41 -4.83 15.70 21.36
CA ILE B 41 -6.23 15.69 21.77
C ILE B 41 -7.00 16.79 21.06
N ALA B 42 -6.55 18.03 21.19
CA ALA B 42 -7.30 19.16 20.67
C ALA B 42 -7.51 19.09 19.16
N VAL B 43 -6.67 18.35 18.44
CA VAL B 43 -6.82 18.22 17.00
C VAL B 43 -7.61 16.98 16.62
N GLY B 44 -7.21 15.80 17.13
CA GLY B 44 -7.84 14.57 16.73
C GLY B 44 -9.14 14.24 17.44
N LEU B 45 -9.55 15.04 18.42
CA LEU B 45 -10.86 14.83 19.02
C LEU B 45 -11.94 15.38 18.10
N PRO B 46 -11.89 16.66 17.70
CA PRO B 46 -12.93 17.15 16.79
C PRO B 46 -13.01 16.37 15.48
N LEU B 47 -11.86 15.94 14.95
CA LEU B 47 -11.88 15.12 13.75
C LEU B 47 -12.57 13.78 14.01
N LEU B 48 -12.27 13.16 15.16
CA LEU B 48 -12.91 11.91 15.50
C LEU B 48 -14.42 12.08 15.64
N LEU B 49 -14.85 13.19 16.25
CA LEU B 49 -16.27 13.45 16.41
C LEU B 49 -16.94 13.70 15.06
N ILE B 50 -16.27 14.44 14.17
CA ILE B 50 -16.79 14.63 12.82
C ILE B 50 -17.01 13.28 12.16
N SER B 51 -16.00 12.41 12.22
CA SER B 51 -16.13 11.11 11.58
C SER B 51 -17.24 10.28 12.21
N LEU B 52 -17.34 10.32 13.54
CA LEU B 52 -18.35 9.54 14.23
C LEU B 52 -19.76 10.01 13.88
N ALA B 53 -19.97 11.33 13.83
CA ALA B 53 -21.32 11.84 13.63
C ALA B 53 -21.92 11.40 12.31
N PHE B 54 -21.09 11.04 11.33
CA PHE B 54 -21.55 10.60 10.02
C PHE B 54 -21.15 9.17 9.73
N ALA B 55 -20.96 8.37 10.79
CA ALA B 55 -20.65 6.96 10.62
C ALA B 55 -21.82 6.23 9.99
N GLN B 56 -21.50 5.19 9.21
CA GLN B 56 -22.53 4.47 8.46
C GLN B 56 -23.56 3.85 9.39
N GLU B 57 -23.21 3.58 10.64
CA GLU B 57 -24.14 3.00 11.59
C GLU B 57 -24.99 4.03 12.31
N ILE B 58 -24.38 5.10 12.84
CA ILE B 58 -25.14 6.13 13.53
C ILE B 58 -26.02 6.96 12.61
N SER B 59 -25.70 6.99 11.31
CA SER B 59 -26.39 7.84 10.36
C SER B 59 -27.56 7.07 9.75
N ILE B 60 -28.76 7.59 9.95
CA ILE B 60 -29.93 6.98 9.34
C ILE B 60 -29.88 7.12 7.82
N GLY B 61 -29.34 8.23 7.32
CA GLY B 61 -29.35 8.51 5.91
C GLY B 61 -29.06 9.96 5.60
N THR B 62 -29.94 10.58 4.81
CA THR B 62 -29.76 11.98 4.46
C THR B 62 -29.89 12.86 5.69
N GLN B 63 -29.27 14.04 5.62
CA GLN B 63 -29.16 14.93 6.76
C GLN B 63 -30.37 15.84 6.95
N ILE B 64 -31.36 15.78 6.07
CA ILE B 64 -32.55 16.61 6.20
C ILE B 64 -33.70 15.93 5.46
N SER B 65 -34.88 15.95 6.06
CA SER B 65 -36.08 15.42 5.45
C SER B 65 -37.21 16.40 5.70
N CYS B 66 -37.95 16.76 4.65
CA CYS B 66 -38.93 17.83 4.72
C CYS B 66 -40.38 17.37 4.71
N PHE B 67 -40.64 16.08 4.52
CA PHE B 67 -41.99 15.53 4.58
C PHE B 67 -42.90 16.23 3.56
N SER B 68 -42.59 15.99 2.29
CA SER B 68 -43.43 16.48 1.22
C SER B 68 -44.77 15.75 1.22
N PRO B 69 -45.81 16.36 0.65
CA PRO B 69 -47.11 15.68 0.59
C PRO B 69 -47.02 14.35 -0.14
N SER B 70 -48.02 13.51 0.09
CA SER B 70 -48.07 12.21 -0.59
C SER B 70 -48.19 12.37 -2.10
N SER B 71 -48.91 13.40 -2.54
CA SER B 71 -49.04 13.64 -3.98
C SER B 71 -47.69 13.89 -4.62
N PHE B 72 -46.74 14.44 -3.86
CA PHE B 72 -45.43 14.74 -4.41
C PHE B 72 -44.71 13.45 -4.78
N SER B 73 -44.00 13.49 -5.90
CA SER B 73 -43.20 12.36 -6.35
C SER B 73 -41.87 12.35 -5.57
N TRP B 74 -41.11 11.27 -5.75
CA TRP B 74 -39.84 11.14 -5.04
C TRP B 74 -38.91 12.30 -5.36
N ARG B 75 -38.75 12.65 -6.63
CA ARG B 75 -37.81 13.70 -6.97
C ARG B 75 -38.35 15.09 -6.65
N GLN B 76 -39.67 15.27 -6.60
CA GLN B 76 -40.21 16.51 -6.06
C GLN B 76 -39.85 16.66 -4.59
N ALA B 77 -40.00 15.58 -3.82
CA ALA B 77 -39.62 15.63 -2.40
C ALA B 77 -38.12 15.85 -2.25
N ALA B 78 -37.31 15.22 -3.12
CA ALA B 78 -35.88 15.43 -3.09
C ALA B 78 -35.53 16.88 -3.40
N PHE B 79 -36.21 17.48 -4.36
CA PHE B 79 -36.03 18.90 -4.63
C PHE B 79 -36.36 19.72 -3.39
N VAL B 80 -37.45 19.38 -2.71
CA VAL B 80 -37.81 20.13 -1.51
C VAL B 80 -36.70 20.03 -0.48
N ASP B 81 -36.21 18.82 -0.23
CA ASP B 81 -35.21 18.62 0.80
C ASP B 81 -33.92 19.36 0.46
N SER B 82 -33.45 19.23 -0.78
CA SER B 82 -32.22 19.89 -1.19
C SER B 82 -32.39 21.40 -1.19
N TYR B 83 -33.54 21.90 -1.62
CA TYR B 83 -33.81 23.32 -1.61
C TYR B 83 -33.73 23.87 -0.19
N CYS B 84 -34.36 23.18 0.76
CA CYS B 84 -34.32 23.65 2.14
C CYS B 84 -32.91 23.57 2.71
N TRP B 85 -32.18 22.51 2.36
CA TRP B 85 -30.78 22.39 2.78
C TRP B 85 -29.96 23.57 2.30
N ALA B 86 -30.16 23.98 1.04
CA ALA B 86 -29.45 25.15 0.52
C ALA B 86 -30.04 26.47 0.98
N ALA B 87 -31.27 26.45 1.49
CA ALA B 87 -31.97 27.66 1.90
C ALA B 87 -31.84 27.94 3.38
N VAL B 88 -31.21 27.06 4.15
CA VAL B 88 -30.89 27.41 5.53
C VAL B 88 -30.16 28.74 5.56
N GLN B 89 -29.34 29.01 4.55
CA GLN B 89 -28.69 30.31 4.44
C GLN B 89 -29.70 31.40 4.10
N GLN B 90 -30.55 31.14 3.11
CA GLN B 90 -31.54 32.12 2.67
C GLN B 90 -32.59 32.34 3.75
N LYS B 91 -32.50 33.47 4.44
CA LYS B 91 -33.38 33.73 5.58
C LYS B 91 -34.84 33.83 5.16
N ASN B 92 -35.11 34.43 4.00
CA ASN B 92 -36.49 34.63 3.57
C ASN B 92 -37.20 33.30 3.37
N SER B 93 -36.50 32.30 2.83
CA SER B 93 -37.15 31.04 2.49
C SER B 93 -37.71 30.35 3.73
N LEU B 94 -36.95 30.33 4.82
CA LEU B 94 -37.32 29.59 6.02
C LEU B 94 -37.70 30.52 7.15
N GLN B 95 -38.59 30.04 8.01
CA GLN B 95 -39.03 30.76 9.20
C GLN B 95 -38.99 29.79 10.38
N SER B 96 -37.98 29.95 11.23
CA SER B 96 -37.77 29.09 12.39
C SER B 96 -37.81 29.91 13.66
N GLU B 97 -38.39 29.33 14.73
CA GLU B 97 -38.50 30.06 15.98
C GLU B 97 -37.13 30.40 16.56
N SER B 98 -36.19 29.46 16.51
CA SER B 98 -34.86 29.69 17.06
C SER B 98 -34.03 30.65 16.23
N GLY B 99 -34.45 30.93 14.99
CA GLY B 99 -33.71 31.81 14.11
C GLY B 99 -33.05 31.02 12.99
N ASN B 100 -32.06 31.66 12.37
CA ASN B 100 -31.31 31.04 11.28
C ASN B 100 -29.89 30.68 11.66
N LEU B 101 -29.32 31.33 12.68
CA LEU B 101 -28.00 30.93 13.15
C LEU B 101 -27.98 29.48 13.62
N PRO B 102 -28.97 28.98 14.37
CA PRO B 102 -28.95 27.56 14.72
C PRO B 102 -28.93 26.66 13.50
N LEU B 103 -29.64 27.03 12.43
CA LEU B 103 -29.63 26.21 11.22
C LEU B 103 -28.27 26.25 10.55
N TRP B 104 -27.66 27.44 10.47
CA TRP B 104 -26.30 27.55 9.95
C TRP B 104 -25.36 26.63 10.72
N LEU B 105 -25.44 26.68 12.05
CA LEU B 105 -24.56 25.87 12.88
C LEU B 105 -24.82 24.38 12.68
N HIS B 106 -26.09 23.99 12.60
CA HIS B 106 -26.41 22.58 12.41
C HIS B 106 -25.87 22.08 11.07
N LYS B 107 -25.96 22.91 10.03
CA LYS B 107 -25.48 22.50 8.73
C LYS B 107 -23.96 22.44 8.67
N PHE B 108 -23.28 23.39 9.31
CA PHE B 108 -21.84 23.55 9.14
C PHE B 108 -21.04 23.14 10.38
N PHE B 109 -21.63 22.39 11.30
CA PHE B 109 -20.91 21.90 12.46
C PHE B 109 -19.62 21.16 12.10
N PRO B 110 -19.61 20.25 11.13
CA PRO B 110 -18.34 19.62 10.76
C PRO B 110 -17.30 20.62 10.31
N TYR B 111 -17.72 21.64 9.56
CA TYR B 111 -16.79 22.68 9.13
C TYR B 111 -16.22 23.43 10.31
N ILE B 112 -17.06 23.70 11.32
CA ILE B 112 -16.60 24.45 12.48
C ILE B 112 -15.62 23.61 13.31
N LEU B 113 -15.91 22.32 13.47
CA LEU B 113 -14.96 21.45 14.17
C LEU B 113 -13.64 21.37 13.42
N LEU B 114 -13.69 21.24 12.09
CA LEU B 114 -12.46 21.20 11.30
C LEU B 114 -11.70 22.52 11.43
N LEU B 115 -12.42 23.65 11.45
CA LEU B 115 -11.77 24.94 11.63
C LEU B 115 -11.07 25.01 12.97
N PHE B 116 -11.73 24.56 14.04
CA PHE B 116 -11.08 24.56 15.35
C PHE B 116 -9.86 23.65 15.36
N ALA B 117 -9.96 22.48 14.73
CA ALA B 117 -8.82 21.58 14.68
C ALA B 117 -7.65 22.22 13.94
N ILE B 118 -7.92 22.86 12.81
CA ILE B 118 -6.86 23.51 12.04
C ILE B 118 -6.25 24.65 12.84
N LEU B 119 -7.08 25.46 13.48
CA LEU B 119 -6.56 26.57 14.27
C LEU B 119 -5.72 26.10 15.44
N LEU B 120 -6.09 24.95 16.03
CA LEU B 120 -5.30 24.41 17.13
C LEU B 120 -4.01 23.75 16.64
N TYR B 121 -4.02 23.21 15.42
CA TYR B 121 -2.83 22.64 14.83
C TYR B 121 -1.87 23.70 14.30
N LEU B 122 -2.37 24.90 14.03
CA LEU B 122 -1.51 25.95 13.49
C LEU B 122 -0.36 26.34 14.41
N PRO B 123 -0.55 26.59 15.71
CA PRO B 123 0.56 27.04 16.55
C PRO B 123 1.62 25.97 16.70
N PRO B 124 1.23 24.70 16.90
CA PRO B 124 2.26 23.65 16.91
C PRO B 124 3.06 23.60 15.61
N LEU B 125 2.40 23.78 14.47
CA LEU B 125 3.12 23.77 13.20
C LEU B 125 4.06 24.95 13.09
N PHE B 126 3.62 26.14 13.53
CA PHE B 126 4.48 27.31 13.54
C PHE B 126 5.71 27.05 14.40
N TRP B 127 5.51 26.47 15.59
CA TRP B 127 6.63 26.11 16.44
C TRP B 127 7.58 25.17 15.71
N ARG B 128 7.05 24.07 15.17
CA ARG B 128 7.90 23.04 14.57
C ARG B 128 8.64 23.55 13.34
N PHE B 129 8.11 24.58 12.68
CA PHE B 129 8.73 25.10 11.47
C PHE B 129 9.58 26.34 11.70
N ALA B 130 9.46 27.00 12.86
CA ALA B 130 10.20 28.21 13.14
C ALA B 130 11.22 28.03 14.27
N ALA B 131 10.76 27.59 15.44
CA ALA B 131 11.62 27.54 16.63
C ALA B 131 12.14 26.15 16.93
N ALA B 132 11.74 25.14 16.17
CA ALA B 132 12.18 23.78 16.43
C ALA B 132 13.59 23.53 15.91
N PRO B 133 13.92 23.94 14.68
CA PRO B 133 15.28 23.70 14.20
C PRO B 133 16.36 24.30 15.08
N HIS B 134 16.13 25.52 15.58
CA HIS B 134 17.14 26.18 16.40
C HIS B 134 17.38 25.44 17.71
N ILE B 135 16.29 25.09 18.40
CA ILE B 135 16.43 24.37 19.66
C ILE B 135 17.00 22.98 19.40
N CYS B 136 16.65 22.35 18.27
CA CYS B 136 17.22 21.06 17.94
C CYS B 136 18.73 21.15 17.82
N SER B 137 19.22 22.11 17.03
CA SER B 137 20.66 22.27 16.85
C SER B 137 21.35 22.57 18.17
N ASP B 138 20.79 23.50 18.95
CA ASP B 138 21.41 23.89 20.21
C ASP B 138 21.46 22.70 21.17
N LEU B 139 20.37 21.93 21.25
CA LEU B 139 20.31 20.81 22.18
C LEU B 139 21.21 19.68 21.74
N LYS B 140 21.32 19.45 20.43
CA LYS B 140 22.27 18.45 19.94
C LYS B 140 23.69 18.84 20.29
N PHE B 141 24.03 20.13 20.12
CA PHE B 141 25.36 20.59 20.52
C PHE B 141 25.57 20.38 22.02
N ILE B 142 24.54 20.69 22.83
CA ILE B 142 24.69 20.56 24.27
C ILE B 142 24.91 19.10 24.67
N MET B 143 24.14 18.19 24.06
CA MET B 143 24.32 16.77 24.36
C MET B 143 25.70 16.29 23.93
N GLU B 144 26.16 16.73 22.75
CA GLU B 144 27.50 16.34 22.31
C GLU B 144 28.57 16.87 23.26
N GLU B 145 28.40 18.10 23.74
CA GLU B 145 29.37 18.66 24.68
C GLU B 145 29.35 17.88 25.99
N LEU B 146 28.17 17.51 26.47
CA LEU B 146 28.09 16.72 27.70
C LEU B 146 28.78 15.37 27.53
N ASP B 147 28.54 14.70 26.39
CA ASP B 147 29.21 13.43 26.14
C ASP B 147 30.72 13.61 26.10
N LYS B 148 31.19 14.66 25.43
CA LYS B 148 32.62 14.87 25.31
C LYS B 148 33.25 15.16 26.67
N VAL B 149 32.60 15.98 27.50
CA VAL B 149 33.18 16.30 28.80
C VAL B 149 33.16 15.07 29.70
N TYR B 150 32.10 14.25 29.61
CA TYR B 150 32.09 13.01 30.37
C TYR B 150 33.22 12.09 29.94
N ASN B 151 33.45 11.96 28.63
CA ASN B 151 34.54 11.14 28.14
C ASN B 151 35.89 11.68 28.62
N ARG B 152 36.08 12.99 28.56
CA ARG B 152 37.34 13.58 29.02
C ARG B 152 37.54 13.34 30.52
N ALA B 153 36.48 13.49 31.32
CA ALA B 153 36.61 13.27 32.75
C ALA B 153 36.95 11.82 33.07
N ILE B 154 36.30 10.87 32.40
CA ILE B 154 36.61 9.47 32.67
C ILE B 154 38.01 9.12 32.20
N LYS B 155 38.45 9.70 31.08
CA LYS B 155 39.81 9.48 30.62
C LYS B 155 40.82 10.02 31.62
N ALA B 156 40.56 11.21 32.16
CA ALA B 156 41.44 11.78 33.17
C ALA B 156 41.48 10.91 34.41
N ALA B 157 40.32 10.42 34.85
CA ALA B 157 40.29 9.55 36.02
C ALA B 157 41.07 8.27 35.79
N LYS B 158 40.90 7.66 34.60
CA LYS B 158 41.65 6.45 34.28
C LYS B 158 43.15 6.71 34.24
N SER B 159 43.56 7.84 33.66
CA SER B 159 44.97 8.18 33.62
C SER B 159 45.53 8.37 35.03
N ALA B 160 44.78 9.05 35.89
CA ALA B 160 45.23 9.22 37.26
C ALA B 160 45.33 7.89 37.99
N ARG B 161 44.36 7.00 37.78
CA ARG B 161 44.41 5.69 38.42
C ARG B 161 45.61 4.88 37.94
N ASP B 162 45.90 4.93 36.64
CA ASP B 162 47.03 4.19 36.07
C ASP B 162 48.35 4.84 36.45
N PHE B 191 42.79 23.28 27.68
CA PHE B 191 41.54 24.01 27.56
C PHE B 191 40.77 23.98 28.87
N LYS B 192 40.02 22.89 29.10
CA LYS B 192 39.24 22.73 30.32
C LYS B 192 38.32 23.93 30.55
N TYR B 193 37.73 24.42 29.45
CA TYR B 193 36.85 25.58 29.54
C TYR B 193 35.40 25.15 29.57
N PRO B 194 34.55 25.77 30.39
CA PRO B 194 33.12 25.37 30.44
C PRO B 194 32.31 26.00 29.32
N ILE B 195 32.51 25.47 28.11
CA ILE B 195 31.83 26.00 26.93
C ILE B 195 30.31 25.82 27.06
N VAL B 196 29.87 24.64 27.50
CA VAL B 196 28.44 24.39 27.63
C VAL B 196 27.82 25.29 28.69
N GLU B 197 28.51 25.49 29.81
CA GLU B 197 27.98 26.37 30.85
C GLU B 197 27.89 27.80 30.36
N GLN B 198 28.90 28.26 29.62
CA GLN B 198 28.83 29.62 29.07
C GLN B 198 27.68 29.74 28.07
N TYR B 199 27.46 28.71 27.25
CA TYR B 199 26.36 28.77 26.29
C TYR B 199 25.02 28.83 27.00
N LEU B 200 24.84 28.02 28.05
CA LEU B 200 23.60 28.08 28.82
C LEU B 200 23.42 29.43 29.47
N LYS B 201 24.50 29.99 30.03
CA LYS B 201 24.42 31.31 30.64
C LYS B 201 23.99 32.36 29.62
N THR B 202 24.54 32.27 28.40
CA THR B 202 24.12 33.20 27.35
C THR B 202 22.65 33.00 27.01
N LYS B 203 22.19 31.75 26.95
CA LYS B 203 20.78 31.49 26.72
C LYS B 203 19.92 32.09 27.82
N LYS B 204 20.48 32.23 29.03
CA LYS B 204 19.74 32.87 30.12
C LYS B 204 19.24 34.26 29.74
N ASN B 205 19.96 34.98 28.87
CA ASN B 205 19.60 36.33 28.49
C ASN B 205 18.50 36.35 27.43
N SER B 206 18.75 35.70 26.29
CA SER B 206 17.79 35.73 25.20
C SER B 206 16.49 35.04 25.61
N ASN B 207 15.38 35.53 25.04
CA ASN B 207 14.06 35.03 25.40
C ASN B 207 13.14 34.86 24.19
N ASN B 208 13.68 34.88 22.96
CA ASN B 208 12.81 34.79 21.79
C ASN B 208 12.11 33.44 21.74
N LEU B 209 12.82 32.36 22.07
CA LEU B 209 12.20 31.03 22.02
C LEU B 209 11.10 30.91 23.05
N ILE B 210 11.35 31.37 24.28
CA ILE B 210 10.34 31.27 25.32
C ILE B 210 9.14 32.16 24.99
N ILE B 211 9.40 33.31 24.39
CA ILE B 211 8.29 34.19 24.00
C ILE B 211 7.44 33.52 22.93
N LYS B 212 8.08 32.89 21.94
CA LYS B 212 7.32 32.18 20.92
C LYS B 212 6.53 31.03 21.53
N TYR B 213 7.15 30.28 22.44
CA TYR B 213 6.46 29.17 23.09
C TYR B 213 5.24 29.64 23.85
N ILE B 214 5.40 30.69 24.66
CA ILE B 214 4.28 31.21 25.42
C ILE B 214 3.21 31.77 24.51
N SER B 215 3.60 32.43 23.41
CA SER B 215 2.61 32.97 22.49
C SER B 215 1.80 31.85 21.84
N CYS B 216 2.46 30.78 21.40
CA CYS B 216 1.73 29.69 20.76
C CYS B 216 0.83 28.98 21.77
N ARG B 217 1.31 28.78 22.99
CA ARG B 217 0.46 28.18 24.01
C ARG B 217 -0.74 29.05 24.33
N LEU B 218 -0.53 30.36 24.40
CA LEU B 218 -1.62 31.28 24.70
C LEU B 218 -2.65 31.29 23.58
N LEU B 219 -2.19 31.27 22.33
CA LEU B 219 -3.12 31.20 21.21
C LEU B 219 -3.89 29.89 21.23
N THR B 220 -3.22 28.78 21.56
CA THR B 220 -3.93 27.51 21.69
C THR B 220 -5.00 27.59 22.79
N LEU B 221 -4.66 28.22 23.91
CA LEU B 221 -5.61 28.36 25.01
C LEU B 221 -6.80 29.21 24.57
N ILE B 222 -6.55 30.31 23.86
CA ILE B 222 -7.63 31.18 23.42
C ILE B 222 -8.53 30.44 22.44
N ILE B 223 -7.93 29.68 21.52
CA ILE B 223 -8.73 28.90 20.57
C ILE B 223 -9.57 27.88 21.30
N ILE B 224 -8.99 27.23 22.32
CA ILE B 224 -9.74 26.24 23.10
C ILE B 224 -10.90 26.91 23.82
N LEU B 225 -10.67 28.08 24.40
CA LEU B 225 -11.75 28.78 25.10
C LEU B 225 -12.87 29.17 24.13
N LEU B 226 -12.50 29.68 22.95
CA LEU B 226 -13.52 30.04 21.97
C LEU B 226 -14.29 28.82 21.51
N ALA B 227 -13.60 27.69 21.32
CA ALA B 227 -14.28 26.45 20.97
C ALA B 227 -15.23 26.02 22.07
N CYS B 228 -14.82 26.16 23.33
CA CYS B 228 -15.71 25.82 24.43
C CYS B 228 -16.95 26.71 24.43
N ILE B 229 -16.76 28.01 24.19
CA ILE B 229 -17.91 28.92 24.12
C ILE B 229 -18.86 28.47 23.03
N TYR B 230 -18.32 28.19 21.84
CA TYR B 230 -19.17 27.78 20.72
C TYR B 230 -19.89 26.48 21.03
N LEU B 231 -19.19 25.51 21.60
CA LEU B 231 -19.80 24.21 21.87
C LEU B 231 -20.87 24.32 22.94
N GLY B 232 -20.63 25.14 23.96
CA GLY B 232 -21.66 25.37 24.96
C GLY B 232 -22.89 26.02 24.37
N TYR B 233 -22.71 27.02 23.50
CA TYR B 233 -23.84 27.63 22.84
C TYR B 233 -24.59 26.62 21.97
N TYR B 234 -23.85 25.78 21.24
CA TYR B 234 -24.47 24.80 20.36
C TYR B 234 -25.25 23.75 21.16
N PHE B 235 -24.70 23.31 22.29
CA PHE B 235 -25.37 22.33 23.13
C PHE B 235 -26.51 22.94 23.94
N SER B 236 -26.53 24.26 24.11
CA SER B 236 -27.60 24.91 24.86
C SER B 236 -28.86 25.12 24.04
N LEU B 237 -28.81 24.84 22.73
CA LEU B 237 -30.00 24.98 21.91
C LEU B 237 -31.16 24.17 22.46
N SER B 238 -32.37 24.54 22.03
CA SER B 238 -33.58 23.90 22.53
C SER B 238 -33.74 22.46 22.06
N SER B 239 -32.92 22.01 21.12
CA SER B 239 -33.00 20.69 20.49
C SER B 239 -34.14 20.62 19.47
N LEU B 240 -34.99 21.64 19.39
CA LEU B 240 -36.03 21.71 18.38
C LEU B 240 -35.70 22.72 17.29
N SER B 241 -34.57 23.42 17.40
CA SER B 241 -34.16 24.35 16.36
C SER B 241 -33.81 23.62 15.07
N ASP B 242 -33.49 22.33 15.15
CA ASP B 242 -33.24 21.54 13.96
C ASP B 242 -34.49 21.44 13.08
N GLU B 243 -35.67 21.60 13.66
CA GLU B 243 -36.92 21.60 12.90
C GLU B 243 -37.22 23.04 12.49
N PHE B 244 -37.24 23.29 11.18
CA PHE B 244 -37.52 24.61 10.64
C PHE B 244 -38.53 24.50 9.52
N VAL B 245 -39.29 25.57 9.33
CA VAL B 245 -40.29 25.63 8.28
C VAL B 245 -39.63 26.15 7.00
N CYS B 246 -39.91 25.49 5.89
CA CYS B 246 -39.27 25.76 4.62
C CYS B 246 -40.32 26.05 3.56
N SER B 247 -40.03 27.05 2.71
CA SER B 247 -40.98 27.51 1.70
C SER B 247 -40.30 27.56 0.34
N ILE B 248 -40.69 26.65 -0.54
CA ILE B 248 -40.24 26.68 -1.94
C ILE B 248 -41.28 27.50 -2.70
N LYS B 249 -41.20 28.82 -2.53
CA LYS B 249 -42.20 29.73 -3.07
C LYS B 249 -41.55 30.95 -3.67
N SER B 250 -40.36 30.77 -4.23
CA SER B 250 -39.65 31.84 -4.92
C SER B 250 -39.51 31.49 -6.38
N GLY B 251 -39.74 32.48 -7.24
CA GLY B 251 -39.68 32.28 -8.67
C GLY B 251 -41.03 31.99 -9.27
N ILE B 252 -41.08 31.04 -10.21
CA ILE B 252 -42.34 30.68 -10.85
C ILE B 252 -43.26 29.94 -9.89
N LEU B 253 -42.72 29.35 -8.84
CA LEU B 253 -43.50 28.60 -7.87
C LEU B 253 -44.10 29.48 -6.78
N ARG B 254 -43.82 30.78 -6.80
CA ARG B 254 -44.30 31.66 -5.73
C ARG B 254 -45.81 31.70 -5.68
N ASN B 255 -46.46 31.77 -6.84
CA ASN B 255 -47.92 31.84 -6.92
C ASN B 255 -48.53 30.51 -7.33
N ASP B 256 -47.74 29.44 -7.41
CA ASP B 256 -48.29 28.13 -7.71
C ASP B 256 -49.20 27.66 -6.57
N SER B 257 -50.25 26.93 -6.94
CA SER B 257 -51.27 26.53 -5.97
C SER B 257 -51.09 25.10 -5.48
N THR B 258 -50.75 24.17 -6.38
CA THR B 258 -50.65 22.77 -5.99
C THR B 258 -49.59 22.56 -4.91
N VAL B 259 -48.60 23.43 -4.85
CA VAL B 259 -47.52 23.28 -3.86
C VAL B 259 -47.96 23.90 -2.54
N PRO B 260 -47.80 23.22 -1.41
CA PRO B 260 -48.16 23.84 -0.12
C PRO B 260 -47.26 25.03 0.20
N ASP B 261 -47.82 25.95 0.97
CA ASP B 261 -47.11 27.19 1.28
C ASP B 261 -45.81 26.91 2.04
N GLN B 262 -45.74 25.79 2.75
CA GLN B 262 -44.56 25.50 3.56
C GLN B 262 -44.50 24.00 3.85
N PHE B 263 -43.33 23.59 4.33
CA PHE B 263 -43.02 22.20 4.63
C PHE B 263 -42.38 22.11 6.00
N GLN B 264 -42.44 20.92 6.60
CA GLN B 264 -41.82 20.66 7.89
C GLN B 264 -40.51 19.92 7.65
N CYS B 265 -39.40 20.61 7.81
CA CYS B 265 -38.08 20.05 7.61
C CYS B 265 -37.38 19.89 8.94
N LYS B 266 -36.62 18.81 9.07
CA LYS B 266 -35.84 18.53 10.27
C LYS B 266 -34.42 18.18 9.86
N LEU B 267 -33.45 18.75 10.57
CA LEU B 267 -32.04 18.47 10.33
C LEU B 267 -31.64 17.27 11.17
N ILE B 268 -31.48 16.12 10.53
CA ILE B 268 -31.08 14.92 11.25
C ILE B 268 -29.64 15.08 11.72
N ALA B 269 -29.27 14.28 12.71
CA ALA B 269 -27.95 14.22 13.31
C ALA B 269 -27.65 15.44 14.18
N VAL B 270 -28.61 16.34 14.40
CA VAL B 270 -28.36 17.48 15.26
C VAL B 270 -28.18 17.04 16.71
N GLY B 271 -28.95 16.05 17.15
CA GLY B 271 -28.75 15.51 18.48
C GLY B 271 -27.37 14.90 18.65
N ILE B 272 -26.91 14.17 17.62
CA ILE B 272 -25.57 13.61 17.66
C ILE B 272 -24.54 14.74 17.70
N PHE B 273 -24.77 15.80 16.92
CA PHE B 273 -23.86 16.94 16.96
C PHE B 273 -23.78 17.53 18.35
N GLN B 274 -24.93 17.69 19.01
CA GLN B 274 -24.95 18.27 20.35
C GLN B 274 -24.25 17.36 21.35
N LEU B 275 -24.47 16.05 21.26
CA LEU B 275 -23.80 15.11 22.14
C LEU B 275 -22.29 15.20 21.98
N LEU B 276 -21.82 15.13 20.74
CA LEU B 276 -20.38 15.20 20.49
C LEU B 276 -19.82 16.56 20.85
N SER B 277 -20.62 17.61 20.71
CA SER B 277 -20.15 18.95 21.08
C SER B 277 -19.97 19.07 22.58
N VAL B 278 -20.90 18.50 23.36
CA VAL B 278 -20.70 18.53 24.82
C VAL B 278 -19.53 17.65 25.21
N ILE B 279 -19.31 16.54 24.52
CA ILE B 279 -18.14 15.72 24.80
C ILE B 279 -16.86 16.52 24.56
N ASN B 280 -16.80 17.21 23.42
CA ASN B 280 -15.63 18.03 23.11
C ASN B 280 -15.48 19.17 24.11
N LEU B 281 -16.60 19.75 24.55
CA LEU B 281 -16.55 20.79 25.56
C LEU B 281 -15.94 20.28 26.86
N VAL B 282 -16.37 19.09 27.29
CA VAL B 282 -15.81 18.50 28.50
C VAL B 282 -14.31 18.27 28.35
N VAL B 283 -13.92 17.70 27.20
CA VAL B 283 -12.51 17.41 26.98
C VAL B 283 -11.69 18.71 26.99
N TYR B 284 -12.20 19.76 26.33
CA TYR B 284 -11.45 21.00 26.24
C TYR B 284 -11.38 21.72 27.58
N VAL B 285 -12.45 21.68 28.37
CA VAL B 285 -12.38 22.32 29.68
C VAL B 285 -11.43 21.56 30.59
N LEU B 286 -11.36 20.23 30.46
CA LEU B 286 -10.36 19.48 31.21
C LEU B 286 -8.96 19.78 30.71
N LEU B 287 -8.80 20.06 29.42
CA LEU B 287 -7.49 20.29 28.84
C LEU B 287 -6.96 21.68 29.13
N ALA B 288 -7.83 22.68 29.23
CA ALA B 288 -7.38 24.05 29.40
C ALA B 288 -6.51 24.23 30.65
N PRO B 289 -6.84 23.65 31.80
CA PRO B 289 -5.91 23.75 32.93
C PRO B 289 -4.52 23.23 32.60
N VAL B 290 -4.42 22.20 31.77
CA VAL B 290 -3.12 21.69 31.36
C VAL B 290 -2.36 22.76 30.58
N VAL B 291 -3.04 23.46 29.67
CA VAL B 291 -2.39 24.51 28.90
C VAL B 291 -1.97 25.65 29.81
N VAL B 292 -2.80 26.01 30.79
CA VAL B 292 -2.45 27.08 31.71
C VAL B 292 -1.21 26.69 32.52
N TYR B 293 -1.17 25.44 32.99
CA TYR B 293 0.01 24.95 33.70
C TYR B 293 1.23 24.96 32.80
N THR B 294 1.06 24.64 31.52
CA THR B 294 2.15 24.69 30.57
C THR B 294 2.69 26.11 30.43
N LEU B 295 1.78 27.11 30.41
CA LEU B 295 2.22 28.48 30.25
C LEU B 295 3.21 28.89 31.32
N PHE B 296 3.06 28.38 32.54
CA PHE B 296 3.96 28.72 33.65
C PHE B 296 5.18 27.80 33.59
N VAL B 297 6.02 28.04 32.59
CA VAL B 297 7.22 27.21 32.41
C VAL B 297 8.18 27.31 33.59
N PRO B 298 8.42 28.47 34.20
CA PRO B 298 9.42 28.49 35.28
C PRO B 298 9.08 27.54 36.42
N PHE B 299 7.80 27.44 36.78
CA PHE B 299 7.40 26.49 37.80
C PHE B 299 7.70 25.06 37.36
N ARG B 300 7.44 24.76 36.09
CA ARG B 300 7.77 23.44 35.56
C ARG B 300 9.26 23.17 35.59
N GLN B 301 10.08 24.21 35.54
CA GLN B 301 11.54 24.02 35.55
C GLN B 301 11.99 23.60 36.94
N LYS B 302 12.09 22.28 37.15
CA LYS B 302 12.52 21.73 38.43
C LYS B 302 13.23 20.42 38.18
N THR B 303 13.73 19.80 39.25
CA THR B 303 14.49 18.56 39.15
C THR B 303 15.70 18.75 38.22
N ASP B 304 16.58 19.63 38.67
CA ASP B 304 17.70 20.09 37.85
C ASP B 304 18.40 18.92 37.17
N VAL B 305 18.35 18.90 35.84
CA VAL B 305 18.98 17.83 35.07
C VAL B 305 20.50 17.94 35.17
N LEU B 306 21.02 19.17 35.14
CA LEU B 306 22.46 19.40 35.15
C LEU B 306 23.08 19.21 36.53
N LYS B 307 22.28 19.10 37.59
CA LYS B 307 22.83 18.92 38.92
C LYS B 307 23.63 17.63 39.01
N VAL B 308 23.28 16.62 38.22
CA VAL B 308 23.99 15.34 38.27
C VAL B 308 25.40 15.49 37.74
N TYR B 309 25.62 16.37 36.77
CA TYR B 309 26.93 16.55 36.16
C TYR B 309 27.90 17.33 37.02
N GLU B 310 27.45 17.88 38.15
CA GLU B 310 28.31 18.72 38.97
C GLU B 310 29.41 17.94 39.69
N ILE B 311 29.34 16.61 39.68
CA ILE B 311 30.32 15.79 40.40
C ILE B 311 31.50 15.46 39.50
N LEU B 312 31.42 15.87 38.23
CA LEU B 312 32.52 15.64 37.30
C LEU B 312 33.64 16.65 37.53
N PRO B 313 34.88 16.22 37.73
CA PRO B 313 35.98 17.20 37.87
C PRO B 313 36.09 18.13 36.67
N THR B 314 35.82 17.63 35.47
CA THR B 314 35.96 18.44 34.26
C THR B 314 34.80 19.40 34.05
N PHE B 315 33.75 19.31 34.86
CA PHE B 315 32.57 20.16 34.74
C PHE B 315 32.49 21.08 35.95
N ASP B 316 32.34 22.38 35.71
CA ASP B 316 32.26 23.34 36.79
C ASP B 316 31.01 23.11 37.63
N VAL B 317 31.14 23.37 38.93
CA VAL B 317 30.03 23.14 39.87
C VAL B 317 29.20 24.41 39.89
N LEU B 318 28.32 24.53 38.90
CA LEU B 318 27.43 25.69 38.82
C LEU B 318 26.26 25.32 37.91
N HIS B 319 25.05 25.28 38.48
CA HIS B 319 23.86 25.02 37.68
C HIS B 319 23.33 26.31 37.04
N PHE B 320 22.93 27.26 37.87
CA PHE B 320 22.50 28.58 37.42
C PHE B 320 21.42 28.48 36.34
N LYS B 321 20.34 27.77 36.68
CA LYS B 321 19.21 27.63 35.77
C LYS B 321 17.94 27.50 36.62
N SER B 322 17.29 28.63 36.87
CA SER B 322 16.02 28.64 37.60
C SER B 322 15.52 30.07 37.70
N GLU B 323 14.22 30.21 37.96
CA GLU B 323 13.60 31.49 38.29
C GLU B 323 13.87 32.54 37.21
N GLY B 324 13.34 32.25 36.02
CA GLY B 324 13.50 33.17 34.91
C GLY B 324 12.52 32.95 33.76
N TYR B 325 11.91 34.03 33.29
CA TYR B 325 11.09 34.00 32.08
C TYR B 325 11.99 34.14 30.85
N ASN B 326 12.89 33.18 30.71
CA ASN B 326 13.90 33.21 29.66
C ASN B 326 13.97 31.85 29.00
N ASP B 327 14.68 31.81 27.86
CA ASP B 327 14.81 30.56 27.12
C ASP B 327 15.55 29.49 27.91
N LEU B 328 16.27 29.88 28.97
CA LEU B 328 17.00 28.90 29.76
C LEU B 328 16.07 27.89 30.41
N SER B 329 14.94 28.35 30.94
CA SER B 329 13.99 27.43 31.55
C SER B 329 13.42 26.47 30.52
N LEU B 330 13.11 26.97 29.33
CA LEU B 330 12.59 26.10 28.27
C LEU B 330 13.63 25.07 27.85
N TYR B 331 14.89 25.48 27.74
CA TYR B 331 15.94 24.53 27.44
C TYR B 331 16.10 23.50 28.55
N ASN B 332 15.95 23.92 29.80
CA ASN B 332 15.98 22.97 30.90
C ASN B 332 14.85 21.95 30.78
N LEU B 333 13.66 22.42 30.41
CA LEU B 333 12.54 21.50 30.20
C LEU B 333 12.84 20.50 29.10
N PHE B 334 13.35 21.00 27.96
CA PHE B 334 13.65 20.10 26.84
C PHE B 334 14.74 19.11 27.22
N LEU B 335 15.73 19.53 28.00
CA LEU B 335 16.75 18.61 28.48
C LEU B 335 16.14 17.54 29.37
N GLU B 336 15.37 17.95 30.38
CA GLU B 336 14.74 16.98 31.25
C GLU B 336 13.85 16.02 30.47
N GLU B 337 13.35 16.47 29.31
CA GLU B 337 12.50 15.62 28.48
C GLU B 337 13.33 14.60 27.70
N ASN B 338 14.31 15.06 26.94
CA ASN B 338 15.02 14.21 25.99
C ASN B 338 16.49 14.00 26.35
N ILE B 339 16.81 13.95 27.64
CA ILE B 339 18.18 13.62 28.09
C ILE B 339 18.34 12.15 28.41
N SER B 340 17.25 11.39 28.51
CA SER B 340 17.36 9.97 28.84
C SER B 340 18.14 9.21 27.77
N GLU B 341 18.22 9.75 26.56
CA GLU B 341 18.94 9.10 25.47
C GLU B 341 20.46 9.23 25.61
N VAL B 342 20.94 9.99 26.59
CA VAL B 342 22.37 10.25 26.74
C VAL B 342 22.95 9.24 27.73
N LYS B 343 23.89 8.44 27.25
CA LYS B 343 24.49 7.40 28.10
C LYS B 343 25.26 8.01 29.26
N SER B 344 25.97 9.11 29.02
CA SER B 344 26.70 9.77 30.10
C SER B 344 25.74 10.28 31.17
N TYR B 345 24.63 10.88 30.76
CA TYR B 345 23.64 11.34 31.72
C TYR B 345 23.06 10.17 32.52
N LYS B 346 22.77 9.05 31.84
CA LYS B 346 22.24 7.90 32.55
C LYS B 346 23.24 7.38 33.57
N CYS B 347 24.51 7.29 33.18
CA CYS B 347 25.55 6.83 34.09
C CYS B 347 25.66 7.76 35.29
N LEU B 348 25.67 9.07 35.06
CA LEU B 348 25.74 10.00 36.17
C LEU B 348 24.52 9.90 37.07
N LYS B 349 23.34 9.63 36.48
CA LYS B 349 22.14 9.49 37.27
C LYS B 349 22.21 8.27 38.18
N VAL B 350 22.69 7.14 37.67
CA VAL B 350 22.83 5.96 38.52
C VAL B 350 23.89 6.21 39.60
N LEU B 351 24.97 6.92 39.25
CA LEU B 351 25.94 7.28 40.27
C LEU B 351 25.30 8.12 41.37
N GLU B 352 24.48 9.10 40.98
CA GLU B 352 23.79 9.93 41.96
C GLU B 352 22.88 9.08 42.84
N ASN B 353 22.10 8.19 42.22
CA ASN B 353 21.18 7.36 42.98
C ASN B 353 21.92 6.49 43.98
N ILE B 354 23.05 5.93 43.56
CA ILE B 354 23.87 5.13 44.48
C ILE B 354 24.43 6.01 45.60
N LYS B 355 24.75 7.28 45.29
CA LYS B 355 25.28 8.17 46.31
C LYS B 355 24.29 8.44 47.43
N SER B 356 23.00 8.12 47.23
CA SER B 356 22.03 8.29 48.30
C SER B 356 22.43 7.49 49.52
N SER B 357 22.88 6.25 49.33
CA SER B 357 23.37 5.47 50.46
C SER B 357 24.73 5.97 50.92
N GLY B 358 25.57 6.41 49.98
CA GLY B 358 26.89 6.92 50.33
C GLY B 358 27.90 5.85 50.66
N GLN B 359 27.62 4.59 50.34
CA GLN B 359 28.54 3.51 50.68
C GLN B 359 29.88 3.68 49.98
N GLY B 360 29.86 4.05 48.70
CA GLY B 360 31.07 4.15 47.91
C GLY B 360 31.53 5.57 47.69
N ILE B 361 32.22 5.79 46.56
CA ILE B 361 32.75 7.10 46.20
C ILE B 361 32.38 7.38 44.75
N ASP B 362 32.02 8.64 44.47
CA ASP B 362 31.62 9.00 43.11
C ASP B 362 32.73 8.77 42.09
N PRO B 363 33.96 9.25 42.30
CA PRO B 363 35.00 8.98 41.29
C PRO B 363 35.30 7.50 41.13
N MET B 364 35.31 6.73 42.22
CA MET B 364 35.56 5.30 42.11
C MET B 364 34.46 4.62 41.30
N LEU B 365 33.21 4.98 41.56
CA LEU B 365 32.10 4.39 40.80
C LEU B 365 32.19 4.79 39.34
N LEU B 366 32.53 6.04 39.05
CA LEU B 366 32.66 6.48 37.67
C LEU B 366 33.77 5.70 36.96
N LEU B 367 34.91 5.52 37.62
CA LEU B 367 35.99 4.75 37.01
C LEU B 367 35.58 3.31 36.77
N THR B 368 34.88 2.70 37.74
CA THR B 368 34.48 1.32 37.59
C THR B 368 33.43 1.15 36.49
N ASN B 369 32.59 2.17 36.27
CA ASN B 369 31.52 2.05 35.30
C ASN B 369 32.06 1.76 33.90
N LEU B 370 33.11 2.49 33.50
CA LEU B 370 33.70 2.34 32.17
C LEU B 370 32.62 2.44 31.09
N GLY B 371 31.96 3.60 31.05
CA GLY B 371 30.86 3.83 30.14
C GLY B 371 31.14 4.92 29.13
N MET B 372 32.35 4.94 28.58
CA MET B 372 32.71 5.98 27.62
C MET B 372 31.77 5.99 26.43
N ILE B 373 31.47 4.82 25.88
CA ILE B 373 30.56 4.72 24.75
C ILE B 373 30.18 3.25 24.51
N ALA C 2 -13.91 11.36 3.78
CA ALA C 2 -14.56 12.10 4.86
C ALA C 2 -13.85 13.42 5.12
N ILE C 3 -14.50 14.30 5.87
CA ILE C 3 -13.93 15.61 6.15
C ILE C 3 -12.60 15.45 6.88
N ALA C 4 -12.56 14.56 7.87
CA ALA C 4 -11.33 14.37 8.63
C ALA C 4 -10.23 13.80 7.75
N GLN C 5 -10.57 12.90 6.83
CA GLN C 5 -9.57 12.38 5.91
C GLN C 5 -8.99 13.49 5.05
N LEU C 6 -9.84 14.38 4.53
CA LEU C 6 -9.36 15.49 3.73
C LEU C 6 -8.44 16.38 4.56
N ALA C 7 -8.82 16.65 5.81
CA ALA C 7 -7.97 17.47 6.67
C ALA C 7 -6.62 16.81 6.88
N THR C 8 -6.61 15.50 7.14
CA THR C 8 -5.33 14.82 7.35
C THR C 8 -4.47 14.89 6.10
N GLU C 9 -5.08 14.72 4.93
CA GLU C 9 -4.31 14.76 3.69
C GLU C 9 -3.72 16.14 3.45
N TYR C 10 -4.50 17.20 3.69
CA TYR C 10 -4.16 18.51 3.15
C TYR C 10 -3.55 19.49 4.16
N VAL C 11 -3.76 19.32 5.47
CA VAL C 11 -3.19 20.20 6.46
C VAL C 11 -2.29 19.47 7.45
N PHE C 12 -2.69 18.29 7.91
CA PHE C 12 -1.92 17.56 8.90
C PHE C 12 -0.87 16.63 8.29
N SER C 13 -0.86 16.48 6.97
CA SER C 13 0.13 15.67 6.29
C SER C 13 1.16 16.57 5.59
N ASP C 14 2.20 15.94 5.07
CA ASP C 14 3.26 16.64 4.34
C ASP C 14 2.83 16.88 2.88
N PHE C 15 1.75 17.63 2.73
CA PHE C 15 1.23 17.97 1.41
C PHE C 15 2.06 19.12 0.83
N LEU C 16 2.80 18.83 -0.24
CA LEU C 16 3.72 19.78 -0.86
C LEU C 16 4.86 20.18 0.07
N LEU C 17 4.98 19.52 1.23
CA LEU C 17 6.10 19.71 2.13
C LEU C 17 7.18 18.65 1.96
N LYS C 18 7.02 17.77 0.97
CA LYS C 18 7.99 16.70 0.75
C LYS C 18 9.30 17.28 0.25
N GLU C 19 10.40 16.86 0.87
CA GLU C 19 11.71 17.28 0.40
C GLU C 19 12.00 16.62 -0.96
N PRO C 20 12.87 17.23 -1.77
CA PRO C 20 13.21 16.62 -3.07
C PRO C 20 13.67 15.19 -2.91
N THR C 21 12.97 14.27 -3.58
CA THR C 21 13.26 12.84 -3.50
C THR C 21 14.40 12.52 -4.48
N GLU C 22 15.62 12.86 -4.05
CA GLU C 22 16.80 12.58 -4.84
C GLU C 22 18.05 12.81 -4.01
N PRO C 23 19.17 12.12 -4.30
CA PRO C 23 20.40 12.35 -3.53
C PRO C 23 21.09 13.66 -3.84
N LYS C 24 20.69 14.35 -4.92
CA LYS C 24 21.35 15.60 -5.28
C LYS C 24 21.19 16.65 -4.18
N PHE C 25 19.99 16.77 -3.63
CA PHE C 25 19.68 17.73 -2.57
C PHE C 25 19.39 16.94 -1.30
N LYS C 26 20.44 16.66 -0.53
CA LYS C 26 20.34 15.93 0.73
C LYS C 26 20.32 16.95 1.86
N GLY C 27 19.12 17.21 2.39
CA GLY C 27 18.96 18.15 3.49
C GLY C 27 18.85 19.61 3.07
N LEU C 28 18.86 19.90 1.77
CA LEU C 28 18.74 21.27 1.30
C LEU C 28 17.27 21.58 1.04
N ARG C 29 16.74 22.59 1.73
CA ARG C 29 15.34 22.97 1.54
C ARG C 29 15.07 23.40 0.11
N LEU C 30 15.96 24.22 -0.45
CA LEU C 30 15.82 24.80 -1.78
C LEU C 30 14.62 25.73 -1.90
N GLU C 31 13.91 25.98 -0.80
CA GLU C 31 12.77 26.88 -0.81
C GLU C 31 12.64 27.47 0.58
N LEU C 32 12.52 28.79 0.66
CA LEU C 32 12.43 29.45 1.96
C LEU C 32 11.17 28.98 2.68
N ALA C 33 11.22 29.03 4.01
CA ALA C 33 10.09 28.55 4.81
C ALA C 33 8.84 29.36 4.51
N VAL C 34 8.98 30.69 4.41
CA VAL C 34 7.82 31.53 4.15
C VAL C 34 7.24 31.24 2.77
N ASP C 35 8.09 31.08 1.77
CA ASP C 35 7.61 30.76 0.44
C ASP C 35 6.91 29.41 0.40
N LYS C 36 7.48 28.42 1.09
CA LYS C 36 6.85 27.11 1.14
C LYS C 36 5.49 27.17 1.82
N MET C 37 5.40 27.93 2.92
CA MET C 37 4.12 28.11 3.59
C MET C 37 3.11 28.78 2.66
N VAL C 38 3.54 29.82 1.95
CA VAL C 38 2.62 30.55 1.07
C VAL C 38 2.12 29.63 -0.03
N THR C 39 3.03 28.89 -0.66
CA THR C 39 2.62 27.97 -1.72
C THR C 39 1.70 26.89 -1.19
N CYS C 40 2.04 26.30 -0.04
CA CYS C 40 1.23 25.23 0.52
C CYS C 40 -0.18 25.72 0.82
N ILE C 41 -0.30 26.90 1.43
CA ILE C 41 -1.63 27.45 1.69
C ILE C 41 -2.36 27.72 0.39
N ALA C 42 -1.76 28.53 -0.49
CA ALA C 42 -2.43 28.97 -1.69
C ALA C 42 -2.84 27.81 -2.59
N VAL C 43 -2.19 26.66 -2.48
CA VAL C 43 -2.52 25.49 -3.29
C VAL C 43 -3.49 24.56 -2.58
N GLY C 44 -3.17 24.16 -1.35
CA GLY C 44 -3.98 23.18 -0.65
C GLY C 44 -5.21 23.74 0.03
N LEU C 45 -5.40 25.05 0.04
CA LEU C 45 -6.63 25.60 0.58
C LEU C 45 -7.75 25.42 -0.44
N PRO C 46 -7.61 25.91 -1.67
CA PRO C 46 -8.70 25.70 -2.64
C PRO C 46 -9.02 24.24 -2.87
N LEU C 47 -8.01 23.36 -2.87
CA LEU C 47 -8.28 21.94 -3.00
C LEU C 47 -9.07 21.42 -1.81
N LEU C 48 -8.71 21.86 -0.60
CA LEU C 48 -9.44 21.44 0.58
C LEU C 48 -10.88 21.91 0.52
N LEU C 49 -11.10 23.14 0.05
CA LEU C 49 -12.46 23.66 -0.05
C LEU C 49 -13.26 22.91 -1.11
N ILE C 50 -12.63 22.58 -2.23
CA ILE C 50 -13.30 21.76 -3.24
C ILE C 50 -13.75 20.45 -2.63
N SER C 51 -12.84 19.78 -1.91
CA SER C 51 -13.19 18.49 -1.31
C SER C 51 -14.29 18.65 -0.28
N LEU C 52 -14.23 19.71 0.54
CA LEU C 52 -15.23 19.93 1.58
C LEU C 52 -16.60 20.18 0.98
N ALA C 53 -16.68 21.00 -0.07
CA ALA C 53 -17.96 21.40 -0.61
C ALA C 53 -18.78 20.22 -1.11
N PHE C 54 -18.12 19.10 -1.45
CA PHE C 54 -18.80 17.92 -1.94
C PHE C 54 -18.59 16.73 -1.01
N ALA C 55 -18.37 17.00 0.26
CA ALA C 55 -18.23 15.94 1.25
C ALA C 55 -19.56 15.20 1.40
N GLN C 56 -19.45 13.90 1.71
CA GLN C 56 -20.64 13.06 1.79
C GLN C 56 -21.62 13.55 2.85
N GLU C 57 -21.13 14.27 3.85
CA GLU C 57 -22.00 14.80 4.91
C GLU C 57 -22.63 16.13 4.56
N ILE C 58 -21.85 17.10 4.08
CA ILE C 58 -22.39 18.41 3.72
C ILE C 58 -23.28 18.35 2.49
N SER C 59 -23.12 17.35 1.64
CA SER C 59 -23.83 17.27 0.37
C SER C 59 -25.13 16.52 0.57
N ILE C 60 -26.25 17.20 0.28
CA ILE C 60 -27.55 16.54 0.36
C ILE C 60 -27.67 15.47 -0.72
N GLY C 61 -27.08 15.70 -1.88
CA GLY C 61 -27.23 14.79 -3.00
C GLY C 61 -26.83 15.42 -4.31
N THR C 62 -27.72 15.36 -5.29
CA THR C 62 -27.43 15.94 -6.60
C THR C 62 -27.30 17.45 -6.50
N GLN C 63 -26.57 18.03 -7.45
CA GLN C 63 -26.21 19.43 -7.40
C GLN C 63 -27.28 20.35 -7.99
N ILE C 64 -28.38 19.80 -8.52
CA ILE C 64 -29.44 20.63 -9.07
C ILE C 64 -30.73 19.84 -9.03
N SER C 65 -31.82 20.51 -8.67
CA SER C 65 -33.15 19.91 -8.67
C SER C 65 -34.12 20.92 -9.27
N CYS C 66 -34.93 20.46 -10.22
CA CYS C 66 -35.77 21.35 -11.01
C CYS C 66 -37.25 21.30 -10.67
N PHE C 67 -37.68 20.39 -9.79
CA PHE C 67 -39.07 20.32 -9.35
C PHE C 67 -40.02 20.13 -10.55
N SER C 68 -39.90 18.97 -11.15
CA SER C 68 -40.81 18.61 -12.23
C SER C 68 -42.20 18.38 -11.66
N PRO C 69 -43.24 18.51 -12.51
CA PRO C 69 -44.61 18.24 -12.03
C PRO C 69 -44.75 16.84 -11.46
N SER C 70 -45.81 16.67 -10.68
CA SER C 70 -46.10 15.35 -10.10
C SER C 70 -46.37 14.33 -11.19
N SER C 71 -47.04 14.74 -12.27
CA SER C 71 -47.32 13.82 -13.37
C SER C 71 -46.04 13.26 -13.96
N PHE C 72 -44.95 14.02 -13.90
CA PHE C 72 -43.69 13.56 -14.47
C PHE C 72 -43.17 12.35 -13.70
N SER C 73 -42.61 11.41 -14.44
CA SER C 73 -42.00 10.23 -13.85
C SER C 73 -40.60 10.59 -13.34
N TRP C 74 -40.00 9.65 -12.62
CA TRP C 74 -38.67 9.89 -12.06
C TRP C 74 -37.66 10.22 -13.14
N ARG C 75 -37.63 9.44 -14.22
CA ARG C 75 -36.62 9.68 -15.24
C ARG C 75 -36.95 10.88 -16.12
N GLN C 76 -38.24 11.26 -16.23
CA GLN C 76 -38.56 12.53 -16.85
C GLN C 76 -37.99 13.69 -16.02
N ALA C 77 -38.17 13.62 -14.70
CA ALA C 77 -37.60 14.66 -13.84
C ALA C 77 -36.08 14.66 -13.91
N ALA C 78 -35.48 13.48 -13.97
CA ALA C 78 -34.03 13.38 -14.10
C ALA C 78 -33.56 14.00 -15.41
N PHE C 79 -34.30 13.75 -16.50
CA PHE C 79 -33.98 14.42 -17.75
C PHE C 79 -34.06 15.92 -17.60
N VAL C 80 -35.09 16.42 -16.92
CA VAL C 80 -35.22 17.86 -16.73
C VAL C 80 -33.99 18.40 -16.00
N ASP C 81 -33.61 17.74 -14.89
CA ASP C 81 -32.51 18.23 -14.09
C ASP C 81 -31.21 18.22 -14.87
N SER C 82 -30.92 17.11 -15.54
CA SER C 82 -29.68 17.00 -16.31
C SER C 82 -29.67 17.98 -17.48
N TYR C 83 -30.82 18.16 -18.13
CA TYR C 83 -30.91 19.10 -19.23
C TYR C 83 -30.60 20.51 -18.76
N CYS C 84 -31.17 20.91 -17.62
CA CYS C 84 -30.90 22.25 -17.11
C CYS C 84 -29.45 22.39 -16.67
N TRP C 85 -28.89 21.33 -16.08
CA TRP C 85 -27.49 21.34 -15.71
C TRP C 85 -26.60 21.58 -16.92
N ALA C 86 -26.90 20.92 -18.04
CA ALA C 86 -26.14 21.12 -19.26
C ALA C 86 -26.52 22.40 -19.99
N ALA C 87 -27.67 22.99 -19.67
CA ALA C 87 -28.17 24.17 -20.34
C ALA C 87 -27.82 25.45 -19.62
N VAL C 88 -27.20 25.38 -18.44
CA VAL C 88 -26.68 26.59 -17.83
C VAL C 88 -25.80 27.33 -18.84
N GLN C 89 -25.09 26.59 -19.69
CA GLN C 89 -24.32 27.21 -20.75
C GLN C 89 -25.22 27.80 -21.82
N GLN C 90 -26.23 27.03 -22.25
CA GLN C 90 -27.14 27.48 -23.29
C GLN C 90 -28.01 28.62 -22.78
N LYS C 91 -27.71 29.85 -23.21
CA LYS C 91 -28.41 31.01 -22.69
C LYS C 91 -29.88 31.01 -23.05
N ASN C 92 -30.23 30.54 -24.26
CA ASN C 92 -31.62 30.57 -24.69
C ASN C 92 -32.50 29.71 -23.79
N SER C 93 -31.99 28.56 -23.36
CA SER C 93 -32.81 27.62 -22.61
C SER C 93 -33.28 28.23 -21.29
N LEU C 94 -32.39 28.92 -20.58
CA LEU C 94 -32.70 29.42 -19.25
C LEU C 94 -32.82 30.94 -19.25
N GLN C 95 -33.65 31.44 -18.33
CA GLN C 95 -33.85 32.87 -18.14
C GLN C 95 -33.77 33.16 -16.65
N SER C 96 -32.65 33.74 -16.22
CA SER C 96 -32.39 34.04 -14.81
C SER C 96 -32.18 35.54 -14.64
N GLU C 97 -32.67 36.08 -13.53
CA GLU C 97 -32.55 37.50 -13.27
C GLU C 97 -31.08 37.92 -13.17
N SER C 98 -30.26 37.14 -12.47
CA SER C 98 -28.86 37.49 -12.28
C SER C 98 -28.04 37.30 -13.55
N GLY C 99 -28.58 36.62 -14.55
CA GLY C 99 -27.87 36.35 -15.80
C GLY C 99 -27.45 34.91 -15.89
N ASN C 100 -26.48 34.66 -16.77
CA ASN C 100 -25.94 33.32 -16.99
C ASN C 100 -24.53 33.14 -16.46
N LEU C 101 -23.77 34.22 -16.30
CA LEU C 101 -22.46 34.12 -15.69
C LEU C 101 -22.54 33.57 -14.27
N PRO C 102 -23.48 33.99 -13.42
CA PRO C 102 -23.59 33.35 -12.10
C PRO C 102 -23.81 31.86 -12.17
N LEU C 103 -24.61 31.40 -13.14
CA LEU C 103 -24.84 29.97 -13.28
C LEU C 103 -23.58 29.25 -13.73
N TRP C 104 -22.86 29.83 -14.69
CA TRP C 104 -21.57 29.27 -15.10
C TRP C 104 -20.65 29.13 -13.90
N LEU C 105 -20.55 30.18 -13.09
CA LEU C 105 -19.67 30.15 -11.93
C LEU C 105 -20.12 29.12 -10.91
N HIS C 106 -21.43 29.03 -10.67
CA HIS C 106 -21.92 28.05 -9.71
C HIS C 106 -21.62 26.63 -10.17
N LYS C 107 -21.74 26.38 -11.47
CA LYS C 107 -21.49 25.04 -11.97
C LYS C 107 -20.00 24.71 -11.95
N PHE C 108 -19.14 25.67 -12.28
CA PHE C 108 -17.72 25.40 -12.50
C PHE C 108 -16.82 25.95 -11.39
N PHE C 109 -17.39 26.28 -10.24
CA PHE C 109 -16.57 26.74 -9.11
C PHE C 109 -15.43 25.79 -8.76
N PRO C 110 -15.66 24.47 -8.67
CA PRO C 110 -14.51 23.57 -8.41
C PRO C 110 -13.43 23.68 -9.47
N TYR C 111 -13.83 23.83 -10.73
CA TYR C 111 -12.85 23.98 -11.81
C TYR C 111 -12.05 25.27 -11.63
N ILE C 112 -12.72 26.34 -11.21
CA ILE C 112 -12.04 27.62 -11.04
C ILE C 112 -11.06 27.55 -9.86
N LEU C 113 -11.47 26.91 -8.76
CA LEU C 113 -10.55 26.75 -7.65
C LEU C 113 -9.35 25.89 -8.05
N LEU C 114 -9.58 24.81 -8.79
CA LEU C 114 -8.48 23.99 -9.26
C LEU C 114 -7.56 24.78 -10.19
N LEU C 115 -8.14 25.62 -11.04
CA LEU C 115 -7.34 26.46 -11.92
C LEU C 115 -6.46 27.40 -11.12
N PHE C 116 -7.03 28.04 -10.10
CA PHE C 116 -6.22 28.93 -9.26
C PHE C 116 -5.12 28.16 -8.55
N ALA C 117 -5.43 26.97 -8.04
CA ALA C 117 -4.41 26.17 -7.37
C ALA C 117 -3.28 25.81 -8.33
N ILE C 118 -3.62 25.40 -9.55
CA ILE C 118 -2.60 25.04 -10.53
C ILE C 118 -1.77 26.26 -10.90
N LEU C 119 -2.41 27.40 -11.11
CA LEU C 119 -1.69 28.61 -11.49
C LEU C 119 -0.76 29.06 -10.36
N LEU C 120 -1.17 28.85 -9.11
CA LEU C 120 -0.32 29.21 -7.98
C LEU C 120 0.81 28.21 -7.78
N TYR C 121 0.59 26.94 -8.13
CA TYR C 121 1.63 25.93 -8.06
C TYR C 121 2.63 26.04 -9.21
N LEU C 122 2.24 26.67 -10.31
CA LEU C 122 3.13 26.77 -11.46
C LEU C 122 4.43 27.51 -11.16
N PRO C 123 4.42 28.69 -10.55
CA PRO C 123 5.68 29.43 -10.34
C PRO C 123 6.63 28.68 -9.42
N PRO C 124 6.12 28.11 -8.31
CA PRO C 124 7.02 27.28 -7.49
C PRO C 124 7.64 26.13 -8.26
N LEU C 125 6.86 25.49 -9.14
CA LEU C 125 7.41 24.39 -9.93
C LEU C 125 8.46 24.89 -10.91
N PHE C 126 8.21 26.03 -11.54
CA PHE C 126 9.19 26.63 -12.44
C PHE C 126 10.48 26.92 -11.68
N TRP C 127 10.37 27.49 -10.48
CA TRP C 127 11.54 27.72 -9.65
C TRP C 127 12.29 26.42 -9.39
N ARG C 128 11.56 25.41 -8.89
CA ARG C 128 12.22 24.17 -8.47
C ARG C 128 12.84 23.43 -9.64
N PHE C 129 12.35 23.66 -10.85
CA PHE C 129 12.86 22.95 -12.02
C PHE C 129 13.87 23.77 -12.83
N ALA C 130 13.97 25.08 -12.60
CA ALA C 130 14.88 25.92 -13.35
C ALA C 130 16.00 26.49 -12.48
N ALA C 131 15.66 27.20 -11.41
CA ALA C 131 16.65 27.91 -10.61
C ALA C 131 17.04 27.19 -9.34
N ALA C 132 16.44 26.05 -9.05
CA ALA C 132 16.75 25.32 -7.82
C ALA C 132 18.04 24.53 -7.95
N PRO C 133 18.26 23.80 -9.06
CA PRO C 133 19.52 23.04 -9.16
C PRO C 133 20.76 23.91 -9.05
N HIS C 134 20.73 25.09 -9.68
CA HIS C 134 21.91 25.96 -9.67
C HIS C 134 22.21 26.45 -8.26
N ILE C 135 21.20 26.95 -7.56
CA ILE C 135 21.42 27.42 -6.20
C ILE C 135 21.79 26.26 -5.29
N CYS C 136 21.23 25.08 -5.53
CA CYS C 136 21.60 23.92 -4.73
C CYS C 136 23.09 23.62 -4.88
N SER C 137 23.57 23.55 -6.11
CA SER C 137 24.99 23.25 -6.34
C SER C 137 25.87 24.34 -5.73
N ASP C 138 25.52 25.61 -5.95
CA ASP C 138 26.34 26.70 -5.44
C ASP C 138 26.38 26.68 -3.92
N LEU C 139 25.23 26.44 -3.29
CA LEU C 139 25.15 26.46 -1.83
C LEU C 139 25.86 25.26 -1.23
N LYS C 140 25.78 24.10 -1.88
CA LYS C 140 26.53 22.94 -1.42
C LYS C 140 28.03 23.22 -1.49
N PHE C 141 28.49 23.83 -2.59
CA PHE C 141 29.89 24.21 -2.68
C PHE C 141 30.27 25.18 -1.57
N ILE C 142 29.40 26.16 -1.29
CA ILE C 142 29.71 27.15 -0.28
C ILE C 142 29.80 26.51 1.10
N MET C 143 28.88 25.60 1.42
CA MET C 143 28.93 24.91 2.71
C MET C 143 30.18 24.05 2.81
N GLU C 144 30.54 23.35 1.73
CA GLU C 144 31.75 22.55 1.75
C GLU C 144 32.98 23.42 1.96
N GLU C 145 33.03 24.58 1.30
CA GLU C 145 34.15 25.49 1.48
C GLU C 145 34.22 26.00 2.91
N LEU C 146 33.07 26.33 3.51
CA LEU C 146 33.07 26.78 4.89
C LEU C 146 33.56 25.69 5.83
N ASP C 147 33.11 24.45 5.61
CA ASP C 147 33.59 23.35 6.44
C ASP C 147 35.09 23.17 6.29
N LYS C 148 35.59 23.24 5.06
CA LYS C 148 37.01 23.04 4.83
C LYS C 148 37.84 24.15 5.47
N VAL C 149 37.40 25.40 5.35
CA VAL C 149 38.17 26.50 5.94
C VAL C 149 38.12 26.42 7.47
N TYR C 150 36.98 26.01 8.04
CA TYR C 150 36.92 25.82 9.48
C TYR C 150 37.89 24.72 9.91
N ASN C 151 37.92 23.61 9.18
CA ASN C 151 38.86 22.54 9.51
C ASN C 151 40.30 23.01 9.42
N ARG C 152 40.62 23.76 8.37
CA ARG C 152 41.98 24.26 8.21
C ARG C 152 42.35 25.21 9.35
N ALA C 153 41.43 26.08 9.74
CA ALA C 153 41.71 27.03 10.82
C ALA C 153 41.92 26.30 12.14
N ILE C 154 41.09 25.31 12.45
CA ILE C 154 41.27 24.59 13.70
C ILE C 154 42.55 23.77 13.68
N LYS C 155 42.90 23.20 12.52
CA LYS C 155 44.16 22.48 12.41
C LYS C 155 45.35 23.42 12.63
N ALA C 156 45.29 24.62 12.05
CA ALA C 156 46.36 25.59 12.26
C ALA C 156 46.46 25.99 13.73
N ALA C 157 45.32 26.21 14.38
CA ALA C 157 45.33 26.56 15.80
C ALA C 157 45.92 25.45 16.64
N LYS C 158 45.55 24.19 16.35
CA LYS C 158 46.10 23.06 17.09
C LYS C 158 47.60 22.94 16.87
N SER C 159 48.06 23.14 15.63
CA SER C 159 49.49 23.08 15.36
C SER C 159 50.23 24.17 16.11
N ALA C 160 49.68 25.39 16.13
CA ALA C 160 50.32 26.47 16.87
C ALA C 160 50.37 26.16 18.35
N ARG C 161 49.28 25.61 18.90
CA ARG C 161 49.26 25.27 20.32
C ARG C 161 50.30 24.19 20.64
N ASP C 162 50.42 23.19 19.79
CA ASP C 162 51.37 22.11 20.01
C ASP C 162 52.80 22.57 19.76
N PHE C 191 48.29 28.38 -0.10
CA PHE C 191 47.12 28.96 -0.74
C PHE C 191 46.52 30.07 0.12
N LYS C 192 45.70 29.69 1.10
CA LYS C 192 45.06 30.65 1.99
C LYS C 192 44.32 31.72 1.21
N TYR C 193 43.65 31.31 0.12
CA TYR C 193 42.93 32.24 -0.73
C TYR C 193 41.45 32.24 -0.38
N PRO C 194 40.79 33.40 -0.34
CA PRO C 194 39.35 33.44 -0.01
C PRO C 194 38.47 33.11 -1.22
N ILE C 195 38.45 31.83 -1.57
CA ILE C 195 37.68 31.38 -2.73
C ILE C 195 36.20 31.62 -2.53
N VAL C 196 35.69 31.29 -1.34
CA VAL C 196 34.26 31.47 -1.06
C VAL C 196 33.89 32.95 -1.11
N GLU C 197 34.74 33.81 -0.53
CA GLU C 197 34.46 35.24 -0.55
C GLU C 197 34.45 35.78 -1.97
N GLN C 198 35.41 35.34 -2.80
CA GLN C 198 35.42 35.77 -4.19
C GLN C 198 34.17 35.29 -4.92
N TYR C 199 33.74 34.05 -4.66
CA TYR C 199 32.55 33.54 -5.32
C TYR C 199 31.32 34.35 -4.92
N LEU C 200 31.19 34.68 -3.63
CA LEU C 200 30.06 35.50 -3.19
C LEU C 200 30.12 36.88 -3.82
N LYS C 201 31.32 37.47 -3.90
CA LYS C 201 31.46 38.77 -4.53
C LYS C 201 31.03 38.72 -5.98
N THR C 202 31.40 37.65 -6.69
CA THR C 202 30.96 37.50 -8.07
C THR C 202 29.45 37.37 -8.15
N LYS C 203 28.85 36.62 -7.23
CA LYS C 203 27.39 36.52 -7.18
C LYS C 203 26.76 37.88 -6.95
N LYS C 204 27.48 38.79 -6.29
CA LYS C 204 26.96 40.15 -6.09
C LYS C 204 26.58 40.81 -7.40
N ASN C 205 27.26 40.47 -8.50
CA ASN C 205 27.00 41.10 -9.80
C ASN C 205 25.80 40.49 -10.49
N SER C 206 25.82 39.18 -10.71
CA SER C 206 24.73 38.52 -11.43
C SER C 206 23.43 38.62 -10.66
N ASN C 207 22.32 38.68 -11.40
CA ASN C 207 21.01 38.86 -10.79
C ASN C 207 19.93 38.00 -11.44
N ASN C 208 20.30 36.98 -12.23
CA ASN C 208 19.29 36.18 -12.90
C ASN C 208 18.44 35.41 -11.90
N LEU C 209 19.06 34.87 -10.86
CA LEU C 209 18.31 34.11 -9.87
C LEU C 209 17.33 35.01 -9.12
N ILE C 210 17.78 36.18 -8.70
CA ILE C 210 16.91 37.08 -7.97
C ILE C 210 15.79 37.59 -8.87
N ILE C 211 16.09 37.83 -10.14
CA ILE C 211 15.05 38.26 -11.07
C ILE C 211 14.00 37.17 -11.24
N LYS C 212 14.43 35.91 -11.38
CA LYS C 212 13.48 34.82 -11.48
C LYS C 212 12.64 34.69 -10.21
N TYR C 213 13.29 34.82 -9.06
CA TYR C 213 12.57 34.72 -7.78
C TYR C 213 11.51 35.82 -7.68
N ILE C 214 11.89 37.06 -7.98
CA ILE C 214 10.94 38.16 -7.89
C ILE C 214 9.83 37.99 -8.92
N SER C 215 10.15 37.49 -10.11
CA SER C 215 9.12 37.30 -11.13
C SER C 215 8.11 36.25 -10.69
N CYS C 216 8.59 35.13 -10.13
CA CYS C 216 7.68 34.09 -9.70
C CYS C 216 6.83 34.56 -8.53
N ARG C 217 7.43 35.28 -7.58
CA ARG C 217 6.66 35.83 -6.47
C ARG C 217 5.61 36.82 -6.95
N LEU C 218 5.98 37.67 -7.93
CA LEU C 218 5.04 38.65 -8.44
C LEU C 218 3.89 37.98 -9.18
N LEU C 219 4.18 36.94 -9.95
CA LEU C 219 3.13 36.19 -10.62
C LEU C 219 2.20 35.52 -9.60
N THR C 220 2.78 34.98 -8.53
CA THR C 220 1.96 34.40 -7.47
C THR C 220 1.06 35.46 -6.84
N LEU C 221 1.61 36.65 -6.60
CA LEU C 221 0.82 37.73 -6.02
C LEU C 221 -0.31 38.14 -6.96
N ILE C 222 -0.02 38.24 -8.25
CA ILE C 222 -1.05 38.63 -9.22
C ILE C 222 -2.15 37.58 -9.28
N ILE C 223 -1.76 36.30 -9.27
CA ILE C 223 -2.75 35.22 -9.28
C ILE C 223 -3.60 35.29 -8.03
N ILE C 224 -2.97 35.56 -6.88
CA ILE C 224 -3.73 35.65 -5.63
C ILE C 224 -4.71 36.81 -5.70
N LEU C 225 -4.28 37.95 -6.23
CA LEU C 225 -5.17 39.11 -6.33
C LEU C 225 -6.35 38.81 -7.26
N LEU C 226 -6.08 38.17 -8.40
CA LEU C 226 -7.16 37.81 -9.30
C LEU C 226 -8.13 36.83 -8.66
N ALA C 227 -7.60 35.87 -7.90
CA ALA C 227 -8.45 34.93 -7.17
C ALA C 227 -9.30 35.66 -6.15
N CYS C 228 -8.72 36.64 -5.46
CA CYS C 228 -9.49 37.42 -4.50
C CYS C 228 -10.60 38.20 -5.18
N ILE C 229 -10.31 38.79 -6.34
CA ILE C 229 -11.34 39.50 -7.10
C ILE C 229 -12.47 38.55 -7.45
N TYR C 230 -12.12 37.38 -7.98
CA TYR C 230 -13.14 36.42 -8.39
C TYR C 230 -13.97 35.95 -7.19
N LEU C 231 -13.31 35.65 -6.08
CA LEU C 231 -14.03 35.15 -4.91
C LEU C 231 -14.93 36.22 -4.32
N GLY C 232 -14.48 37.47 -4.30
CA GLY C 232 -15.34 38.56 -3.85
C GLY C 232 -16.56 38.71 -4.74
N TYR C 233 -16.37 38.65 -6.05
CA TYR C 233 -17.50 38.72 -6.95
C TYR C 233 -18.46 37.55 -6.72
N TYR C 234 -17.92 36.34 -6.54
CA TYR C 234 -18.76 35.17 -6.35
C TYR C 234 -19.54 35.26 -5.04
N PHE C 235 -18.91 35.75 -3.98
CA PHE C 235 -19.58 35.88 -2.70
C PHE C 235 -20.52 37.07 -2.65
N SER C 236 -20.37 38.04 -3.56
CA SER C 236 -21.25 39.19 -3.60
C SER C 236 -22.57 38.91 -4.29
N LEU C 237 -22.74 37.73 -4.89
CA LEU C 237 -23.99 37.40 -5.54
C LEU C 237 -25.16 37.52 -4.58
N SER C 238 -26.36 37.61 -5.14
CA SER C 238 -27.57 37.81 -4.34
C SER C 238 -27.94 36.58 -3.51
N SER C 239 -27.30 35.44 -3.76
CA SER C 239 -27.60 34.14 -3.15
C SER C 239 -28.86 33.52 -3.74
N LEU C 240 -29.60 34.24 -4.58
CA LEU C 240 -30.74 33.69 -5.29
C LEU C 240 -30.45 33.44 -6.76
N SER C 241 -29.24 33.76 -7.23
CA SER C 241 -28.87 33.48 -8.60
C SER C 241 -28.77 31.98 -8.86
N ASP C 242 -28.58 31.19 -7.81
CA ASP C 242 -28.59 29.74 -7.97
C ASP C 242 -29.93 29.23 -8.46
N GLU C 243 -31.01 29.96 -8.21
CA GLU C 243 -32.34 29.60 -8.71
C GLU C 243 -32.51 30.24 -10.08
N PHE C 244 -32.67 29.40 -11.10
CA PHE C 244 -32.87 29.87 -12.46
C PHE C 244 -34.02 29.11 -13.11
N VAL C 245 -34.68 29.77 -14.05
CA VAL C 245 -35.78 29.17 -14.78
C VAL C 245 -35.23 28.42 -15.98
N CYS C 246 -35.73 27.20 -16.18
CA CYS C 246 -35.23 26.30 -17.20
C CYS C 246 -36.36 25.85 -18.11
N SER C 247 -36.08 25.77 -19.40
CA SER C 247 -37.09 25.47 -20.41
C SER C 247 -36.59 24.35 -21.31
N ILE C 248 -37.18 23.16 -21.16
CA ILE C 248 -36.91 22.05 -22.08
C ILE C 248 -37.94 22.15 -23.20
N LYS C 249 -37.70 23.10 -24.12
CA LYS C 249 -38.65 23.42 -25.16
C LYS C 249 -37.95 23.62 -26.48
N SER C 250 -36.86 22.89 -26.69
CA SER C 250 -36.12 22.91 -27.95
C SER C 250 -36.22 21.54 -28.61
N GLY C 251 -36.44 21.56 -29.92
CA GLY C 251 -36.59 20.33 -30.68
C GLY C 251 -38.03 19.91 -30.85
N ILE C 252 -38.30 18.62 -30.71
CA ILE C 252 -39.66 18.12 -30.85
C ILE C 252 -40.53 18.55 -29.68
N LEU C 253 -39.93 18.89 -28.54
CA LEU C 253 -40.67 19.29 -27.35
C LEU C 253 -41.02 20.77 -27.35
N ARG C 254 -40.60 21.52 -28.36
CA ARG C 254 -40.82 22.96 -28.36
C ARG C 254 -42.32 23.29 -28.36
N ASN C 255 -43.09 22.56 -29.17
CA ASN C 255 -44.52 22.79 -29.27
C ASN C 255 -45.34 21.74 -28.51
N ASP C 256 -44.69 20.88 -27.73
CA ASP C 256 -45.42 19.93 -26.91
C ASP C 256 -46.22 20.65 -25.84
N SER C 257 -47.39 20.09 -25.51
CA SER C 257 -48.32 20.75 -24.60
C SER C 257 -48.23 20.20 -23.18
N THR C 258 -48.12 18.88 -23.03
CA THR C 258 -48.13 18.28 -21.71
C THR C 258 -46.97 18.79 -20.85
N VAL C 259 -45.88 19.22 -21.48
CA VAL C 259 -44.72 19.70 -20.73
C VAL C 259 -44.92 21.16 -20.37
N PRO C 260 -44.68 21.57 -19.12
CA PRO C 260 -44.80 22.99 -18.79
C PRO C 260 -43.74 23.83 -19.48
N ASP C 261 -44.10 25.09 -19.71
CA ASP C 261 -43.22 25.98 -20.47
C ASP C 261 -41.88 26.16 -19.76
N GLN C 262 -41.85 25.99 -18.45
CA GLN C 262 -40.62 26.22 -17.71
C GLN C 262 -40.68 25.50 -16.36
N PHE C 263 -39.52 25.40 -15.73
CA PHE C 263 -39.33 24.72 -14.46
C PHE C 263 -38.54 25.60 -13.51
N GLN C 264 -38.65 25.31 -12.22
CA GLN C 264 -37.90 26.02 -11.19
C GLN C 264 -36.73 25.15 -10.77
N CYS C 265 -35.54 25.52 -11.20
CA CYS C 265 -34.32 24.79 -10.87
C CYS C 265 -33.47 25.60 -9.91
N LYS C 266 -32.83 24.89 -8.98
CA LYS C 266 -31.94 25.49 -8.00
C LYS C 266 -30.63 24.72 -7.98
N LEU C 267 -29.53 25.45 -7.95
CA LEU C 267 -28.20 24.85 -7.90
C LEU C 267 -27.83 24.68 -6.43
N ILE C 268 -27.89 23.44 -5.94
CA ILE C 268 -27.54 23.17 -4.56
C ILE C 268 -26.04 23.39 -4.37
N ALA C 269 -25.65 23.58 -3.12
CA ALA C 269 -24.27 23.78 -2.69
C ALA C 269 -23.72 25.15 -3.07
N VAL C 270 -24.55 26.04 -3.63
CA VAL C 270 -24.05 27.37 -3.96
C VAL C 270 -23.75 28.17 -2.70
N GLY C 271 -24.57 28.00 -1.67
CA GLY C 271 -24.26 28.65 -0.40
C GLY C 271 -22.95 28.16 0.19
N ILE C 272 -22.70 26.85 0.10
CA ILE C 272 -21.43 26.30 0.56
C ILE C 272 -20.29 26.86 -0.27
N PHE C 273 -20.49 26.97 -1.58
CA PHE C 273 -19.47 27.55 -2.45
C PHE C 273 -19.16 28.98 -2.01
N GLN C 274 -20.19 29.78 -1.73
CA GLN C 274 -19.96 31.16 -1.31
C GLN C 274 -19.24 31.23 0.02
N LEU C 275 -19.64 30.38 0.98
CA LEU C 275 -18.97 30.35 2.27
C LEU C 275 -17.49 30.02 2.11
N LEU C 276 -17.19 28.95 1.37
CA LEU C 276 -15.80 28.56 1.18
C LEU C 276 -15.03 29.60 0.35
N SER C 277 -15.72 30.29 -0.55
CA SER C 277 -15.06 31.32 -1.35
C SER C 277 -14.68 32.51 -0.48
N VAL C 278 -15.55 32.91 0.44
CA VAL C 278 -15.18 34.00 1.34
C VAL C 278 -14.07 33.55 2.29
N ILE C 279 -14.08 32.29 2.70
CA ILE C 279 -12.98 31.78 3.52
C ILE C 279 -11.65 31.89 2.75
N ASN C 280 -11.66 31.45 1.49
CA ASN C 280 -10.46 31.53 0.68
C ASN C 280 -10.05 32.97 0.44
N LEU C 281 -11.03 33.86 0.27
CA LEU C 281 -10.74 35.28 0.11
C LEU C 281 -10.03 35.83 1.33
N VAL C 282 -10.53 35.50 2.51
CA VAL C 282 -9.89 35.96 3.75
C VAL C 282 -8.47 35.43 3.84
N VAL C 283 -8.29 34.14 3.54
CA VAL C 283 -6.95 33.56 3.64
C VAL C 283 -6.00 34.23 2.65
N TYR C 284 -6.47 34.48 1.42
CA TYR C 284 -5.60 35.05 0.40
C TYR C 284 -5.28 36.52 0.70
N VAL C 285 -6.24 37.27 1.23
CA VAL C 285 -5.94 38.66 1.57
C VAL C 285 -4.97 38.71 2.74
N LEU C 286 -5.08 37.77 3.69
CA LEU C 286 -4.08 37.70 4.75
C LEU C 286 -2.71 37.28 4.20
N LEU C 287 -2.70 36.43 3.17
CA LEU C 287 -1.45 35.92 2.63
C LEU C 287 -0.73 36.93 1.74
N ALA C 288 -1.48 37.77 1.02
CA ALA C 288 -0.85 38.69 0.09
C ALA C 288 0.17 39.59 0.74
N PRO C 289 -0.06 40.17 1.92
CA PRO C 289 1.01 40.93 2.58
C PRO C 289 2.28 40.12 2.76
N VAL C 290 2.15 38.82 3.04
CA VAL C 290 3.33 37.97 3.18
C VAL C 290 4.10 37.92 1.87
N VAL C 291 3.39 37.79 0.74
CA VAL C 291 4.06 37.74 -0.56
C VAL C 291 4.72 39.08 -0.85
N VAL C 292 4.05 40.19 -0.51
CA VAL C 292 4.65 41.51 -0.75
C VAL C 292 5.93 41.66 0.08
N TYR C 293 5.89 41.22 1.34
CA TYR C 293 7.08 41.27 2.18
C TYR C 293 8.18 40.39 1.60
N THR C 294 7.79 39.24 1.03
CA THR C 294 8.77 38.36 0.40
C THR C 294 9.43 39.05 -0.79
N LEU C 295 8.65 39.80 -1.56
CA LEU C 295 9.22 40.48 -2.73
C LEU C 295 10.38 41.38 -2.37
N PHE C 296 10.33 42.00 -1.19
CA PHE C 296 11.39 42.91 -0.75
C PHE C 296 12.47 42.09 -0.07
N VAL C 297 13.22 41.34 -0.89
CA VAL C 297 14.27 40.47 -0.35
C VAL C 297 15.37 41.26 0.33
N PRO C 298 15.83 42.42 -0.17
CA PRO C 298 16.95 43.09 0.51
C PRO C 298 16.66 43.41 1.95
N PHE C 299 15.43 43.84 2.25
CA PHE C 299 15.06 44.10 3.64
C PHE C 299 15.12 42.82 4.47
N ARG C 300 14.68 41.70 3.89
CA ARG C 300 14.79 40.42 4.57
C ARG C 300 16.24 40.01 4.81
N GLN C 301 17.16 40.50 3.98
CA GLN C 301 18.56 40.15 4.14
C GLN C 301 19.15 40.85 5.36
N LYS C 302 19.13 40.17 6.50
CA LYS C 302 19.64 40.74 7.74
C LYS C 302 20.17 39.59 8.60
N THR C 303 20.71 39.94 9.77
CA THR C 303 21.32 38.96 10.66
C THR C 303 22.41 38.17 9.94
N ASP C 304 23.45 38.91 9.54
CA ASP C 304 24.49 38.37 8.68
C ASP C 304 24.96 37.02 9.16
N VAL C 305 24.74 36.00 8.32
CA VAL C 305 25.15 34.64 8.66
C VAL C 305 26.66 34.53 8.65
N LEU C 306 27.32 35.18 7.69
CA LEU C 306 28.76 35.09 7.52
C LEU C 306 29.53 35.91 8.55
N LYS C 307 28.85 36.79 9.30
CA LYS C 307 29.55 37.60 10.30
C LYS C 307 30.21 36.72 11.35
N VAL C 308 29.64 35.54 11.63
CA VAL C 308 30.20 34.66 12.65
C VAL C 308 31.55 34.10 12.21
N TYR C 309 31.74 33.89 10.90
CA TYR C 309 32.97 33.31 10.39
C TYR C 309 34.13 34.29 10.34
N GLU C 310 33.89 35.58 10.63
CA GLU C 310 34.94 36.58 10.52
C GLU C 310 36.01 36.44 11.58
N ILE C 311 35.80 35.62 12.60
CA ILE C 311 36.76 35.50 13.70
C ILE C 311 37.78 34.40 13.37
N LEU C 312 37.59 33.71 12.26
CA LEU C 312 38.53 32.66 11.86
C LEU C 312 39.77 33.28 11.23
N PRO C 313 40.98 32.96 11.70
CA PRO C 313 42.17 33.48 11.03
C PRO C 313 42.24 33.13 9.56
N THR C 314 41.77 31.95 9.17
CA THR C 314 41.84 31.52 7.78
C THR C 314 40.78 32.17 6.89
N PHE C 315 39.83 32.90 7.48
CA PHE C 315 38.77 33.54 6.74
C PHE C 315 38.93 35.06 6.80
N ASP C 316 38.90 35.70 5.64
CA ASP C 316 39.08 37.14 5.59
C ASP C 316 37.93 37.85 6.28
N VAL C 317 38.23 38.98 6.92
CA VAL C 317 37.24 39.74 7.69
C VAL C 317 36.57 40.69 6.70
N LEU C 318 35.59 40.16 5.98
CA LEU C 318 34.83 40.97 5.03
C LEU C 318 33.53 40.25 4.73
N HIS C 319 32.40 40.87 5.11
CA HIS C 319 31.10 40.29 4.80
C HIS C 319 30.64 40.70 3.40
N PHE C 320 30.45 42.00 3.18
CA PHE C 320 30.12 42.55 1.87
C PHE C 320 28.92 41.85 1.26
N LYS C 321 27.82 41.84 2.02
CA LYS C 321 26.56 41.26 1.54
C LYS C 321 25.41 42.04 2.18
N SER C 322 24.92 43.04 1.46
CA SER C 322 23.77 43.82 1.91
C SER C 322 23.46 44.90 0.86
N GLU C 323 22.22 45.38 0.90
CA GLU C 323 21.79 46.55 0.13
C GLU C 323 22.04 46.32 -1.36
N GLY C 324 21.34 45.33 -1.91
CA GLY C 324 21.45 45.04 -3.32
C GLY C 324 20.32 44.19 -3.89
N TYR C 325 19.77 44.62 -5.02
CA TYR C 325 18.81 43.82 -5.77
C TYR C 325 19.56 42.82 -6.66
N ASN C 326 20.32 41.95 -6.00
CA ASN C 326 21.19 41.00 -6.68
C ASN C 326 21.02 39.63 -6.06
N ASP C 327 21.56 38.62 -6.74
CA ASP C 327 21.46 37.25 -6.24
C ASP C 327 22.18 37.06 -4.92
N LEU C 328 23.06 37.99 -4.53
CA LEU C 328 23.77 37.85 -3.27
C LEU C 328 22.82 37.87 -2.09
N SER C 329 21.83 38.76 -2.11
CA SER C 329 20.87 38.81 -1.02
C SER C 329 20.06 37.52 -0.93
N LEU C 330 19.66 36.97 -2.08
CA LEU C 330 18.92 35.72 -2.09
C LEU C 330 19.77 34.58 -1.55
N TYR C 331 21.05 34.54 -1.93
CA TYR C 331 21.94 33.53 -1.39
C TYR C 331 22.12 33.71 0.12
N ASN C 332 22.18 34.95 0.60
CA ASN C 332 22.24 35.19 2.03
C ASN C 332 21.00 34.65 2.72
N LEU C 333 19.83 34.86 2.12
CA LEU C 333 18.59 34.32 2.69
C LEU C 333 18.63 32.80 2.76
N PHE C 334 19.05 32.15 1.66
CA PHE C 334 19.11 30.70 1.64
C PHE C 334 20.12 30.17 2.66
N LEU C 335 21.23 30.87 2.82
CA LEU C 335 22.20 30.48 3.85
C LEU C 335 21.58 30.60 5.24
N GLU C 336 21.00 31.75 5.56
CA GLU C 336 20.39 31.91 6.87
C GLU C 336 19.30 30.88 7.09
N GLU C 337 18.72 30.36 6.01
CA GLU C 337 17.68 29.34 6.13
C GLU C 337 18.27 27.97 6.43
N ASN C 338 19.19 27.49 5.59
CA ASN C 338 19.68 26.13 5.65
C ASN C 338 21.15 26.03 6.06
N ILE C 339 21.63 26.92 6.93
CA ILE C 339 22.99 26.82 7.46
C ILE C 339 23.03 26.11 8.80
N SER C 340 21.88 25.91 9.45
CA SER C 340 21.87 25.25 10.75
C SER C 340 22.42 23.83 10.67
N GLU C 341 22.41 23.23 9.47
CA GLU C 341 22.90 21.87 9.30
C GLU C 341 24.43 21.80 9.29
N VAL C 342 25.12 22.93 9.34
CA VAL C 342 26.57 22.97 9.24
C VAL C 342 27.16 23.00 10.65
N LYS C 343 27.95 21.97 10.97
CA LYS C 343 28.52 21.87 12.31
C LYS C 343 29.49 23.01 12.58
N SER C 344 30.28 23.39 11.58
CA SER C 344 31.21 24.50 11.77
C SER C 344 30.46 25.79 12.06
N TYR C 345 29.38 26.04 11.32
CA TYR C 345 28.58 27.24 11.57
C TYR C 345 27.98 27.20 12.97
N LYS C 346 27.48 26.04 13.40
CA LYS C 346 26.91 25.95 14.75
C LYS C 346 27.98 26.23 15.80
N CYS C 347 29.17 25.65 15.63
CA CYS C 347 30.26 25.89 16.57
C CYS C 347 30.62 27.37 16.62
N LEU C 348 30.75 28.01 15.46
CA LEU C 348 31.08 29.43 15.45
C LEU C 348 29.96 30.24 16.09
N LYS C 349 28.71 29.83 15.91
CA LYS C 349 27.59 30.56 16.52
C LYS C 349 27.65 30.47 18.04
N VAL C 350 27.93 29.29 18.58
CA VAL C 350 28.04 29.18 20.04
C VAL C 350 29.25 29.98 20.53
N LEU C 351 30.35 29.98 19.77
CA LEU C 351 31.48 30.82 20.16
C LEU C 351 31.08 32.29 20.20
N GLU C 352 30.34 32.74 19.18
CA GLU C 352 29.87 34.12 19.17
C GLU C 352 28.98 34.41 20.38
N ASN C 353 28.05 33.51 20.66
CA ASN C 353 27.14 33.74 21.78
C ASN C 353 27.90 33.82 23.09
N ILE C 354 28.91 32.96 23.28
CA ILE C 354 29.73 33.03 24.48
C ILE C 354 30.51 34.33 24.51
N LYS C 355 30.93 34.83 23.35
CA LYS C 355 31.69 36.08 23.29
C LYS C 355 30.88 37.26 23.80
N SER C 356 29.56 37.12 23.91
CA SER C 356 28.76 38.21 24.45
C SER C 356 29.21 38.59 25.85
N SER C 357 29.49 37.58 26.69
CA SER C 357 30.04 37.87 28.02
C SER C 357 31.49 38.30 27.93
N GLY C 358 32.25 37.72 27.00
CA GLY C 358 33.64 38.09 26.84
C GLY C 358 34.57 37.50 27.88
N GLN C 359 34.11 36.51 28.64
CA GLN C 359 34.94 35.94 29.70
C GLN C 359 36.18 35.28 29.13
N GLY C 360 36.04 34.54 28.03
CA GLY C 360 37.15 33.80 27.46
C GLY C 360 37.73 34.43 26.22
N ILE C 361 38.30 33.61 25.35
CA ILE C 361 38.92 34.06 24.11
C ILE C 361 38.41 33.19 22.97
N ASP C 362 38.15 33.83 21.82
CA ASP C 362 37.63 33.09 20.68
C ASP C 362 38.56 31.98 20.20
N PRO C 363 39.86 32.23 19.97
CA PRO C 363 40.73 31.11 19.55
C PRO C 363 40.84 30.01 20.59
N MET C 364 40.89 30.37 21.87
CA MET C 364 40.97 29.34 22.91
C MET C 364 39.71 28.48 22.92
N LEU C 365 38.53 29.12 22.80
CA LEU C 365 37.29 28.37 22.76
C LEU C 365 37.23 27.48 21.52
N LEU C 366 37.69 27.99 20.37
CA LEU C 366 37.67 27.19 19.17
C LEU C 366 38.59 25.98 19.30
N LEU C 367 39.78 26.17 19.88
CA LEU C 367 40.69 25.05 20.09
C LEU C 367 40.08 24.03 21.05
N THR C 368 39.45 24.51 22.13
CA THR C 368 38.88 23.59 23.11
C THR C 368 37.69 22.83 22.54
N ASN C 369 36.95 23.44 21.60
CA ASN C 369 35.75 22.81 21.07
C ASN C 369 36.08 21.48 20.40
N LEU C 370 37.14 21.44 19.60
CA LEU C 370 37.54 20.24 18.87
C LEU C 370 36.34 19.66 18.09
N GLY C 371 35.83 20.47 17.17
CA GLY C 371 34.65 20.10 16.41
C GLY C 371 34.92 19.98 14.92
N MET C 372 36.04 19.36 14.57
CA MET C 372 36.40 19.22 13.16
C MET C 372 35.31 18.48 12.39
N ILE C 373 34.82 17.38 12.94
CA ILE C 373 33.77 16.61 12.29
C ILE C 373 33.20 15.58 13.27
N ALA D 2 -11.96 12.35 -6.45
CA ALA D 2 -12.38 13.74 -6.34
C ALA D 2 -11.49 14.64 -7.19
N ILE D 3 -11.95 15.88 -7.39
CA ILE D 3 -11.19 16.83 -8.22
C ILE D 3 -9.81 17.05 -7.63
N ALA D 4 -9.75 17.24 -6.32
CA ALA D 4 -8.46 17.49 -5.67
C ALA D 4 -7.54 16.27 -5.79
N GLN D 5 -8.11 15.07 -5.68
CA GLN D 5 -7.30 13.87 -5.86
C GLN D 5 -6.71 13.81 -7.26
N LEU D 6 -7.52 14.12 -8.27
CA LEU D 6 -7.02 14.13 -9.64
C LEU D 6 -5.90 15.15 -9.80
N ALA D 7 -6.09 16.34 -9.22
CA ALA D 7 -5.05 17.36 -9.29
C ALA D 7 -3.76 16.87 -8.65
N THR D 8 -3.86 16.27 -7.46
CA THR D 8 -2.66 15.78 -6.81
C THR D 8 -1.96 14.73 -7.65
N GLU D 9 -2.73 13.83 -8.25
CA GLU D 9 -2.13 12.78 -9.07
C GLU D 9 -1.43 13.35 -10.30
N TYR D 10 -2.03 14.34 -10.96
CA TYR D 10 -1.62 14.70 -12.31
C TYR D 10 -0.79 15.97 -12.43
N VAL D 11 -0.85 16.88 -11.46
CA VAL D 11 -0.06 18.12 -11.51
C VAL D 11 0.87 18.24 -10.31
N PHE D 12 0.40 17.92 -9.12
CA PHE D 12 1.21 18.09 -7.91
C PHE D 12 2.05 16.87 -7.57
N SER D 13 1.88 15.77 -8.30
CA SER D 13 2.69 14.57 -8.10
C SER D 13 3.70 14.44 -9.23
N ASP D 14 4.60 13.46 -9.07
CA ASP D 14 5.63 13.17 -10.08
C ASP D 14 5.05 12.28 -11.19
N PHE D 15 4.05 12.81 -11.86
CA PHE D 15 3.40 12.11 -12.98
C PHE D 15 4.27 12.24 -14.22
N LEU D 16 4.85 11.14 -14.66
CA LEU D 16 5.78 11.10 -15.79
C LEU D 16 7.07 11.86 -15.49
N LEU D 17 7.25 12.30 -14.25
CA LEU D 17 8.50 12.93 -13.82
C LEU D 17 9.41 11.94 -13.11
N LYS D 18 9.03 10.67 -13.05
CA LYS D 18 9.84 9.68 -12.36
C LYS D 18 11.13 9.42 -13.13
N GLU D 19 12.26 9.44 -12.41
CA GLU D 19 13.53 9.12 -13.02
C GLU D 19 13.57 7.64 -13.36
N PRO D 20 14.39 7.26 -14.35
CA PRO D 20 14.48 5.83 -14.71
C PRO D 20 14.79 4.97 -13.48
N THR D 21 13.92 4.00 -13.23
CA THR D 21 14.07 3.12 -12.07
C THR D 21 15.03 1.99 -12.43
N GLU D 22 16.31 2.31 -12.41
CA GLU D 22 17.35 1.34 -12.70
C GLU D 22 18.72 1.91 -12.34
N PRO D 23 19.69 1.06 -11.98
CA PRO D 23 21.03 1.58 -11.65
C PRO D 23 21.82 2.05 -12.86
N LYS D 24 21.37 1.73 -14.08
CA LYS D 24 22.13 2.13 -15.27
C LYS D 24 22.22 3.65 -15.39
N PHE D 25 21.11 4.35 -15.13
CA PHE D 25 21.05 5.80 -15.20
C PHE D 25 20.84 6.33 -13.79
N LYS D 26 21.94 6.56 -13.08
CA LYS D 26 21.92 7.08 -11.72
C LYS D 26 22.16 8.58 -11.77
N GLY D 27 21.08 9.36 -11.66
CA GLY D 27 21.16 10.80 -11.69
C GLY D 27 21.16 11.41 -13.07
N LEU D 28 21.05 10.61 -14.12
CA LEU D 28 21.01 11.12 -15.48
C LEU D 28 19.57 11.37 -15.90
N ARG D 29 19.25 12.62 -16.24
CA ARG D 29 17.89 12.95 -16.66
C ARG D 29 17.49 12.16 -17.91
N LEU D 30 18.38 12.11 -18.89
CA LEU D 30 18.15 11.48 -20.19
C LEU D 30 17.06 12.18 -20.99
N GLU D 31 16.51 13.29 -20.48
CA GLU D 31 15.49 14.05 -21.19
C GLU D 31 15.61 15.49 -20.76
N LEU D 32 15.66 16.40 -21.73
CA LEU D 32 15.80 17.81 -21.42
C LEU D 32 14.60 18.28 -20.61
N ALA D 33 14.82 19.32 -19.80
CA ALA D 33 13.76 19.81 -18.93
C ALA D 33 12.58 20.31 -19.75
N VAL D 34 12.85 21.04 -20.84
CA VAL D 34 11.77 21.57 -21.66
C VAL D 34 10.99 20.43 -22.31
N ASP D 35 11.69 19.42 -22.82
CA ASP D 35 11.00 18.29 -23.43
C ASP D 35 10.15 17.54 -22.41
N LYS D 36 10.69 17.35 -21.21
CA LYS D 36 9.94 16.67 -20.16
C LYS D 36 8.69 17.46 -19.79
N MET D 37 8.82 18.79 -19.68
CA MET D 37 7.67 19.63 -19.40
C MET D 37 6.63 19.51 -20.50
N VAL D 38 7.07 19.56 -21.77
CA VAL D 38 6.15 19.48 -22.88
C VAL D 38 5.40 18.16 -22.88
N THR D 39 6.13 17.06 -22.69
CA THR D 39 5.50 15.75 -22.67
C THR D 39 4.54 15.63 -21.51
N CYS D 40 4.95 16.08 -20.32
CA CYS D 40 4.11 15.98 -19.15
C CYS D 40 2.81 16.75 -19.34
N ILE D 41 2.90 17.97 -19.87
CA ILE D 41 1.69 18.74 -20.13
C ILE D 41 0.83 18.04 -21.17
N ALA D 42 1.41 17.79 -22.33
CA ALA D 42 0.64 17.25 -23.45
C ALA D 42 -0.01 15.92 -23.13
N VAL D 43 0.52 15.16 -22.16
CA VAL D 43 -0.05 13.88 -21.79
C VAL D 43 -1.01 13.99 -20.62
N GLY D 44 -0.59 14.62 -19.52
CA GLY D 44 -1.42 14.69 -18.33
C GLY D 44 -2.47 15.77 -18.34
N LEU D 45 -2.51 16.63 -19.34
CA LEU D 45 -3.59 17.59 -19.44
C LEU D 45 -4.85 16.90 -19.95
N PRO D 46 -4.81 16.24 -21.11
CA PRO D 46 -6.03 15.54 -21.58
C PRO D 46 -6.54 14.52 -20.59
N LEU D 47 -5.64 13.80 -19.91
CA LEU D 47 -6.09 12.85 -18.89
C LEU D 47 -6.77 13.57 -17.74
N LEU D 48 -6.20 14.70 -17.31
CA LEU D 48 -6.83 15.47 -16.24
C LEU D 48 -8.20 15.96 -16.65
N LEU D 49 -8.35 16.41 -17.90
CA LEU D 49 -9.64 16.89 -18.37
C LEU D 49 -10.64 15.74 -18.47
N ILE D 50 -10.20 14.57 -18.92
CA ILE D 50 -11.07 13.40 -18.94
C ILE D 50 -11.59 13.13 -17.53
N SER D 51 -10.69 13.09 -16.56
CA SER D 51 -11.10 12.81 -15.19
C SER D 51 -12.04 13.89 -14.66
N LEU D 52 -11.74 15.15 -14.96
CA LEU D 52 -12.57 16.25 -14.47
C LEU D 52 -13.97 16.19 -15.05
N ALA D 53 -14.08 15.92 -16.35
CA ALA D 53 -15.38 15.98 -17.02
C ALA D 53 -16.38 14.99 -16.43
N PHE D 54 -15.91 13.93 -15.78
CA PHE D 54 -16.77 12.92 -15.18
C PHE D 54 -16.57 12.85 -13.67
N ALA D 55 -16.17 13.96 -13.07
CA ALA D 55 -16.03 14.02 -11.62
C ALA D 55 -17.39 13.90 -10.95
N GLN D 56 -17.40 13.31 -9.76
CA GLN D 56 -18.66 13.03 -9.07
C GLN D 56 -19.42 14.31 -8.77
N GLU D 57 -18.74 15.45 -8.70
CA GLU D 57 -19.40 16.73 -8.44
C GLU D 57 -19.92 17.41 -9.69
N ILE D 58 -19.10 17.52 -10.74
CA ILE D 58 -19.54 18.15 -11.98
C ILE D 58 -20.56 17.33 -12.72
N SER D 59 -20.63 16.02 -12.49
CA SER D 59 -21.50 15.13 -13.24
C SER D 59 -22.85 15.04 -12.55
N ILE D 60 -23.90 15.43 -13.26
CA ILE D 60 -25.25 15.30 -12.71
C ILE D 60 -25.62 13.84 -12.56
N GLY D 61 -25.16 12.99 -13.47
CA GLY D 61 -25.56 11.60 -13.49
C GLY D 61 -25.27 10.92 -14.81
N THR D 62 -26.27 10.28 -15.39
CA THR D 62 -26.09 9.60 -16.66
C THR D 62 -25.78 10.61 -17.77
N GLN D 63 -25.10 10.12 -18.81
CA GLN D 63 -24.60 10.97 -19.86
C GLN D 63 -25.62 11.27 -20.95
N ILE D 64 -26.83 10.73 -20.87
CA ILE D 64 -27.86 11.00 -21.87
C ILE D 64 -29.22 10.75 -21.24
N SER D 65 -30.16 11.63 -21.53
CA SER D 65 -31.54 11.48 -21.08
C SER D 65 -32.47 11.83 -22.24
N CYS D 66 -33.44 10.95 -22.50
CA CYS D 66 -34.26 11.05 -23.69
C CYS D 66 -35.69 11.53 -23.44
N PHE D 67 -36.10 11.70 -22.19
CA PHE D 67 -37.42 12.23 -21.87
C PHE D 67 -38.53 11.36 -22.48
N SER D 68 -38.61 10.15 -21.98
CA SER D 68 -39.69 9.26 -22.38
C SER D 68 -41.02 9.78 -21.86
N PRO D 69 -42.13 9.39 -22.49
CA PRO D 69 -43.44 9.83 -22.00
C PRO D 69 -43.68 9.41 -20.55
N SER D 70 -44.65 10.07 -19.92
CA SER D 70 -44.99 9.73 -18.55
C SER D 70 -45.53 8.32 -18.44
N SER D 71 -46.27 7.87 -19.45
CA SER D 71 -46.79 6.50 -19.45
C SER D 71 -45.66 5.47 -19.38
N PHE D 72 -44.50 5.82 -19.93
CA PHE D 72 -43.38 4.88 -19.93
C PHE D 72 -42.90 4.62 -18.50
N SER D 73 -42.55 3.37 -18.24
CA SER D 73 -42.01 2.98 -16.95
C SER D 73 -40.53 3.36 -16.90
N TRP D 74 -39.94 3.22 -15.70
CA TRP D 74 -38.54 3.57 -15.53
C TRP D 74 -37.64 2.78 -16.47
N ARG D 75 -37.84 1.46 -16.55
CA ARG D 75 -36.94 0.67 -17.38
C ARG D 75 -37.25 0.81 -18.86
N GLN D 76 -38.48 1.17 -19.23
CA GLN D 76 -38.74 1.56 -20.61
C GLN D 76 -37.95 2.81 -20.98
N ALA D 77 -37.96 3.81 -20.09
CA ALA D 77 -37.18 5.02 -20.34
C ALA D 77 -35.69 4.71 -20.36
N ALA D 78 -35.24 3.81 -19.49
CA ALA D 78 -33.83 3.41 -19.49
C ALA D 78 -33.47 2.72 -20.80
N PHE D 79 -34.36 1.86 -21.30
CA PHE D 79 -34.14 1.26 -22.62
C PHE D 79 -34.02 2.34 -23.68
N VAL D 80 -34.90 3.34 -23.64
CA VAL D 80 -34.83 4.41 -24.62
C VAL D 80 -33.48 5.10 -24.58
N ASP D 81 -33.04 5.46 -23.37
CA ASP D 81 -31.79 6.21 -23.22
C ASP D 81 -30.61 5.37 -23.70
N SER D 82 -30.53 4.11 -23.27
CA SER D 82 -29.42 3.25 -23.67
C SER D 82 -29.45 2.98 -25.17
N TYR D 83 -30.64 2.78 -25.73
CA TYR D 83 -30.77 2.55 -27.16
C TYR D 83 -30.24 3.74 -27.93
N CYS D 84 -30.62 4.96 -27.53
CA CYS D 84 -30.14 6.14 -28.24
C CYS D 84 -28.63 6.31 -28.06
N TRP D 85 -28.13 6.01 -26.87
CA TRP D 85 -26.69 6.06 -26.62
C TRP D 85 -25.95 5.13 -27.57
N ALA D 86 -26.46 3.92 -27.77
CA ALA D 86 -25.85 2.98 -28.71
C ALA D 86 -26.17 3.30 -30.16
N ALA D 87 -27.19 4.10 -30.41
CA ALA D 87 -27.64 4.41 -31.75
C ALA D 87 -27.06 5.72 -32.29
N VAL D 88 -26.31 6.45 -31.48
CA VAL D 88 -25.58 7.59 -32.02
C VAL D 88 -24.76 7.14 -33.22
N GLN D 89 -24.25 5.91 -33.19
CA GLN D 89 -23.55 5.35 -34.34
C GLN D 89 -24.52 5.07 -35.47
N GLN D 90 -25.65 4.42 -35.17
CA GLN D 90 -26.63 4.06 -36.18
C GLN D 90 -27.30 5.31 -36.74
N LYS D 91 -26.92 5.70 -37.96
CA LYS D 91 -27.41 6.94 -38.54
C LYS D 91 -28.91 6.92 -38.77
N ASN D 92 -29.45 5.77 -39.17
CA ASN D 92 -30.87 5.69 -39.49
C ASN D 92 -31.73 5.99 -38.26
N SER D 93 -31.30 5.51 -37.09
CA SER D 93 -32.12 5.64 -35.88
C SER D 93 -32.34 7.10 -35.53
N LEU D 94 -31.30 7.92 -35.60
CA LEU D 94 -31.38 9.30 -35.14
C LEU D 94 -31.33 10.27 -36.32
N GLN D 95 -31.97 11.42 -36.13
CA GLN D 95 -31.99 12.50 -37.11
C GLN D 95 -31.67 13.81 -36.38
N SER D 96 -30.45 14.30 -36.54
CA SER D 96 -29.99 15.52 -35.88
C SER D 96 -29.59 16.55 -36.93
N GLU D 97 -29.87 17.82 -36.64
CA GLU D 97 -29.56 18.89 -37.59
C GLU D 97 -28.06 18.97 -37.83
N SER D 98 -27.25 18.88 -36.77
CA SER D 98 -25.81 19.00 -36.91
C SER D 98 -25.18 17.78 -37.58
N GLY D 99 -25.91 16.67 -37.69
CA GLY D 99 -25.40 15.45 -38.27
C GLY D 99 -25.15 14.39 -37.21
N ASN D 100 -24.34 13.40 -37.58
CA ASN D 100 -23.99 12.32 -36.68
C ASN D 100 -22.56 12.37 -36.19
N LEU D 101 -21.67 13.03 -36.93
CA LEU D 101 -20.30 13.22 -36.44
C LEU D 101 -20.26 13.96 -35.12
N PRO D 102 -21.03 15.03 -34.91
CA PRO D 102 -21.03 15.67 -33.58
C PRO D 102 -21.45 14.71 -32.47
N LEU D 103 -22.40 13.82 -32.74
CA LEU D 103 -22.81 12.85 -31.73
C LEU D 103 -21.71 11.85 -31.45
N TRP D 104 -21.05 11.36 -32.51
CA TRP D 104 -19.90 10.48 -32.32
C TRP D 104 -18.86 11.14 -31.44
N LEU D 105 -18.53 12.40 -31.74
CA LEU D 105 -17.52 13.12 -30.98
C LEU D 105 -17.95 13.32 -29.53
N HIS D 106 -19.22 13.68 -29.32
CA HIS D 106 -19.70 13.88 -27.95
C HIS D 106 -19.61 12.59 -27.16
N LYS D 107 -19.93 11.46 -27.78
CA LYS D 107 -19.90 10.20 -27.07
C LYS D 107 -18.47 9.75 -26.79
N PHE D 108 -17.55 9.96 -27.74
CA PHE D 108 -16.21 9.38 -27.66
C PHE D 108 -15.12 10.42 -27.38
N PHE D 109 -15.49 11.60 -26.89
CA PHE D 109 -14.49 12.61 -26.53
C PHE D 109 -13.44 12.09 -25.56
N PRO D 110 -13.78 11.36 -24.49
CA PRO D 110 -12.73 10.81 -23.63
C PRO D 110 -11.79 9.89 -24.39
N TYR D 111 -12.33 9.08 -25.30
CA TYR D 111 -11.47 8.20 -26.09
C TYR D 111 -10.53 9.01 -26.97
N ILE D 112 -11.01 10.11 -27.54
CA ILE D 112 -10.17 10.93 -28.41
C ILE D 112 -9.07 11.60 -27.61
N LEU D 113 -9.40 12.12 -26.42
CA LEU D 113 -8.37 12.70 -25.57
C LEU D 113 -7.33 11.66 -25.16
N LEU D 114 -7.78 10.46 -24.81
CA LEU D 114 -6.85 9.40 -24.46
C LEU D 114 -5.98 9.03 -25.64
N LEU D 115 -6.55 9.00 -26.84
CA LEU D 115 -5.78 8.73 -28.04
C LEU D 115 -4.71 9.77 -28.27
N PHE D 116 -5.06 11.05 -28.10
CA PHE D 116 -4.07 12.11 -28.26
C PHE D 116 -2.98 11.99 -27.21
N ALA D 117 -3.35 11.68 -25.97
CA ALA D 117 -2.35 11.51 -24.92
C ALA D 117 -1.41 10.37 -25.24
N ILE D 118 -1.94 9.24 -25.70
CA ILE D 118 -1.10 8.10 -26.04
C ILE D 118 -0.18 8.43 -27.20
N LEU D 119 -0.72 9.10 -28.23
CA LEU D 119 0.09 9.44 -29.38
C LEU D 119 1.19 10.43 -29.02
N LEU D 120 0.92 11.32 -28.06
CA LEU D 120 1.96 12.26 -27.62
C LEU D 120 2.98 11.59 -26.72
N TYR D 121 2.57 10.57 -25.97
CA TYR D 121 3.50 9.81 -25.13
C TYR D 121 4.33 8.84 -25.93
N LEU D 122 3.88 8.46 -27.12
CA LEU D 122 4.63 7.50 -27.93
C LEU D 122 6.03 7.97 -28.30
N PRO D 123 6.24 9.18 -28.82
CA PRO D 123 7.58 9.58 -29.26
C PRO D 123 8.55 9.66 -28.09
N PRO D 124 8.14 10.23 -26.95
CA PRO D 124 9.02 10.18 -25.77
C PRO D 124 9.40 8.77 -25.37
N LEU D 125 8.47 7.82 -25.44
CA LEU D 125 8.77 6.44 -25.09
C LEU D 125 9.75 5.83 -26.10
N PHE D 126 9.54 6.11 -27.39
CA PHE D 126 10.47 5.64 -28.41
C PHE D 126 11.86 6.17 -28.14
N TRP D 127 11.96 7.46 -27.82
CA TRP D 127 13.25 8.04 -27.47
C TRP D 127 13.87 7.30 -26.29
N ARG D 128 13.12 7.18 -25.20
CA ARG D 128 13.67 6.61 -23.97
C ARG D 128 14.05 5.14 -24.14
N PHE D 129 13.44 4.44 -25.09
CA PHE D 129 13.72 3.03 -25.29
C PHE D 129 14.70 2.76 -26.43
N ALA D 130 14.98 3.73 -27.28
CA ALA D 130 15.88 3.54 -28.41
C ALA D 130 17.15 4.36 -28.30
N ALA D 131 17.03 5.68 -28.15
CA ALA D 131 18.18 6.57 -28.19
C ALA D 131 18.66 7.02 -26.82
N ALA D 132 17.98 6.63 -25.76
CA ALA D 132 18.35 7.05 -24.42
C ALA D 132 19.52 6.23 -23.89
N PRO D 133 19.51 4.91 -24.02
CA PRO D 133 20.66 4.13 -23.49
C PRO D 133 21.98 4.54 -24.09
N HIS D 134 22.01 4.81 -25.40
CA HIS D 134 23.27 5.17 -26.06
C HIS D 134 23.81 6.49 -25.53
N ILE D 135 22.95 7.51 -25.48
CA ILE D 135 23.39 8.81 -24.98
C ILE D 135 23.75 8.71 -23.51
N CYS D 136 23.03 7.89 -22.74
CA CYS D 136 23.37 7.70 -21.34
C CYS D 136 24.78 7.15 -21.19
N SER D 137 25.09 6.08 -21.92
CA SER D 137 26.42 5.49 -21.83
C SER D 137 27.49 6.48 -22.27
N ASP D 138 27.26 7.16 -23.40
CA ASP D 138 28.26 8.10 -23.92
C ASP D 138 28.48 9.24 -22.93
N LEU D 139 27.41 9.77 -22.35
CA LEU D 139 27.51 10.90 -21.45
C LEU D 139 28.16 10.49 -20.13
N LYS D 140 27.86 9.28 -19.65
CA LYS D 140 28.54 8.78 -18.46
C LYS D 140 30.04 8.64 -18.71
N PHE D 141 30.41 8.12 -19.87
CA PHE D 141 31.83 8.05 -20.21
C PHE D 141 32.45 9.43 -20.26
N ILE D 142 31.74 10.40 -20.84
CA ILE D 142 32.29 11.75 -20.97
C ILE D 142 32.49 12.37 -19.58
N MET D 143 31.51 12.21 -18.69
CA MET D 143 31.65 12.74 -17.34
C MET D 143 32.79 12.07 -16.60
N GLU D 144 32.93 10.75 -16.75
CA GLU D 144 34.04 10.06 -16.10
C GLU D 144 35.37 10.56 -16.63
N GLU D 145 35.47 10.77 -17.94
CA GLU D 145 36.71 11.29 -18.53
C GLU D 145 37.01 12.68 -18.02
N LEU D 146 35.99 13.53 -17.91
CA LEU D 146 36.21 14.88 -17.37
C LEU D 146 36.69 14.82 -15.93
N ASP D 147 36.09 13.97 -15.12
CA ASP D 147 36.54 13.83 -13.73
C ASP D 147 37.98 13.34 -13.68
N LYS D 148 38.33 12.36 -14.51
CA LYS D 148 39.68 11.81 -14.51
C LYS D 148 40.70 12.86 -14.94
N VAL D 149 40.39 13.63 -15.98
CA VAL D 149 41.34 14.64 -16.45
C VAL D 149 41.48 15.75 -15.42
N TYR D 150 40.38 16.12 -14.76
CA TYR D 150 40.49 17.11 -13.69
C TYR D 150 41.37 16.60 -12.56
N ASN D 151 41.19 15.34 -12.17
CA ASN D 151 42.02 14.75 -11.12
C ASN D 151 43.49 14.74 -11.54
N ARG D 152 43.77 14.35 -12.79
CA ARG D 152 45.15 14.32 -13.26
C ARG D 152 45.76 15.72 -13.27
N ALA D 153 44.99 16.72 -13.70
CA ALA D 153 45.51 18.08 -13.74
C ALA D 153 45.82 18.60 -12.34
N ILE D 154 44.92 18.34 -11.39
CA ILE D 154 45.16 18.82 -10.03
C ILE D 154 46.34 18.07 -9.41
N LYS D 155 46.47 16.78 -9.70
CA LYS D 155 47.63 16.03 -9.20
C LYS D 155 48.92 16.59 -9.79
N ALA D 156 48.93 16.91 -11.08
CA ALA D 156 50.11 17.49 -11.69
C ALA D 156 50.44 18.84 -11.07
N ALA D 157 49.42 19.66 -10.82
CA ALA D 157 49.66 20.97 -10.21
C ALA D 157 50.22 20.81 -8.79
N LYS D 158 49.68 19.86 -8.02
CA LYS D 158 50.19 19.63 -6.68
C LYS D 158 51.62 19.13 -6.71
N SER D 159 51.94 18.24 -7.64
CA SER D 159 53.31 17.74 -7.77
C SER D 159 54.27 18.87 -8.13
N ALA D 160 53.86 19.74 -9.05
CA ALA D 160 54.71 20.88 -9.42
C ALA D 160 54.91 21.81 -8.23
N ARG D 161 53.84 22.06 -7.47
CA ARG D 161 53.97 22.93 -6.29
C ARG D 161 54.90 22.33 -5.26
N ASP D 162 54.81 21.03 -5.03
CA ASP D 162 55.65 20.36 -4.04
C ASP D 162 57.08 20.22 -4.56
N PHE D 191 50.76 9.50 -21.68
CA PHE D 191 49.59 9.57 -22.55
C PHE D 191 49.24 11.01 -22.86
N LYS D 192 48.50 11.66 -21.95
CA LYS D 192 48.09 13.05 -22.12
C LYS D 192 47.39 13.25 -23.47
N TYR D 193 46.54 12.28 -23.83
CA TYR D 193 45.83 12.34 -25.11
C TYR D 193 44.42 12.85 -24.89
N PRO D 194 43.90 13.72 -25.77
CA PRO D 194 42.52 14.24 -25.58
C PRO D 194 41.47 13.27 -26.11
N ILE D 195 41.26 12.20 -25.34
CA ILE D 195 40.32 11.16 -25.73
C ILE D 195 38.89 11.73 -25.80
N VAL D 196 38.51 12.51 -24.80
CA VAL D 196 37.16 13.07 -24.77
C VAL D 196 36.96 14.03 -25.93
N GLU D 197 37.96 14.86 -26.23
CA GLU D 197 37.84 15.79 -27.35
C GLU D 197 37.72 15.05 -28.67
N GLN D 198 38.50 13.98 -28.85
CA GLN D 198 38.39 13.18 -30.06
C GLN D 198 37.01 12.54 -30.17
N TYR D 199 36.48 12.04 -29.05
CA TYR D 199 35.16 11.42 -29.07
C TYR D 199 34.09 12.44 -29.47
N LEU D 200 34.16 13.64 -28.89
CA LEU D 200 33.21 14.68 -29.26
C LEU D 200 33.33 15.06 -30.73
N LYS D 201 34.57 15.16 -31.21
CA LYS D 201 34.78 15.48 -32.62
C LYS D 201 34.16 14.41 -33.52
N THR D 202 34.32 13.14 -33.13
CA THR D 202 33.69 12.07 -33.90
C THR D 202 32.17 12.18 -33.86
N LYS D 203 31.62 12.52 -32.69
CA LYS D 203 30.18 12.75 -32.60
C LYS D 203 29.73 13.88 -33.51
N LYS D 204 30.63 14.83 -33.79
CA LYS D 204 30.30 15.91 -34.71
C LYS D 204 29.83 15.39 -36.05
N ASN D 205 30.33 14.24 -36.49
CA ASN D 205 29.98 13.68 -37.79
C ASN D 205 28.63 12.96 -37.77
N SER D 206 28.47 11.98 -36.91
CA SER D 206 27.25 11.21 -36.86
C SER D 206 26.06 12.08 -36.45
N ASN D 207 24.89 11.74 -36.98
CA ASN D 207 23.69 12.53 -36.73
C ASN D 207 22.45 11.69 -36.48
N ASN D 208 22.60 10.39 -36.20
CA ASN D 208 21.43 9.54 -36.02
C ASN D 208 20.62 9.97 -34.80
N LEU D 209 21.31 10.32 -33.72
CA LEU D 209 20.61 10.72 -32.49
C LEU D 209 19.84 12.02 -32.71
N ILE D 210 20.48 13.00 -33.36
CA ILE D 210 19.80 14.27 -33.59
C ILE D 210 18.64 14.09 -34.56
N ILE D 211 18.81 13.21 -35.55
CA ILE D 211 17.71 12.95 -36.48
C ILE D 211 16.53 12.33 -35.76
N LYS D 212 16.80 11.36 -34.87
CA LYS D 212 15.72 10.76 -34.10
C LYS D 212 15.05 11.79 -33.20
N TYR D 213 15.84 12.65 -32.56
CA TYR D 213 15.29 13.67 -31.69
C TYR D 213 14.38 14.61 -32.47
N ILE D 214 14.86 15.10 -33.61
CA ILE D 214 14.06 16.01 -34.41
C ILE D 214 12.81 15.32 -34.94
N SER D 215 12.92 14.04 -35.32
CA SER D 215 11.76 13.32 -35.82
C SER D 215 10.70 13.17 -34.73
N CYS D 216 11.12 12.82 -33.52
CA CYS D 216 10.15 12.64 -32.44
C CYS D 216 9.52 13.98 -32.06
N ARG D 217 10.32 15.05 -32.01
CA ARG D 217 9.77 16.37 -31.73
C ARG D 217 8.79 16.80 -32.81
N LEU D 218 9.11 16.53 -34.08
CA LEU D 218 8.23 16.90 -35.17
C LEU D 218 6.93 16.13 -35.13
N LEU D 219 7.00 14.83 -34.82
CA LEU D 219 5.79 14.04 -34.67
C LEU D 219 4.94 14.55 -33.51
N THR D 220 5.58 14.92 -32.40
CA THR D 220 4.84 15.51 -31.29
C THR D 220 4.16 16.80 -31.72
N LEU D 221 4.86 17.64 -32.47
CA LEU D 221 4.27 18.89 -32.95
C LEU D 221 3.09 18.62 -33.86
N ILE D 222 3.21 17.64 -34.76
CA ILE D 222 2.13 17.33 -35.68
C ILE D 222 0.91 16.82 -34.92
N ILE D 223 1.15 15.95 -33.93
CA ILE D 223 0.06 15.44 -33.12
C ILE D 223 -0.61 16.58 -32.37
N ILE D 224 0.18 17.51 -31.84
CA ILE D 224 -0.39 18.66 -31.13
C ILE D 224 -1.23 19.51 -32.07
N LEU D 225 -0.75 19.74 -33.29
CA LEU D 225 -1.52 20.53 -34.24
C LEU D 225 -2.82 19.83 -34.61
N LEU D 226 -2.78 18.53 -34.84
CA LEU D 226 -4.00 17.79 -35.15
C LEU D 226 -4.98 17.84 -33.98
N ALA D 227 -4.46 17.72 -32.76
CA ALA D 227 -5.32 17.82 -31.58
C ALA D 227 -5.94 19.21 -31.50
N CYS D 228 -5.17 20.25 -31.80
CA CYS D 228 -5.72 21.61 -31.81
C CYS D 228 -6.83 21.75 -32.85
N ILE D 229 -6.61 21.19 -34.03
CA ILE D 229 -7.65 21.24 -35.07
C ILE D 229 -8.92 20.57 -34.57
N TYR D 230 -8.77 19.37 -33.99
CA TYR D 230 -9.94 18.63 -33.52
C TYR D 230 -10.64 19.39 -32.41
N LEU D 231 -9.89 19.95 -31.46
CA LEU D 231 -10.51 20.64 -30.34
C LEU D 231 -11.20 21.92 -30.79
N GLY D 232 -10.61 22.63 -31.75
CA GLY D 232 -11.28 23.80 -32.30
C GLY D 232 -12.57 23.43 -32.99
N TYR D 233 -12.55 22.35 -33.78
CA TYR D 233 -13.79 21.90 -34.41
C TYR D 233 -14.84 21.51 -33.38
N TYR D 234 -14.41 20.80 -32.32
CA TYR D 234 -15.34 20.36 -31.30
C TYR D 234 -15.94 21.53 -30.54
N PHE D 235 -15.13 22.55 -30.24
CA PHE D 235 -15.60 23.73 -29.53
C PHE D 235 -16.41 24.66 -30.43
N SER D 236 -16.26 24.55 -31.75
CA SER D 236 -17.00 25.40 -32.67
C SER D 236 -18.43 24.91 -32.90
N LEU D 237 -18.79 23.75 -32.37
CA LEU D 237 -20.16 23.24 -32.54
C LEU D 237 -21.16 24.26 -32.01
N SER D 238 -22.41 24.10 -32.45
CA SER D 238 -23.47 25.03 -32.10
C SER D 238 -23.88 24.95 -30.64
N SER D 239 -23.41 23.93 -29.91
CA SER D 239 -23.78 23.65 -28.52
C SER D 239 -25.16 23.02 -28.43
N LEU D 240 -25.92 22.95 -29.51
CA LEU D 240 -27.20 22.26 -29.55
C LEU D 240 -27.12 20.94 -30.30
N SER D 241 -25.95 20.59 -30.83
CA SER D 241 -25.79 19.30 -31.49
C SER D 241 -25.89 18.15 -30.50
N ASP D 242 -25.67 18.42 -29.21
CA ASP D 242 -25.84 17.40 -28.19
C ASP D 242 -27.29 16.94 -28.11
N GLU D 243 -28.25 17.76 -28.54
CA GLU D 243 -29.65 17.38 -28.57
C GLU D 243 -29.94 16.76 -29.94
N PHE D 244 -30.31 15.48 -29.95
CA PHE D 244 -30.63 14.77 -31.18
C PHE D 244 -31.93 14.01 -31.01
N VAL D 245 -32.62 13.81 -32.12
CA VAL D 245 -33.88 13.07 -32.12
C VAL D 245 -33.57 11.59 -32.30
N CYS D 246 -34.23 10.76 -31.49
CA CYS D 246 -33.95 9.33 -31.43
C CYS D 246 -35.24 8.56 -31.67
N SER D 247 -35.14 7.47 -32.44
CA SER D 247 -36.30 6.69 -32.85
C SER D 247 -36.04 5.22 -32.54
N ILE D 248 -36.74 4.68 -31.55
CA ILE D 248 -36.72 3.24 -31.27
C ILE D 248 -37.86 2.64 -32.07
N LYS D 249 -37.63 2.49 -33.38
CA LYS D 249 -38.67 2.06 -34.30
C LYS D 249 -38.12 1.05 -35.30
N SER D 250 -37.15 0.24 -34.85
CA SER D 250 -36.59 -0.82 -35.66
C SER D 250 -36.92 -2.16 -35.03
N GLY D 251 -37.31 -3.12 -35.88
CA GLY D 251 -37.67 -4.43 -35.41
C GLY D 251 -39.17 -4.57 -35.21
N ILE D 252 -39.56 -5.23 -34.12
CA ILE D 252 -40.98 -5.41 -33.83
C ILE D 252 -41.64 -4.12 -33.42
N LEU D 253 -40.87 -3.14 -32.96
CA LEU D 253 -41.40 -1.86 -32.51
C LEU D 253 -41.57 -0.86 -33.65
N ARG D 254 -41.21 -1.24 -34.88
CA ARG D 254 -41.27 -0.30 -35.99
C ARG D 254 -42.70 0.15 -36.26
N ASN D 255 -43.65 -0.78 -36.21
CA ASN D 255 -45.05 -0.48 -36.46
C ASN D 255 -45.87 -0.41 -35.18
N ASP D 256 -45.23 -0.47 -34.02
CA ASP D 256 -45.95 -0.32 -32.76
C ASP D 256 -46.53 1.08 -32.64
N SER D 257 -47.69 1.18 -32.02
CA SER D 257 -48.42 2.45 -31.94
C SER D 257 -48.22 3.17 -30.62
N THR D 258 -48.24 2.43 -29.50
CA THR D 258 -48.14 3.09 -28.19
C THR D 258 -46.84 3.85 -28.03
N VAL D 259 -45.80 3.45 -28.76
CA VAL D 259 -44.49 4.12 -28.64
C VAL D 259 -44.48 5.35 -29.55
N PRO D 260 -44.05 6.52 -29.07
CA PRO D 260 -43.96 7.68 -29.95
C PRO D 260 -42.92 7.49 -31.04
N ASP D 261 -43.15 8.17 -32.16
CA ASP D 261 -42.28 8.00 -33.32
C ASP D 261 -40.85 8.43 -33.00
N GLN D 262 -40.67 9.31 -32.03
CA GLN D 262 -39.33 9.82 -31.73
C GLN D 262 -39.31 10.39 -30.32
N PHE D 263 -38.09 10.63 -29.84
CA PHE D 263 -37.84 11.12 -28.50
C PHE D 263 -36.82 12.27 -28.58
N GLN D 264 -36.81 13.09 -27.54
CA GLN D 264 -35.86 14.19 -27.44
C GLN D 264 -34.75 13.77 -26.48
N CYS D 265 -33.58 13.47 -27.03
CA CYS D 265 -32.43 13.05 -26.25
C CYS D 265 -31.38 14.16 -26.25
N LYS D 266 -30.71 14.31 -25.11
CA LYS D 266 -29.65 15.28 -24.95
C LYS D 266 -28.44 14.59 -24.33
N LEU D 267 -27.26 14.88 -24.88
CA LEU D 267 -26.01 14.32 -24.37
C LEU D 267 -25.48 15.27 -23.30
N ILE D 268 -25.61 14.87 -22.04
CA ILE D 268 -25.12 15.69 -20.95
C ILE D 268 -23.60 15.72 -20.98
N ALA D 269 -23.03 16.73 -20.33
CA ALA D 269 -21.60 16.95 -20.21
C ALA D 269 -20.95 17.42 -21.51
N VAL D 270 -21.73 17.69 -22.56
CA VAL D 270 -21.14 18.18 -23.79
C VAL D 270 -20.60 19.59 -23.61
N GLY D 271 -21.29 20.42 -22.82
CA GLY D 271 -20.75 21.74 -22.52
C GLY D 271 -19.44 21.65 -21.75
N ILE D 272 -19.35 20.74 -20.79
CA ILE D 272 -18.10 20.52 -20.07
C ILE D 272 -17.02 20.05 -21.03
N PHE D 273 -17.38 19.15 -21.95
CA PHE D 273 -16.42 18.68 -22.94
C PHE D 273 -15.89 19.85 -23.77
N GLN D 274 -16.77 20.74 -24.20
CA GLN D 274 -16.35 21.88 -25.00
C GLN D 274 -15.46 22.82 -24.21
N LEU D 275 -15.81 23.09 -22.95
CA LEU D 275 -14.99 23.94 -22.10
C LEU D 275 -13.59 23.35 -21.94
N LEU D 276 -13.51 22.07 -21.58
CA LEU D 276 -12.22 21.44 -21.40
C LEU D 276 -11.46 21.34 -22.71
N SER D 277 -12.17 21.20 -23.82
CA SER D 277 -11.51 21.13 -25.12
C SER D 277 -10.89 22.47 -25.49
N VAL D 278 -11.59 23.57 -25.21
CA VAL D 278 -10.98 24.87 -25.49
C VAL D 278 -9.81 25.13 -24.54
N ILE D 279 -9.90 24.65 -23.30
CA ILE D 279 -8.77 24.78 -22.38
C ILE D 279 -7.56 24.03 -22.94
N ASN D 280 -7.78 22.80 -23.40
CA ASN D 280 -6.69 22.02 -23.97
C ASN D 280 -6.15 22.67 -25.24
N LEU D 281 -7.04 23.26 -26.03
CA LEU D 281 -6.61 23.97 -27.23
C LEU D 281 -5.70 25.14 -26.88
N VAL D 282 -6.08 25.91 -25.86
CA VAL D 282 -5.24 27.03 -25.43
C VAL D 282 -3.89 26.53 -24.97
N VAL D 283 -3.89 25.47 -24.16
CA VAL D 283 -2.63 24.94 -23.63
C VAL D 283 -1.74 24.46 -24.78
N TYR D 284 -2.33 23.76 -25.74
CA TYR D 284 -1.54 23.20 -26.83
C TYR D 284 -1.02 24.27 -27.77
N VAL D 285 -1.81 25.32 -28.03
CA VAL D 285 -1.32 26.40 -28.88
C VAL D 285 -0.20 27.16 -28.17
N LEU D 286 -0.29 27.31 -26.85
CA LEU D 286 0.81 27.90 -26.11
C LEU D 286 2.04 26.99 -26.13
N LEU D 287 1.82 25.68 -26.13
CA LEU D 287 2.93 24.73 -26.06
C LEU D 287 3.64 24.56 -27.40
N ALA D 288 2.91 24.66 -28.51
CA ALA D 288 3.51 24.41 -29.81
C ALA D 288 4.72 25.31 -30.10
N PRO D 289 4.69 26.61 -29.79
CA PRO D 289 5.92 27.40 -29.95
C PRO D 289 7.10 26.82 -29.20
N VAL D 290 6.87 26.25 -28.02
CA VAL D 290 7.94 25.61 -27.27
C VAL D 290 8.54 24.45 -28.06
N VAL D 291 7.68 23.64 -28.68
CA VAL D 291 8.16 22.51 -29.47
C VAL D 291 8.93 23.00 -30.69
N VAL D 292 8.44 24.06 -31.32
CA VAL D 292 9.15 24.62 -32.49
C VAL D 292 10.52 25.12 -32.07
N TYR D 293 10.59 25.82 -30.94
CA TYR D 293 11.88 26.28 -30.43
C TYR D 293 12.79 25.10 -30.11
N THR D 294 12.21 24.01 -29.59
CA THR D 294 12.99 22.82 -29.31
C THR D 294 13.58 22.23 -30.59
N LEU D 295 12.79 22.25 -31.68
CA LEU D 295 13.27 21.68 -32.93
C LEU D 295 14.57 22.33 -33.38
N PHE D 296 14.74 23.63 -33.13
CA PHE D 296 15.95 24.35 -33.53
C PHE D 296 17.01 24.17 -32.46
N VAL D 297 17.55 22.95 -32.39
CA VAL D 297 18.56 22.64 -31.38
C VAL D 297 19.83 23.47 -31.55
N PRO D 298 20.34 23.73 -32.77
CA PRO D 298 21.60 24.47 -32.84
C PRO D 298 21.54 25.84 -32.17
N PHE D 299 20.42 26.53 -32.32
CA PHE D 299 20.25 27.81 -31.64
C PHE D 299 20.27 27.64 -30.12
N ARG D 300 19.64 26.57 -29.63
CA ARG D 300 19.69 26.27 -28.21
C ARG D 300 21.10 25.96 -27.73
N GLN D 301 21.96 25.46 -28.63
CA GLN D 301 23.32 25.13 -28.26
C GLN D 301 24.13 26.40 -28.02
N LYS D 302 24.18 26.85 -26.77
CA LYS D 302 24.92 28.05 -26.41
C LYS D 302 25.41 27.90 -24.98
N THR D 303 26.14 28.91 -24.50
CA THR D 303 26.73 28.88 -23.17
C THR D 303 27.64 27.65 -23.01
N ASP D 304 28.68 27.64 -23.83
CA ASP D 304 29.54 26.47 -23.97
C ASP D 304 29.92 25.90 -22.61
N VAL D 305 29.47 24.67 -22.35
CA VAL D 305 29.77 24.01 -21.09
C VAL D 305 31.26 23.67 -21.00
N LEU D 306 31.84 23.24 -22.11
CA LEU D 306 33.23 22.82 -22.14
C LEU D 306 34.22 23.97 -22.12
N LYS D 307 33.75 25.21 -22.32
CA LYS D 307 34.65 26.35 -22.30
C LYS D 307 35.33 26.50 -20.95
N VAL D 308 34.68 26.06 -19.87
CA VAL D 308 35.26 26.20 -18.55
C VAL D 308 36.47 25.29 -18.38
N TYR D 309 36.46 24.13 -19.04
CA TYR D 309 37.55 23.16 -18.91
C TYR D 309 38.80 23.55 -19.70
N GLU D 310 38.74 24.61 -20.50
CA GLU D 310 39.87 24.97 -21.35
C GLU D 310 41.06 25.51 -20.56
N ILE D 311 40.89 25.81 -19.28
CA ILE D 311 41.96 26.40 -18.48
C ILE D 311 42.79 25.31 -17.83
N LEU D 312 42.38 24.05 -18.01
CA LEU D 312 43.14 22.93 -17.45
C LEU D 312 44.35 22.63 -18.33
N PRO D 313 45.57 22.58 -17.76
CA PRO D 313 46.73 22.21 -18.58
C PRO D 313 46.57 20.86 -19.25
N THR D 314 45.91 19.89 -18.59
CA THR D 314 45.77 18.56 -19.14
C THR D 314 44.68 18.46 -20.20
N PHE D 315 43.90 19.52 -20.41
CA PHE D 315 42.82 19.54 -21.39
C PHE D 315 43.17 20.51 -22.51
N ASP D 316 43.07 20.03 -23.75
CA ASP D 316 43.39 20.87 -24.89
C ASP D 316 42.42 22.04 -25.00
N VAL D 317 42.94 23.17 -25.46
CA VAL D 317 42.14 24.41 -25.56
C VAL D 317 41.46 24.37 -26.93
N LEU D 318 40.34 23.65 -26.99
CA LEU D 318 39.56 23.56 -28.22
C LEU D 318 38.15 23.10 -27.87
N HIS D 319 37.16 23.97 -28.11
CA HIS D 319 35.78 23.60 -27.87
C HIS D 319 35.20 22.86 -29.08
N PHE D 320 35.13 23.54 -30.21
CA PHE D 320 34.70 22.95 -31.48
C PHE D 320 33.35 22.25 -31.33
N LYS D 321 32.36 23.00 -30.85
CA LYS D 321 31.00 22.49 -30.72
C LYS D 321 30.03 23.66 -30.92
N SER D 322 29.58 23.82 -32.15
CA SER D 322 28.58 24.85 -32.48
C SER D 322 28.26 24.77 -33.96
N GLU D 323 27.11 25.33 -34.33
CA GLU D 323 26.71 25.53 -35.72
C GLU D 323 26.74 24.21 -36.50
N GLY D 324 25.87 23.30 -36.08
CA GLY D 324 25.77 22.01 -36.75
C GLY D 324 24.49 21.25 -36.47
N TYR D 325 23.85 20.75 -37.52
CA TYR D 325 22.72 19.83 -37.39
C TYR D 325 23.23 18.40 -37.17
N ASN D 326 23.97 18.24 -36.08
CA ASN D 326 24.63 16.98 -35.77
C ASN D 326 24.39 16.62 -34.31
N ASP D 327 24.72 15.38 -33.97
CA ASP D 327 24.54 14.91 -32.60
C ASP D 327 25.39 15.69 -31.60
N LEU D 328 26.41 16.42 -32.07
CA LEU D 328 27.26 17.17 -31.16
C LEU D 328 26.47 18.24 -30.43
N SER D 329 25.59 18.94 -31.13
CA SER D 329 24.78 19.97 -30.49
C SER D 329 23.86 19.36 -29.44
N LEU D 330 23.26 18.21 -29.76
CA LEU D 330 22.38 17.55 -28.79
C LEU D 330 23.16 17.10 -27.56
N TYR D 331 24.37 16.58 -27.77
CA TYR D 331 25.22 16.21 -26.63
C TYR D 331 25.59 17.43 -25.82
N ASN D 332 25.85 18.57 -26.47
CA ASN D 332 26.12 19.79 -25.74
C ASN D 332 24.93 20.20 -24.89
N LEU D 333 23.72 20.06 -25.44
CA LEU D 333 22.52 20.37 -24.66
C LEU D 333 22.40 19.47 -23.45
N PHE D 334 22.59 18.16 -23.65
CA PHE D 334 22.48 17.22 -22.54
C PHE D 334 23.54 17.49 -21.49
N LEU D 335 24.75 17.86 -21.91
CA LEU D 335 25.79 18.24 -20.95
C LEU D 335 25.38 19.47 -20.17
N GLU D 336 24.98 20.55 -20.85
CA GLU D 336 24.54 21.75 -20.15
C GLU D 336 23.38 21.45 -19.22
N GLU D 337 22.61 20.40 -19.50
CA GLU D 337 21.49 20.04 -18.65
C GLU D 337 21.96 19.30 -17.39
N ASN D 338 22.71 18.21 -17.56
CA ASN D 338 23.04 17.31 -16.46
C ASN D 338 24.53 17.31 -16.11
N ILE D 339 25.22 18.45 -16.25
CA ILE D 339 26.61 18.57 -15.83
C ILE D 339 26.74 19.14 -14.43
N SER D 340 25.67 19.69 -13.87
CA SER D 340 25.75 20.27 -12.53
C SER D 340 26.13 19.23 -11.49
N GLU D 341 25.89 17.96 -11.77
CA GLU D 341 26.21 16.88 -10.85
C GLU D 341 27.69 16.58 -10.78
N VAL D 342 28.51 17.20 -11.62
CA VAL D 342 29.94 16.91 -11.70
C VAL D 342 30.69 17.90 -10.82
N LYS D 343 31.39 17.37 -9.82
CA LYS D 343 32.13 18.22 -8.88
C LYS D 343 33.24 18.98 -9.59
N SER D 344 33.94 18.31 -10.51
CA SER D 344 35.01 19.00 -11.25
C SER D 344 34.45 20.16 -12.07
N TYR D 345 33.32 19.94 -12.73
CA TYR D 345 32.69 21.01 -13.50
C TYR D 345 32.27 22.15 -12.58
N LYS D 346 31.71 21.84 -11.43
CA LYS D 346 31.31 22.90 -10.49
C LYS D 346 32.52 23.70 -10.03
N CYS D 347 33.61 23.01 -9.70
CA CYS D 347 34.82 23.69 -9.28
C CYS D 347 35.35 24.60 -10.38
N LEU D 348 35.41 24.09 -11.61
CA LEU D 348 35.89 24.91 -12.71
C LEU D 348 34.96 26.10 -12.95
N LYS D 349 33.66 25.92 -12.75
CA LYS D 349 32.72 27.02 -12.92
C LYS D 349 32.95 28.11 -11.90
N VAL D 350 33.18 27.75 -10.64
CA VAL D 350 33.45 28.76 -9.63
C VAL D 350 34.79 29.43 -9.91
N LEU D 351 35.78 28.67 -10.39
CA LEU D 351 37.04 29.29 -10.79
C LEU D 351 36.82 30.32 -11.91
N GLU D 352 36.01 29.96 -12.90
CA GLU D 352 35.71 30.88 -13.98
C GLU D 352 35.02 32.13 -13.45
N ASN D 353 34.02 31.96 -12.57
CA ASN D 353 33.30 33.09 -12.04
C ASN D 353 34.23 34.02 -11.26
N ILE D 354 35.14 33.45 -10.47
CA ILE D 354 36.12 34.26 -9.76
C ILE D 354 37.04 34.98 -10.74
N LYS D 355 37.36 34.33 -11.87
CA LYS D 355 38.25 34.94 -12.85
C LYS D 355 37.64 36.21 -13.45
N SER D 356 36.34 36.42 -13.28
CA SER D 356 35.73 37.65 -13.79
C SER D 356 36.40 38.88 -13.18
N SER D 357 36.67 38.85 -11.88
CA SER D 357 37.41 39.94 -11.25
C SER D 357 38.88 39.89 -11.63
N GLY D 358 39.44 38.70 -11.77
CA GLY D 358 40.84 38.56 -12.14
C GLY D 358 41.82 38.83 -11.02
N GLN D 359 41.35 38.87 -9.78
CA GLN D 359 42.24 39.18 -8.66
C GLN D 359 43.33 38.12 -8.50
N GLY D 360 42.95 36.85 -8.63
CA GLY D 360 43.90 35.77 -8.42
C GLY D 360 44.38 35.12 -9.70
N ILE D 361 44.74 33.84 -9.60
CA ILE D 361 45.25 33.07 -10.74
C ILE D 361 44.50 31.74 -10.80
N ASP D 362 44.17 31.31 -12.02
CA ASP D 362 43.43 30.07 -12.19
C ASP D 362 44.16 28.86 -11.62
N PRO D 363 45.43 28.61 -11.95
CA PRO D 363 46.11 27.45 -11.35
C PRO D 363 46.23 27.54 -9.85
N MET D 364 46.48 28.73 -9.30
CA MET D 364 46.57 28.86 -7.85
C MET D 364 45.25 28.54 -7.19
N LEU D 365 44.14 29.05 -7.76
CA LEU D 365 42.83 28.76 -7.21
C LEU D 365 42.52 27.27 -7.31
N LEU D 366 42.87 26.65 -8.43
CA LEU D 366 42.62 25.22 -8.58
C LEU D 366 43.39 24.41 -7.55
N LEU D 367 44.66 24.77 -7.33
CA LEU D 367 45.46 24.08 -6.32
C LEU D 367 44.87 24.27 -4.94
N THR D 368 44.45 25.50 -4.62
CA THR D 368 43.89 25.77 -3.29
C THR D 368 42.56 25.06 -3.08
N ASN D 369 41.79 24.85 -4.14
CA ASN D 369 40.47 24.25 -4.00
C ASN D 369 40.56 22.86 -3.39
N LEU D 370 41.49 22.04 -3.88
CA LEU D 370 41.65 20.67 -3.41
C LEU D 370 40.32 19.93 -3.46
N GLY D 371 39.79 19.81 -4.67
CA GLY D 371 38.48 19.20 -4.88
C GLY D 371 38.54 17.94 -5.72
N MET D 372 39.55 17.09 -5.47
CA MET D 372 39.70 15.87 -6.26
C MET D 372 38.44 15.01 -6.19
N ILE D 373 37.91 14.82 -4.99
CA ILE D 373 36.71 14.03 -4.81
C ILE D 373 36.16 14.22 -3.40
N ALA E 2 -11.22 4.84 -13.69
CA ALA E 2 -11.46 5.86 -14.70
C ALA E 2 -10.60 5.63 -15.93
N ILE E 3 -10.92 6.32 -17.03
CA ILE E 3 -10.19 6.16 -18.27
C ILE E 3 -8.72 6.51 -18.06
N ALA E 4 -8.46 7.63 -17.37
CA ALA E 4 -7.08 8.05 -17.15
C ALA E 4 -6.33 7.05 -16.28
N GLN E 5 -7.01 6.48 -15.28
CA GLN E 5 -6.38 5.44 -14.47
C GLN E 5 -5.98 4.24 -15.31
N LEU E 6 -6.87 3.80 -16.20
CA LEU E 6 -6.54 2.68 -17.08
C LEU E 6 -5.35 3.01 -17.96
N ALA E 7 -5.33 4.23 -18.51
CA ALA E 7 -4.21 4.64 -19.34
C ALA E 7 -2.91 4.60 -18.54
N THR E 8 -2.93 5.14 -17.33
CA THR E 8 -1.71 5.13 -16.52
C THR E 8 -1.25 3.72 -16.24
N GLU E 9 -2.18 2.82 -15.93
CA GLU E 9 -1.81 1.44 -15.65
C GLU E 9 -1.21 0.75 -16.86
N TYR E 10 -1.79 0.96 -18.04
CA TYR E 10 -1.51 0.09 -19.17
C TYR E 10 -0.56 0.65 -20.22
N VAL E 11 -0.39 1.98 -20.32
CA VAL E 11 0.51 2.57 -21.29
C VAL E 11 1.60 3.41 -20.63
N PHE E 12 1.26 4.20 -19.62
CA PHE E 12 2.22 5.09 -18.99
C PHE E 12 2.96 4.43 -17.82
N SER E 13 2.58 3.23 -17.43
CA SER E 13 3.26 2.48 -16.38
C SER E 13 4.11 1.37 -16.98
N ASP E 14 4.89 0.72 -16.13
CA ASP E 14 5.74 -0.39 -16.53
C ASP E 14 4.94 -1.70 -16.56
N PHE E 15 3.92 -1.72 -17.41
CA PHE E 15 3.07 -2.89 -17.57
C PHE E 15 3.79 -3.89 -18.46
N LEU E 16 4.16 -5.03 -17.88
CA LEU E 16 4.93 -6.07 -18.56
C LEU E 16 6.33 -5.59 -18.96
N LEU E 17 6.72 -4.39 -18.52
CA LEU E 17 8.07 -3.88 -18.71
C LEU E 17 8.95 -4.11 -17.49
N LYS E 18 8.44 -4.81 -16.48
CA LYS E 18 9.21 -5.04 -15.27
C LYS E 18 10.37 -6.00 -15.55
N GLU E 19 11.56 -5.63 -15.10
CA GLU E 19 12.70 -6.51 -15.24
C GLU E 19 12.54 -7.72 -14.31
N PRO E 20 13.17 -8.84 -14.63
CA PRO E 20 13.06 -10.02 -13.76
C PRO E 20 13.42 -9.68 -12.33
N THR E 21 12.49 -9.94 -11.41
CA THR E 21 12.68 -9.63 -10.00
C THR E 21 13.45 -10.78 -9.35
N GLU E 22 14.76 -10.78 -9.58
CA GLU E 22 15.63 -11.78 -9.00
C GLU E 22 17.09 -11.39 -9.20
N PRO E 23 18.01 -11.81 -8.32
CA PRO E 23 19.42 -11.47 -8.50
C PRO E 23 20.10 -12.23 -9.63
N LYS E 24 19.47 -13.27 -10.17
CA LYS E 24 20.10 -14.06 -11.22
C LYS E 24 20.35 -13.21 -12.46
N PHE E 25 19.37 -12.40 -12.84
CA PHE E 25 19.46 -11.52 -14.02
C PHE E 25 19.51 -10.08 -13.53
N LYS E 26 20.71 -9.59 -13.25
CA LYS E 26 20.91 -8.22 -12.78
C LYS E 26 21.30 -7.36 -13.98
N GLY E 27 20.35 -6.61 -14.51
CA GLY E 27 20.58 -5.74 -15.64
C GLY E 27 20.48 -6.41 -16.99
N LEU E 28 20.14 -7.69 -17.05
CA LEU E 28 19.99 -8.41 -18.30
C LEU E 28 18.54 -8.32 -18.76
N ARG E 29 18.32 -7.75 -19.95
CA ARG E 29 16.97 -7.62 -20.47
C ARG E 29 16.34 -9.00 -20.67
N LEU E 30 17.08 -9.94 -21.25
CA LEU E 30 16.61 -11.27 -21.59
C LEU E 30 15.51 -11.26 -22.64
N GLU E 31 15.16 -10.10 -23.18
CA GLU E 31 14.15 -9.99 -24.22
C GLU E 31 14.48 -8.77 -25.06
N LEU E 32 14.51 -8.95 -26.38
CA LEU E 32 14.85 -7.85 -27.27
C LEU E 32 13.83 -6.73 -27.13
N ALA E 33 14.27 -5.50 -27.40
CA ALA E 33 13.38 -4.35 -27.25
C ALA E 33 12.18 -4.47 -28.16
N VAL E 34 12.38 -4.89 -29.40
CA VAL E 34 11.27 -5.00 -30.35
C VAL E 34 10.29 -6.07 -29.89
N ASP E 35 10.80 -7.21 -29.42
CA ASP E 35 9.92 -8.27 -28.95
C ASP E 35 9.13 -7.82 -27.73
N LYS E 36 9.79 -7.11 -26.81
CA LYS E 36 9.10 -6.62 -25.63
C LYS E 36 8.02 -5.62 -26.00
N MET E 37 8.31 -4.74 -26.95
CA MET E 37 7.29 -3.80 -27.44
C MET E 37 6.12 -4.54 -28.05
N VAL E 38 6.40 -5.54 -28.89
CA VAL E 38 5.34 -6.29 -29.55
C VAL E 38 4.46 -6.98 -28.53
N THR E 39 5.08 -7.66 -27.56
CA THR E 39 4.31 -8.35 -26.54
C THR E 39 3.49 -7.37 -25.70
N CYS E 40 4.11 -6.26 -25.30
CA CYS E 40 3.41 -5.28 -24.48
C CYS E 40 2.20 -4.73 -25.20
N ILE E 41 2.36 -4.37 -26.48
CA ILE E 41 1.22 -3.88 -27.25
C ILE E 41 0.16 -4.97 -27.37
N ALA E 42 0.55 -6.13 -27.92
CA ALA E 42 -0.42 -7.17 -28.22
C ALA E 42 -1.16 -7.66 -26.98
N VAL E 43 -0.60 -7.48 -25.79
CA VAL E 43 -1.25 -7.91 -24.57
C VAL E 43 -2.04 -6.78 -23.92
N GLY E 44 -1.42 -5.63 -23.70
CA GLY E 44 -2.07 -4.54 -23.00
C GLY E 44 -2.99 -3.69 -23.83
N LEU E 45 -3.06 -3.92 -25.14
CA LEU E 45 -4.04 -3.19 -25.96
C LEU E 45 -5.42 -3.80 -25.76
N PRO E 46 -5.60 -5.10 -25.98
CA PRO E 46 -6.93 -5.68 -25.75
C PRO E 46 -7.42 -5.49 -24.33
N LEU E 47 -6.54 -5.57 -23.33
CA LEU E 47 -6.95 -5.32 -21.96
C LEU E 47 -7.41 -3.87 -21.79
N LEU E 48 -6.66 -2.94 -22.38
CA LEU E 48 -7.05 -1.53 -22.30
C LEU E 48 -8.41 -1.31 -22.94
N LEU E 49 -8.66 -1.95 -24.09
CA LEU E 49 -9.94 -1.80 -24.77
C LEU E 49 -11.06 -2.41 -23.96
N ILE E 50 -10.82 -3.57 -23.33
CA ILE E 50 -11.82 -4.16 -22.45
C ILE E 50 -12.18 -3.18 -21.35
N SER E 51 -11.17 -2.61 -20.70
CA SER E 51 -11.42 -1.68 -19.61
C SER E 51 -12.17 -0.44 -20.11
N LEU E 52 -11.77 0.08 -21.28
CA LEU E 52 -12.40 1.28 -21.81
C LEU E 52 -13.87 1.03 -22.15
N ALA E 53 -14.17 -0.11 -22.77
CA ALA E 53 -15.53 -0.35 -23.24
C ALA E 53 -16.54 -0.36 -22.11
N PHE E 54 -16.11 -0.59 -20.88
CA PHE E 54 -17.00 -0.63 -19.72
C PHE E 54 -16.63 0.43 -18.70
N ALA E 55 -16.02 1.52 -19.17
CA ALA E 55 -15.69 2.63 -18.30
C ALA E 55 -16.97 3.30 -17.79
N GLN E 56 -16.89 3.83 -16.58
CA GLN E 56 -18.07 4.41 -15.94
C GLN E 56 -18.65 5.57 -16.73
N GLU E 57 -17.83 6.22 -17.57
CA GLU E 57 -18.30 7.33 -18.39
C GLU E 57 -18.90 6.89 -19.71
N ILE E 58 -18.21 6.01 -20.46
CA ILE E 58 -18.73 5.54 -21.74
C ILE E 58 -19.94 4.63 -21.58
N SER E 59 -20.12 4.01 -20.42
CA SER E 59 -21.17 3.02 -20.22
C SER E 59 -22.41 3.73 -19.72
N ILE E 60 -23.51 3.61 -20.47
CA ILE E 60 -24.78 4.18 -20.04
C ILE E 60 -25.30 3.43 -18.81
N GLY E 61 -25.06 2.13 -18.73
CA GLY E 61 -25.60 1.32 -17.67
C GLY E 61 -25.55 -0.16 -17.99
N THR E 62 -26.69 -0.83 -17.88
CA THR E 62 -26.75 -2.26 -18.15
C THR E 62 -26.47 -2.53 -19.63
N GLN E 63 -26.00 -3.74 -19.91
CA GLN E 63 -25.53 -4.10 -21.24
C GLN E 63 -26.64 -4.56 -22.17
N ILE E 64 -27.89 -4.64 -21.70
CA ILE E 64 -29.00 -5.05 -22.56
C ILE E 64 -30.29 -4.49 -21.96
N SER E 65 -31.16 -4.00 -22.85
CA SER E 65 -32.47 -3.51 -22.45
C SER E 65 -33.49 -4.03 -23.45
N CYS E 66 -34.58 -4.61 -22.95
CA CYS E 66 -35.53 -5.32 -23.79
C CYS E 66 -36.84 -4.59 -24.02
N PHE E 67 -37.07 -3.47 -23.34
CA PHE E 67 -38.27 -2.65 -23.56
C PHE E 67 -39.54 -3.48 -23.30
N SER E 68 -39.71 -3.84 -22.03
CA SER E 68 -40.91 -4.52 -21.61
C SER E 68 -42.11 -3.56 -21.68
N PRO E 69 -43.32 -4.11 -21.79
CA PRO E 69 -44.50 -3.24 -21.82
C PRO E 69 -44.60 -2.36 -20.58
N SER E 70 -45.39 -1.29 -20.70
CA SER E 70 -45.60 -0.40 -19.57
C SER E 70 -46.27 -1.13 -18.41
N SER E 71 -47.18 -2.05 -18.71
CA SER E 71 -47.85 -2.81 -17.65
C SER E 71 -46.85 -3.59 -16.82
N PHE E 72 -45.73 -3.99 -17.42
CA PHE E 72 -44.73 -4.76 -16.69
C PHE E 72 -44.11 -3.92 -15.58
N SER E 73 -43.87 -4.57 -14.45
CA SER E 73 -43.22 -3.91 -13.33
C SER E 73 -41.71 -3.90 -13.57
N TRP E 74 -40.99 -3.18 -12.71
CA TRP E 74 -39.55 -3.06 -12.86
C TRP E 74 -38.88 -4.42 -12.83
N ARG E 75 -39.22 -5.28 -11.87
CA ARG E 75 -38.54 -6.56 -11.78
C ARG E 75 -39.02 -7.54 -12.84
N GLN E 76 -40.24 -7.39 -13.35
CA GLN E 76 -40.62 -8.15 -14.53
C GLN E 76 -39.75 -7.79 -15.73
N ALA E 77 -39.53 -6.48 -15.93
CA ALA E 77 -38.66 -6.05 -17.02
C ALA E 77 -37.22 -6.51 -16.79
N ALA E 78 -36.76 -6.48 -15.54
CA ALA E 78 -35.43 -6.97 -15.23
C ALA E 78 -35.31 -8.47 -15.52
N PHE E 79 -36.35 -9.23 -15.18
CA PHE E 79 -36.38 -10.64 -15.56
C PHE E 79 -36.27 -10.80 -17.06
N VAL E 80 -37.01 -10.00 -17.81
CA VAL E 80 -36.96 -10.09 -19.27
C VAL E 80 -35.53 -9.85 -19.75
N ASP E 81 -34.91 -8.77 -19.27
CA ASP E 81 -33.59 -8.41 -19.73
C ASP E 81 -32.57 -9.49 -19.39
N SER E 82 -32.58 -9.97 -18.14
CA SER E 82 -31.64 -11.00 -17.74
C SER E 82 -31.89 -12.31 -18.47
N TYR E 83 -33.16 -12.65 -18.68
CA TYR E 83 -33.50 -13.87 -19.41
C TYR E 83 -32.93 -13.80 -20.83
N CYS E 84 -33.12 -12.67 -21.50
CA CYS E 84 -32.60 -12.55 -22.87
C CYS E 84 -31.07 -12.57 -22.88
N TRP E 85 -30.46 -11.93 -21.88
CA TRP E 85 -29.01 -11.95 -21.75
C TRP E 85 -28.50 -13.39 -21.65
N ALA E 86 -29.17 -14.21 -20.84
CA ALA E 86 -28.79 -15.60 -20.71
C ALA E 86 -29.25 -16.47 -21.87
N ALA E 87 -30.20 -15.97 -22.66
CA ALA E 87 -30.78 -16.73 -23.75
C ALA E 87 -30.13 -16.42 -25.10
N VAL E 88 -29.20 -15.47 -25.15
CA VAL E 88 -28.42 -15.30 -26.37
C VAL E 88 -27.82 -16.63 -26.78
N GLN E 89 -27.45 -17.46 -25.81
CA GLN E 89 -26.98 -18.81 -26.10
C GLN E 89 -28.11 -19.69 -26.61
N GLN E 90 -29.25 -19.67 -25.92
CA GLN E 90 -30.39 -20.50 -26.30
C GLN E 90 -30.98 -20.02 -27.62
N LYS E 91 -30.71 -20.77 -28.69
CA LYS E 91 -31.13 -20.35 -30.03
C LYS E 91 -32.64 -20.29 -30.16
N ASN E 92 -33.36 -21.22 -29.53
CA ASN E 92 -34.81 -21.26 -29.68
C ASN E 92 -35.46 -20.00 -29.13
N SER E 93 -34.94 -19.49 -28.01
CA SER E 93 -35.58 -18.35 -27.36
C SER E 93 -35.59 -17.12 -28.26
N LEU E 94 -34.49 -16.84 -28.93
CA LEU E 94 -34.34 -15.61 -29.71
C LEU E 94 -34.34 -15.92 -31.20
N GLN E 95 -34.81 -14.94 -31.97
CA GLN E 95 -34.83 -15.00 -33.43
C GLN E 95 -34.28 -13.69 -33.97
N SER E 96 -33.05 -13.71 -34.45
CA SER E 96 -32.38 -12.53 -34.97
C SER E 96 -31.99 -12.74 -36.42
N GLU E 97 -32.10 -11.68 -37.22
CA GLU E 97 -31.78 -11.79 -38.65
C GLU E 97 -30.33 -12.18 -38.87
N SER E 98 -29.41 -11.57 -38.10
CA SER E 98 -27.99 -11.85 -38.28
C SER E 98 -27.59 -13.22 -37.77
N GLY E 99 -28.45 -13.87 -36.98
CA GLY E 99 -28.16 -15.16 -36.40
C GLY E 99 -27.89 -15.06 -34.92
N ASN E 100 -27.26 -16.09 -34.39
CA ASN E 100 -26.92 -16.15 -32.97
C ASN E 100 -25.44 -15.99 -32.69
N LEU E 101 -24.58 -16.28 -33.67
CA LEU E 101 -23.16 -16.03 -33.49
C LEU E 101 -22.86 -14.57 -33.23
N PRO E 102 -23.48 -13.60 -33.92
CA PRO E 102 -23.24 -12.19 -33.56
C PRO E 102 -23.61 -11.89 -32.13
N LEU E 103 -24.69 -12.49 -31.61
CA LEU E 103 -25.07 -12.25 -30.22
C LEU E 103 -24.06 -12.86 -29.27
N TRP E 104 -23.60 -14.07 -29.56
CA TRP E 104 -22.54 -14.68 -28.75
C TRP E 104 -21.33 -13.77 -28.70
N LEU E 105 -20.91 -13.27 -29.86
CA LEU E 105 -19.73 -12.41 -29.92
C LEU E 105 -19.95 -11.11 -29.16
N HIS E 106 -21.13 -10.51 -29.30
CA HIS E 106 -21.41 -9.27 -28.61
C HIS E 106 -21.36 -9.47 -27.09
N LYS E 107 -21.89 -10.61 -26.62
CA LYS E 107 -21.90 -10.86 -25.19
C LYS E 107 -20.50 -11.17 -24.67
N PHE E 108 -19.70 -11.92 -25.43
CA PHE E 108 -18.44 -12.44 -24.92
C PHE E 108 -17.21 -11.77 -25.54
N PHE E 109 -17.38 -10.60 -26.14
CA PHE E 109 -16.24 -9.85 -26.68
C PHE E 109 -15.14 -9.63 -25.66
N PRO E 110 -15.42 -9.20 -24.43
CA PRO E 110 -14.34 -9.08 -23.45
C PRO E 110 -13.61 -10.38 -23.20
N TYR E 111 -14.34 -11.49 -23.17
CA TYR E 111 -13.70 -12.79 -22.98
C TYR E 111 -12.79 -13.12 -24.16
N ILE E 112 -13.21 -12.78 -25.38
CA ILE E 112 -12.41 -13.07 -26.55
C ILE E 112 -11.14 -12.22 -26.57
N LEU E 113 -11.26 -10.95 -26.20
CA LEU E 113 -10.07 -10.11 -26.11
C LEU E 113 -9.12 -10.62 -25.04
N LEU E 114 -9.64 -11.03 -23.89
CA LEU E 114 -8.79 -11.58 -22.85
C LEU E 114 -8.13 -12.87 -23.31
N LEU E 115 -8.86 -13.70 -24.05
CA LEU E 115 -8.28 -14.93 -24.59
C LEU E 115 -7.14 -14.61 -25.54
N PHE E 116 -7.31 -13.63 -26.42
CA PHE E 116 -6.24 -13.26 -27.33
C PHE E 116 -5.05 -12.72 -26.56
N ALA E 117 -5.29 -11.90 -25.54
CA ALA E 117 -4.19 -11.38 -24.74
C ALA E 117 -3.43 -12.50 -24.06
N ILE E 118 -4.14 -13.47 -23.48
CA ILE E 118 -3.49 -14.59 -22.81
C ILE E 118 -2.69 -15.42 -23.80
N LEU E 119 -3.28 -15.69 -24.97
CA LEU E 119 -2.59 -16.49 -25.97
C LEU E 119 -1.34 -15.78 -26.50
N LEU E 120 -1.39 -14.45 -26.57
CA LEU E 120 -0.22 -13.70 -27.01
C LEU E 120 0.84 -13.60 -25.92
N TYR E 121 0.42 -13.60 -24.66
CA TYR E 121 1.36 -13.59 -23.53
C TYR E 121 1.97 -14.96 -23.28
N LEU E 122 1.33 -16.03 -23.75
CA LEU E 122 1.85 -17.37 -23.51
C LEU E 122 3.24 -17.59 -24.11
N PRO E 123 3.51 -17.28 -25.38
CA PRO E 123 4.83 -17.58 -25.95
C PRO E 123 5.94 -16.80 -25.27
N PRO E 124 5.74 -15.51 -24.98
CA PRO E 124 6.76 -14.80 -24.19
C PRO E 124 7.03 -15.44 -22.85
N LEU E 125 5.99 -15.92 -22.17
CA LEU E 125 6.18 -16.58 -20.88
C LEU E 125 6.94 -17.88 -21.03
N PHE E 126 6.60 -18.66 -22.07
CA PHE E 126 7.33 -19.89 -22.35
C PHE E 126 8.81 -19.59 -22.59
N TRP E 127 9.09 -18.55 -23.38
CA TRP E 127 10.47 -18.14 -23.59
C TRP E 127 11.15 -17.81 -22.26
N ARG E 128 10.53 -16.93 -21.48
CA ARG E 128 11.17 -16.44 -20.26
C ARG E 128 11.36 -17.56 -19.24
N PHE E 129 10.55 -18.61 -19.30
CA PHE E 129 10.65 -19.69 -18.33
C PHE E 129 11.44 -20.90 -18.84
N ALA E 130 11.71 -20.99 -20.14
CA ALA E 130 12.43 -22.12 -20.70
C ALA E 130 13.80 -21.74 -21.26
N ALA E 131 13.84 -20.77 -22.19
CA ALA E 131 15.07 -20.45 -22.89
C ALA E 131 15.76 -19.21 -22.36
N ALA E 132 15.18 -18.52 -21.38
CA ALA E 132 15.77 -17.31 -20.86
C ALA E 132 16.90 -17.60 -19.88
N PRO E 133 16.72 -18.54 -18.94
CA PRO E 133 17.83 -18.82 -18.01
C PRO E 133 19.11 -19.24 -18.70
N HIS E 134 19.00 -20.07 -19.74
CA HIS E 134 20.19 -20.57 -20.42
C HIS E 134 20.95 -19.43 -21.10
N ILE E 135 20.22 -18.61 -21.87
CA ILE E 135 20.86 -17.48 -22.54
C ILE E 135 21.39 -16.48 -21.53
N CYS E 136 20.69 -16.30 -20.42
CA CYS E 136 21.18 -15.40 -19.37
C CYS E 136 22.53 -15.87 -18.85
N SER E 137 22.62 -17.15 -18.49
CA SER E 137 23.88 -17.68 -17.96
C SER E 137 24.99 -17.58 -19.00
N ASP E 138 24.70 -17.97 -20.24
CA ASP E 138 25.72 -17.94 -21.29
C ASP E 138 26.19 -16.52 -21.54
N LEU E 139 25.27 -15.57 -21.58
CA LEU E 139 25.62 -14.19 -21.89
C LEU E 139 26.37 -13.54 -20.73
N LYS E 140 26.00 -13.90 -19.49
CA LYS E 140 26.77 -13.42 -18.35
C LYS E 140 28.19 -13.94 -18.38
N PHE E 141 28.36 -15.22 -18.72
CA PHE E 141 29.71 -15.77 -18.87
C PHE E 141 30.47 -15.04 -19.97
N ILE E 142 29.80 -14.76 -21.10
CA ILE E 142 30.47 -14.09 -22.20
C ILE E 142 30.92 -12.69 -21.80
N MET E 143 30.04 -11.95 -21.12
CA MET E 143 30.42 -10.61 -20.67
C MET E 143 31.56 -10.66 -19.68
N GLU E 144 31.53 -11.63 -18.75
CA GLU E 144 32.63 -11.75 -17.80
C GLU E 144 33.94 -12.07 -18.52
N GLU E 145 33.88 -12.96 -19.52
CA GLU E 145 35.09 -13.29 -20.27
C GLU E 145 35.61 -12.08 -21.02
N LEU E 146 34.72 -11.28 -21.62
CA LEU E 146 35.15 -10.07 -22.31
C LEU E 146 35.81 -9.09 -21.35
N ASP E 147 35.21 -8.90 -20.18
CA ASP E 147 35.82 -8.01 -19.18
C ASP E 147 37.20 -8.52 -18.77
N LYS E 148 37.32 -9.83 -18.54
CA LYS E 148 38.59 -10.40 -18.10
C LYS E 148 39.65 -10.25 -19.18
N VAL E 149 39.31 -10.51 -20.45
CA VAL E 149 40.29 -10.40 -21.50
C VAL E 149 40.69 -8.94 -21.72
N TYR E 150 39.73 -8.01 -21.58
CA TYR E 150 40.08 -6.59 -21.67
C TYR E 150 41.04 -6.21 -20.55
N ASN E 151 40.77 -6.67 -19.32
CA ASN E 151 41.66 -6.37 -18.21
C ASN E 151 43.05 -6.96 -18.45
N ARG E 152 43.12 -8.19 -18.94
CA ARG E 152 44.41 -8.81 -19.21
C ARG E 152 45.17 -8.04 -20.28
N ALA E 153 44.48 -7.62 -21.34
CA ALA E 153 45.13 -6.88 -22.42
C ALA E 153 45.67 -5.55 -21.92
N ILE E 154 44.88 -4.82 -21.13
CA ILE E 154 45.35 -3.54 -20.64
C ILE E 154 46.51 -3.73 -19.66
N LYS E 155 46.46 -4.78 -18.84
CA LYS E 155 47.56 -5.08 -17.94
C LYS E 155 48.84 -5.39 -18.72
N ALA E 156 48.72 -6.17 -19.80
CA ALA E 156 49.87 -6.48 -20.63
C ALA E 156 50.43 -5.21 -21.28
N ALA E 157 49.54 -4.33 -21.77
CA ALA E 157 50.01 -3.08 -22.37
C ALA E 157 50.72 -2.22 -21.35
N LYS E 158 50.18 -2.11 -20.13
CA LYS E 158 50.83 -1.33 -19.09
C LYS E 158 52.18 -1.91 -18.72
N SER E 159 52.27 -3.23 -18.62
CA SER E 159 53.55 -3.87 -18.31
C SER E 159 54.57 -3.60 -19.41
N ALA E 160 54.14 -3.69 -20.67
CA ALA E 160 55.06 -3.40 -21.77
C ALA E 160 55.52 -1.95 -21.74
N ARG E 161 54.60 -1.03 -21.46
CA ARG E 161 54.96 0.39 -21.38
C ARG E 161 55.96 0.64 -20.25
N ASP E 162 55.74 0.02 -19.10
CA ASP E 162 56.62 0.20 -17.95
C ASP E 162 57.95 -0.51 -18.16
N PHE E 191 48.33 -19.19 -20.81
CA PHE E 191 47.08 -19.61 -21.43
C PHE E 191 46.86 -18.88 -22.75
N LYS E 192 46.32 -17.66 -22.67
CA LYS E 192 46.05 -16.85 -23.86
C LYS E 192 45.21 -17.62 -24.87
N TYR E 193 44.22 -18.37 -24.35
CA TYR E 193 43.36 -19.18 -25.21
C TYR E 193 42.05 -18.45 -25.48
N PRO E 194 41.53 -18.48 -26.71
CA PRO E 194 40.25 -17.79 -27.01
C PRO E 194 39.04 -18.62 -26.59
N ILE E 195 38.81 -18.67 -25.28
CA ILE E 195 37.71 -19.46 -24.74
C ILE E 195 36.37 -18.92 -25.22
N VAL E 196 36.20 -17.60 -25.18
CA VAL E 196 34.94 -17.00 -25.62
C VAL E 196 34.69 -17.25 -27.09
N GLU E 197 35.74 -17.12 -27.92
CA GLU E 197 35.59 -17.37 -29.35
C GLU E 197 35.21 -18.82 -29.62
N GLN E 198 35.85 -19.75 -28.90
CA GLN E 198 35.49 -21.17 -29.06
C GLN E 198 34.05 -21.42 -28.64
N TYR E 199 33.61 -20.78 -27.55
CA TYR E 199 32.23 -20.97 -27.10
C TYR E 199 31.24 -20.44 -28.13
N LEU E 200 31.52 -19.26 -28.69
CA LEU E 200 30.64 -18.73 -29.74
C LEU E 200 30.64 -19.63 -30.96
N LYS E 201 31.80 -20.15 -31.35
CA LYS E 201 31.86 -21.06 -32.48
C LYS E 201 31.02 -22.31 -32.23
N THR E 202 31.08 -22.84 -31.01
CA THR E 202 30.25 -23.98 -30.67
C THR E 202 28.77 -23.62 -30.74
N LYS E 203 28.41 -22.43 -30.26
CA LYS E 203 27.03 -21.98 -30.38
C LYS E 203 26.60 -21.88 -31.84
N LYS E 204 27.56 -21.65 -32.74
CA LYS E 204 27.24 -21.61 -34.17
C LYS E 204 26.54 -22.89 -34.62
N ASN E 205 26.84 -24.03 -34.00
CA ASN E 205 26.27 -25.31 -34.42
C ASN E 205 24.87 -25.51 -33.86
N SER E 206 24.72 -25.44 -32.54
CA SER E 206 23.42 -25.69 -31.91
C SER E 206 22.41 -24.63 -32.35
N ASN E 207 21.14 -25.04 -32.43
CA ASN E 207 20.08 -24.15 -32.89
C ASN E 207 18.80 -24.28 -32.09
N ASN E 208 18.84 -24.91 -30.91
CA ASN E 208 17.61 -25.10 -30.14
C ASN E 208 17.02 -23.76 -29.70
N LEU E 209 17.87 -22.84 -29.27
CA LEU E 209 17.38 -21.54 -28.82
C LEU E 209 16.75 -20.76 -29.96
N ILE E 210 17.40 -20.75 -31.13
CA ILE E 210 16.85 -20.01 -32.26
C ILE E 210 15.56 -20.66 -32.74
N ILE E 211 15.50 -21.99 -32.69
CA ILE E 211 14.27 -22.68 -33.09
C ILE E 211 13.13 -22.33 -32.15
N LYS E 212 13.40 -22.30 -30.84
CA LYS E 212 12.37 -21.90 -29.89
C LYS E 212 11.94 -20.46 -30.12
N TYR E 213 12.90 -19.58 -30.36
CA TYR E 213 12.57 -18.17 -30.60
C TYR E 213 11.69 -18.02 -31.83
N ILE E 214 12.07 -18.67 -32.94
CA ILE E 214 11.28 -18.57 -34.15
C ILE E 214 9.91 -19.20 -33.96
N SER E 215 9.81 -20.31 -33.21
CA SER E 215 8.53 -20.94 -32.99
C SER E 215 7.61 -20.02 -32.18
N CYS E 216 8.14 -19.39 -31.13
CA CYS E 216 7.29 -18.52 -30.33
C CYS E 216 6.87 -17.29 -31.11
N ARG E 217 7.79 -16.72 -31.91
CA ARG E 217 7.43 -15.58 -32.74
C ARG E 217 6.38 -15.97 -33.78
N LEU E 218 6.50 -17.15 -34.36
CA LEU E 218 5.54 -17.61 -35.36
C LEU E 218 4.17 -17.85 -34.74
N LEU E 219 4.14 -18.42 -33.54
CA LEU E 219 2.87 -18.59 -32.85
C LEU E 219 2.25 -17.26 -32.50
N THR E 220 3.06 -16.29 -32.07
CA THR E 220 2.53 -14.95 -31.83
C THR E 220 1.95 -14.35 -33.11
N LEU E 221 2.65 -14.52 -34.23
CA LEU E 221 2.15 -14.00 -35.50
C LEU E 221 0.83 -14.66 -35.89
N ILE E 222 0.73 -15.98 -35.70
CA ILE E 222 -0.49 -16.70 -36.05
C ILE E 222 -1.65 -16.23 -35.17
N ILE E 223 -1.38 -16.05 -33.88
CA ILE E 223 -2.42 -15.57 -32.97
C ILE E 223 -2.86 -14.17 -33.38
N ILE E 224 -1.90 -13.32 -33.76
CA ILE E 224 -2.25 -11.97 -34.19
C ILE E 224 -3.11 -12.01 -35.44
N LEU E 225 -2.75 -12.87 -36.40
CA LEU E 225 -3.54 -12.97 -37.62
C LEU E 225 -4.96 -13.46 -37.33
N LEU E 226 -5.09 -14.47 -36.46
CA LEU E 226 -6.41 -14.95 -36.11
C LEU E 226 -7.22 -13.87 -35.41
N ALA E 227 -6.58 -13.10 -34.52
CA ALA E 227 -7.25 -11.99 -33.87
C ALA E 227 -7.70 -10.96 -34.88
N CYS E 228 -6.86 -10.67 -35.89
CA CYS E 228 -7.26 -9.73 -36.92
C CYS E 228 -8.46 -10.24 -37.70
N ILE E 229 -8.46 -11.53 -38.03
CA ILE E 229 -9.61 -12.12 -38.74
C ILE E 229 -10.87 -11.94 -37.90
N TYR E 230 -10.79 -12.28 -36.61
CA TYR E 230 -11.96 -12.18 -35.75
C TYR E 230 -12.43 -10.74 -35.62
N LEU E 231 -11.50 -9.80 -35.45
CA LEU E 231 -11.89 -8.40 -35.28
C LEU E 231 -12.49 -7.83 -36.55
N GLY E 232 -11.95 -8.22 -37.71
CA GLY E 232 -12.55 -7.79 -38.96
C GLY E 232 -13.95 -8.33 -39.13
N TYR E 233 -14.16 -9.60 -38.80
CA TYR E 233 -15.50 -10.17 -38.87
C TYR E 233 -16.45 -9.44 -37.90
N TYR E 234 -15.97 -9.15 -36.69
CA TYR E 234 -16.81 -8.49 -35.70
C TYR E 234 -17.17 -7.07 -36.13
N PHE E 235 -16.22 -6.36 -36.72
CA PHE E 235 -16.47 -5.00 -37.18
C PHE E 235 -17.26 -4.96 -38.48
N SER E 236 -17.31 -6.06 -39.22
CA SER E 236 -18.06 -6.10 -40.47
C SER E 236 -19.55 -6.34 -40.25
N LEU E 237 -19.97 -6.61 -39.02
CA LEU E 237 -21.39 -6.81 -38.75
C LEU E 237 -22.20 -5.61 -39.20
N SER E 238 -23.50 -5.84 -39.37
CA SER E 238 -24.40 -4.80 -39.87
C SER E 238 -24.63 -3.67 -38.87
N SER E 239 -24.18 -3.82 -37.63
CA SER E 239 -24.41 -2.89 -36.52
C SER E 239 -25.83 -2.98 -35.99
N LEU E 240 -26.72 -3.73 -36.63
CA LEU E 240 -28.06 -3.96 -36.14
C LEU E 240 -28.22 -5.36 -35.58
N SER E 241 -27.18 -6.19 -35.64
CA SER E 241 -27.24 -7.53 -35.06
C SER E 241 -27.35 -7.47 -33.55
N ASP E 242 -26.93 -6.37 -32.94
CA ASP E 242 -27.10 -6.19 -31.50
C ASP E 242 -28.57 -6.19 -31.10
N GLU E 243 -29.46 -5.82 -32.01
CA GLU E 243 -30.90 -5.86 -31.75
C GLU E 243 -31.43 -7.23 -32.14
N PHE E 244 -31.94 -7.98 -31.17
CA PHE E 244 -32.48 -9.30 -31.40
C PHE E 244 -33.83 -9.43 -30.71
N VAL E 245 -34.68 -10.29 -31.27
CA VAL E 245 -36.00 -10.54 -30.72
C VAL E 245 -35.89 -11.65 -29.68
N CYS E 246 -36.52 -11.44 -28.53
CA CYS E 246 -36.41 -12.34 -27.39
C CYS E 246 -37.80 -12.79 -26.96
N SER E 247 -37.91 -14.07 -26.60
CA SER E 247 -39.19 -14.67 -26.26
C SER E 247 -39.07 -15.41 -24.94
N ILE E 248 -39.70 -14.86 -23.89
CA ILE E 248 -39.79 -15.57 -22.61
C ILE E 248 -41.09 -16.35 -22.66
N LYS E 249 -41.05 -17.48 -23.37
CA LYS E 249 -42.24 -18.27 -23.62
C LYS E 249 -41.93 -19.75 -23.48
N SER E 250 -41.01 -20.08 -22.57
CA SER E 250 -40.68 -21.46 -22.26
C SER E 250 -41.08 -21.77 -20.82
N GLY E 251 -41.68 -22.94 -20.63
CA GLY E 251 -42.13 -23.34 -19.31
C GLY E 251 -43.59 -23.03 -19.09
N ILE E 252 -43.91 -22.54 -17.89
CA ILE E 252 -45.30 -22.20 -17.57
C ILE E 252 -45.75 -20.96 -18.32
N LEU E 253 -44.82 -20.12 -18.77
CA LEU E 253 -45.14 -18.90 -19.48
C LEU E 253 -45.35 -19.11 -20.97
N ARG E 254 -45.18 -20.34 -21.47
CA ARG E 254 -45.28 -20.59 -22.89
C ARG E 254 -46.67 -20.27 -23.42
N ASN E 255 -47.71 -20.66 -22.67
CA ASN E 255 -49.09 -20.42 -23.08
C ASN E 255 -49.72 -19.26 -22.32
N ASP E 256 -48.96 -18.53 -21.53
CA ASP E 256 -49.49 -17.35 -20.85
C ASP E 256 -49.88 -16.29 -21.86
N SER E 257 -50.94 -15.55 -21.55
CA SER E 257 -51.50 -14.57 -22.49
C SER E 257 -51.06 -13.15 -22.19
N THR E 258 -51.02 -12.76 -20.92
CA THR E 258 -50.69 -11.38 -20.59
C THR E 258 -49.29 -11.00 -21.07
N VAL E 259 -48.39 -11.97 -21.21
CA VAL E 259 -47.02 -11.68 -21.66
C VAL E 259 -46.99 -11.61 -23.18
N PRO E 260 -46.38 -10.58 -23.77
CA PRO E 260 -46.27 -10.53 -25.23
C PRO E 260 -45.40 -11.67 -25.77
N ASP E 261 -45.69 -12.06 -27.00
CA ASP E 261 -45.00 -13.19 -27.61
C ASP E 261 -43.51 -12.93 -27.72
N GLN E 262 -43.10 -11.66 -27.79
CA GLN E 262 -41.69 -11.35 -27.99
C GLN E 262 -41.43 -9.92 -27.53
N PHE E 263 -40.14 -9.61 -27.39
CA PHE E 263 -39.65 -8.32 -26.92
C PHE E 263 -38.55 -7.84 -27.86
N GLN E 264 -38.30 -6.53 -27.83
CA GLN E 264 -37.24 -5.93 -28.60
C GLN E 264 -36.06 -5.65 -27.67
N CYS E 265 -35.01 -6.47 -27.78
CA CYS E 265 -33.83 -6.33 -26.96
C CYS E 265 -32.67 -5.81 -27.80
N LYS E 266 -31.85 -4.96 -27.19
CA LYS E 266 -30.66 -4.42 -27.84
C LYS E 266 -29.48 -4.58 -26.90
N LEU E 267 -28.36 -5.02 -27.46
CA LEU E 267 -27.12 -5.19 -26.71
C LEU E 267 -26.36 -3.87 -26.75
N ILE E 268 -26.37 -3.14 -25.64
CA ILE E 268 -25.65 -1.88 -25.58
C ILE E 268 -24.15 -2.15 -25.61
N ALA E 269 -23.40 -1.11 -25.98
CA ALA E 269 -21.95 -1.13 -26.05
C ALA E 269 -21.43 -1.92 -27.24
N VAL E 270 -22.29 -2.42 -28.13
CA VAL E 270 -21.82 -3.16 -29.29
C VAL E 270 -21.09 -2.23 -30.25
N GLY E 271 -21.58 -0.99 -30.39
CA GLY E 271 -20.86 -0.02 -31.21
C GLY E 271 -19.48 0.28 -30.66
N ILE E 272 -19.39 0.41 -29.33
CA ILE E 272 -18.09 0.63 -28.70
C ILE E 272 -17.19 -0.59 -28.94
N PHE E 273 -17.77 -1.79 -28.83
CA PHE E 273 -16.99 -2.99 -29.10
C PHE E 273 -16.45 -2.98 -30.51
N GLN E 274 -17.27 -2.60 -31.49
CA GLN E 274 -16.82 -2.58 -32.88
C GLN E 274 -15.75 -1.53 -33.10
N LEU E 275 -15.91 -0.35 -32.50
CA LEU E 275 -14.90 0.69 -32.61
C LEU E 275 -13.56 0.21 -32.06
N LEU E 276 -13.58 -0.33 -30.84
CA LEU E 276 -12.34 -0.81 -30.22
C LEU E 276 -11.78 -2.00 -30.97
N SER E 277 -12.64 -2.82 -31.58
CA SER E 277 -12.16 -3.96 -32.35
C SER E 277 -11.45 -3.51 -33.60
N VAL E 278 -11.97 -2.49 -34.29
CA VAL E 278 -11.26 -1.98 -35.47
C VAL E 278 -9.97 -1.31 -35.04
N ILE E 279 -9.95 -0.63 -33.89
CA ILE E 279 -8.70 -0.06 -33.39
C ILE E 279 -7.67 -1.15 -33.17
N ASN E 280 -8.08 -2.24 -32.51
CA ASN E 280 -7.16 -3.35 -32.27
C ASN E 280 -6.73 -3.99 -33.58
N LEU E 281 -7.64 -4.07 -34.55
CA LEU E 281 -7.28 -4.62 -35.85
C LEU E 281 -6.21 -3.77 -36.53
N VAL E 282 -6.36 -2.45 -36.48
CA VAL E 282 -5.36 -1.57 -37.06
C VAL E 282 -4.02 -1.76 -36.37
N VAL E 283 -4.03 -1.80 -35.03
CA VAL E 283 -2.78 -1.95 -34.29
C VAL E 283 -2.12 -3.27 -34.64
N TYR E 284 -2.90 -4.35 -34.71
CA TYR E 284 -2.32 -5.66 -34.97
C TYR E 284 -1.81 -5.79 -36.41
N VAL E 285 -2.50 -5.19 -37.37
CA VAL E 285 -2.00 -5.26 -38.74
C VAL E 285 -0.73 -4.43 -38.87
N LEU E 286 -0.63 -3.31 -38.14
CA LEU E 286 0.63 -2.56 -38.13
C LEU E 286 1.72 -3.35 -37.42
N LEU E 287 1.37 -4.15 -36.41
CA LEU E 287 2.35 -4.87 -35.64
C LEU E 287 2.87 -6.11 -36.36
N ALA E 288 2.02 -6.78 -37.15
CA ALA E 288 2.42 -8.02 -37.78
C ALA E 288 3.66 -7.88 -38.63
N PRO E 289 3.83 -6.82 -39.45
CA PRO E 289 5.10 -6.67 -40.16
C PRO E 289 6.30 -6.66 -39.22
N VAL E 290 6.15 -6.09 -38.03
CA VAL E 290 7.24 -6.09 -37.06
C VAL E 290 7.59 -7.52 -36.67
N VAL E 291 6.58 -8.35 -36.42
CA VAL E 291 6.83 -9.73 -36.06
C VAL E 291 7.48 -10.49 -37.21
N VAL E 292 7.04 -10.23 -38.44
CA VAL E 292 7.65 -10.89 -39.59
C VAL E 292 9.11 -10.49 -39.72
N TYR E 293 9.41 -9.21 -39.54
CA TYR E 293 10.79 -8.75 -39.56
C TYR E 293 11.60 -9.39 -38.44
N THR E 294 10.98 -9.58 -37.28
CA THR E 294 11.64 -10.25 -36.17
C THR E 294 11.99 -11.69 -36.53
N LEU E 295 11.08 -12.37 -37.23
CA LEU E 295 11.33 -13.76 -37.59
C LEU E 295 12.62 -13.92 -38.37
N PHE E 296 12.97 -12.94 -39.21
CA PHE E 296 14.18 -13.01 -40.02
C PHE E 296 15.35 -12.48 -39.18
N VAL E 297 15.75 -13.29 -38.20
CA VAL E 297 16.84 -12.89 -37.31
C VAL E 297 18.16 -12.71 -38.05
N PRO E 298 18.55 -13.55 -39.02
CA PRO E 298 19.87 -13.36 -39.64
C PRO E 298 20.04 -11.99 -40.27
N PHE E 299 18.98 -11.47 -40.90
CA PHE E 299 19.06 -10.13 -41.46
C PHE E 299 19.26 -9.09 -40.36
N ARG E 300 18.57 -9.27 -39.23
CA ARG E 300 18.77 -8.39 -38.09
C ARG E 300 20.18 -8.47 -37.54
N GLN E 301 20.86 -9.60 -37.72
CA GLN E 301 22.21 -9.75 -37.21
C GLN E 301 23.19 -8.92 -38.04
N LYS E 302 23.45 -7.70 -37.59
CA LYS E 302 24.35 -6.79 -38.29
C LYS E 302 25.00 -5.88 -37.27
N THR E 303 25.90 -5.00 -37.73
CA THR E 303 26.65 -4.10 -36.86
C THR E 303 27.42 -4.92 -35.80
N ASP E 304 28.34 -5.73 -36.32
CA ASP E 304 29.04 -6.71 -35.49
C ASP E 304 29.52 -6.09 -34.19
N VAL E 305 28.97 -6.59 -33.08
CA VAL E 305 29.35 -6.08 -31.76
C VAL E 305 30.79 -6.49 -31.43
N LEU E 306 31.18 -7.71 -31.80
CA LEU E 306 32.50 -8.22 -31.48
C LEU E 306 33.60 -7.66 -32.36
N LYS E 307 33.26 -6.95 -33.44
CA LYS E 307 34.28 -6.38 -34.31
C LYS E 307 35.14 -5.38 -33.56
N VAL E 308 34.58 -4.71 -32.55
CA VAL E 308 35.34 -3.72 -31.80
C VAL E 308 36.44 -4.37 -30.98
N TYR E 309 36.23 -5.60 -30.50
CA TYR E 309 37.20 -6.29 -29.68
C TYR E 309 38.38 -6.85 -30.47
N GLU E 310 38.34 -6.79 -31.80
CA GLU E 310 39.39 -7.41 -32.61
C GLU E 310 40.72 -6.67 -32.52
N ILE E 311 40.74 -5.47 -31.94
CA ILE E 311 41.97 -4.68 -31.88
C ILE E 311 42.75 -5.02 -30.61
N LEU E 312 42.18 -5.86 -29.76
CA LEU E 312 42.87 -6.26 -28.54
C LEU E 312 43.93 -7.32 -28.85
N PRO E 313 45.18 -7.13 -28.45
CA PRO E 313 46.18 -8.20 -28.67
C PRO E 313 45.79 -9.52 -28.05
N THR E 314 45.13 -9.51 -26.90
CA THR E 314 44.75 -10.74 -26.21
C THR E 314 43.54 -11.42 -26.83
N PHE E 315 42.87 -10.78 -27.78
CA PHE E 315 41.68 -11.32 -28.43
C PHE E 315 41.99 -11.64 -29.88
N ASP E 316 41.68 -12.86 -30.31
CA ASP E 316 41.94 -13.27 -31.67
C ASP E 316 41.10 -12.44 -32.66
N VAL E 317 41.68 -12.18 -33.83
CA VAL E 317 41.02 -11.35 -34.85
C VAL E 317 40.17 -12.30 -35.69
N LEU E 318 38.98 -12.60 -35.17
CA LEU E 318 38.05 -13.47 -35.90
C LEU E 318 36.65 -13.24 -35.32
N HIS E 319 35.74 -12.72 -36.14
CA HIS E 319 34.36 -12.54 -35.71
C HIS E 319 33.56 -13.81 -35.92
N PHE E 320 33.43 -14.25 -37.17
CA PHE E 320 32.78 -15.51 -37.51
C PHE E 320 31.38 -15.61 -36.89
N LYS E 321 30.55 -14.59 -37.18
CA LYS E 321 29.17 -14.58 -36.70
C LYS E 321 28.32 -13.84 -37.74
N SER E 322 27.74 -14.60 -38.66
CA SER E 322 26.83 -14.04 -39.65
C SER E 322 26.32 -15.16 -40.54
N GLU E 323 25.19 -14.90 -41.21
CA GLU E 323 24.66 -15.77 -42.26
C GLU E 323 24.44 -17.18 -41.73
N GLY E 324 23.53 -17.29 -40.76
CA GLY E 324 23.20 -18.59 -40.21
C GLY E 324 21.88 -18.62 -39.44
N TYR E 325 21.07 -19.64 -39.73
CA TYR E 325 19.86 -19.91 -38.94
C TYR E 325 20.23 -20.73 -37.71
N ASN E 326 21.09 -20.13 -36.87
CA ASN E 326 21.64 -20.80 -35.70
C ASN E 326 21.54 -19.87 -34.50
N ASP E 327 21.78 -20.44 -33.32
CA ASP E 327 21.70 -19.65 -32.09
C ASP E 327 22.76 -18.56 -32.05
N LEU E 328 23.78 -18.64 -32.91
CA LEU E 328 24.83 -17.63 -32.90
C LEU E 328 24.27 -16.26 -33.26
N SER E 329 23.39 -16.20 -34.27
CA SER E 329 22.79 -14.93 -34.65
C SER E 329 21.95 -14.36 -33.52
N LEU E 330 21.18 -15.21 -32.84
CA LEU E 330 20.37 -14.75 -31.73
C LEU E 330 21.25 -14.22 -30.59
N TYR E 331 22.35 -14.91 -30.30
CA TYR E 331 23.29 -14.42 -29.30
C TYR E 331 23.90 -13.09 -29.72
N ASN E 332 24.20 -12.94 -31.01
CA ASN E 332 24.69 -11.65 -31.49
C ASN E 332 23.67 -10.55 -31.27
N LEU E 333 22.40 -10.84 -31.52
CA LEU E 333 21.35 -9.87 -31.28
C LEU E 333 21.28 -9.49 -29.80
N PHE E 334 21.29 -10.49 -28.92
CA PHE E 334 21.23 -10.21 -27.49
C PHE E 334 22.44 -9.41 -27.01
N LEU E 335 23.62 -9.71 -27.57
CA LEU E 335 24.80 -8.92 -27.25
C LEU E 335 24.63 -7.48 -27.70
N GLU E 336 24.27 -7.26 -28.97
CA GLU E 336 24.07 -5.90 -29.45
C GLU E 336 23.02 -5.19 -28.63
N GLU E 337 22.10 -5.93 -28.01
CA GLU E 337 21.06 -5.32 -27.19
C GLU E 337 21.61 -4.90 -25.83
N ASN E 338 22.20 -5.83 -25.09
CA ASN E 338 22.56 -5.62 -23.69
C ASN E 338 24.07 -5.61 -23.46
N ILE E 339 24.86 -5.11 -24.43
CA ILE E 339 26.29 -4.96 -24.24
C ILE E 339 26.67 -3.56 -23.78
N SER E 340 25.75 -2.60 -23.86
CA SER E 340 26.07 -1.23 -23.46
C SER E 340 26.45 -1.16 -21.98
N GLU E 341 26.03 -2.14 -21.19
CA GLU E 341 26.35 -2.15 -19.77
C GLU E 341 27.79 -2.55 -19.48
N VAL E 342 28.55 -2.93 -20.49
CA VAL E 342 29.92 -3.42 -20.32
C VAL E 342 30.89 -2.27 -20.51
N LYS E 343 31.64 -1.95 -19.45
CA LYS E 343 32.58 -0.83 -19.52
C LYS E 343 33.67 -1.08 -20.54
N SER E 344 34.17 -2.31 -20.61
CA SER E 344 35.21 -2.62 -21.61
C SER E 344 34.68 -2.43 -23.02
N TYR E 345 33.45 -2.88 -23.28
CA TYR E 345 32.87 -2.68 -24.60
C TYR E 345 32.69 -1.21 -24.91
N LYS E 346 32.26 -0.42 -23.93
CA LYS E 346 32.10 1.01 -24.16
C LYS E 346 33.44 1.66 -24.48
N CYS E 347 34.48 1.30 -23.72
CA CYS E 347 35.81 1.84 -23.97
C CYS E 347 36.29 1.48 -25.37
N LEU E 348 36.13 0.21 -25.76
CA LEU E 348 36.55 -0.19 -27.09
C LEU E 348 35.75 0.53 -28.17
N LYS E 349 34.46 0.79 -27.91
CA LYS E 349 33.65 1.51 -28.88
C LYS E 349 34.12 2.93 -29.07
N VAL E 350 34.46 3.62 -27.98
CA VAL E 350 34.98 4.98 -28.12
C VAL E 350 36.34 4.96 -28.81
N LEU E 351 37.16 3.95 -28.52
CA LEU E 351 38.42 3.82 -29.25
C LEU E 351 38.19 3.65 -30.74
N GLU E 352 37.22 2.80 -31.10
CA GLU E 352 36.88 2.62 -32.51
C GLU E 352 36.41 3.92 -33.14
N ASN E 353 35.53 4.64 -32.45
CA ASN E 353 35.01 5.88 -33.00
C ASN E 353 36.12 6.89 -33.21
N ILE E 354 37.07 6.99 -32.27
CA ILE E 354 38.21 7.87 -32.43
C ILE E 354 39.08 7.41 -33.60
N LYS E 355 39.17 6.10 -33.81
CA LYS E 355 39.98 5.58 -34.90
C LYS E 355 39.46 6.01 -36.27
N SER E 356 38.22 6.51 -36.34
CA SER E 356 37.69 6.98 -37.62
C SER E 356 38.57 8.10 -38.18
N SER E 357 39.00 9.03 -37.31
CA SER E 357 39.93 10.07 -37.75
C SER E 357 41.33 9.50 -37.95
N GLY E 358 41.73 8.55 -37.11
CA GLY E 358 43.04 7.95 -37.24
C GLY E 358 44.18 8.80 -36.73
N GLN E 359 43.88 9.85 -35.97
CA GLN E 359 44.93 10.74 -35.49
C GLN E 359 45.90 10.01 -34.57
N GLY E 360 45.38 9.19 -33.67
CA GLY E 360 46.21 8.52 -32.69
C GLY E 360 46.46 7.05 -32.99
N ILE E 361 46.67 6.25 -31.95
CA ILE E 361 46.94 4.83 -32.08
C ILE E 361 46.05 4.08 -31.10
N ASP E 362 45.52 2.94 -31.55
CA ASP E 362 44.63 2.16 -30.69
C ASP E 362 45.29 1.71 -29.40
N PRO E 363 46.48 1.08 -29.41
CA PRO E 363 47.09 0.69 -28.13
C PRO E 363 47.41 1.88 -27.23
N MET E 364 47.86 2.99 -27.80
CA MET E 364 48.15 4.17 -26.98
C MET E 364 46.88 4.69 -26.33
N LEU E 365 45.79 4.77 -27.09
CA LEU E 365 44.52 5.22 -26.52
C LEU E 365 44.03 4.27 -25.44
N LEU E 366 44.16 2.96 -25.67
CA LEU E 366 43.74 2.00 -24.66
C LEU E 366 44.55 2.15 -23.38
N LEU E 367 45.87 2.32 -23.51
CA LEU E 367 46.71 2.52 -22.33
C LEU E 367 46.33 3.81 -21.60
N THR E 368 46.08 4.88 -22.34
CA THR E 368 45.74 6.16 -21.72
C THR E 368 44.38 6.10 -21.04
N ASN E 369 43.45 5.29 -21.57
CA ASN E 369 42.10 5.25 -21.02
C ASN E 369 42.11 4.82 -19.56
N LEU E 370 42.88 3.79 -19.23
CA LEU E 370 42.95 3.26 -17.86
C LEU E 370 41.54 2.98 -17.33
N GLY E 371 40.84 2.07 -18.02
CA GLY E 371 39.47 1.75 -17.69
C GLY E 371 39.28 0.31 -17.25
N MET E 372 40.20 -0.20 -16.44
CA MET E 372 40.12 -1.58 -15.99
C MET E 372 38.80 -1.85 -15.29
N ILE E 373 38.39 -0.97 -14.38
CA ILE E 373 37.14 -1.13 -13.66
C ILE E 373 36.80 0.16 -12.92
N ALA F 2 -12.24 -5.50 -12.51
CA ALA F 2 -12.49 -5.58 -13.94
C ALA F 2 -11.82 -6.81 -14.54
N ILE F 3 -12.21 -7.15 -15.77
CA ILE F 3 -11.66 -8.33 -16.43
C ILE F 3 -10.15 -8.20 -16.56
N ALA F 4 -9.68 -7.02 -16.99
CA ALA F 4 -8.25 -6.82 -17.16
C ALA F 4 -7.51 -6.91 -15.84
N GLN F 5 -8.11 -6.40 -14.76
CA GLN F 5 -7.50 -6.52 -13.45
C GLN F 5 -7.35 -7.99 -13.05
N LEU F 6 -8.39 -8.79 -13.28
CA LEU F 6 -8.31 -10.21 -12.96
C LEU F 6 -7.21 -10.88 -13.78
N ALA F 7 -7.12 -10.53 -15.07
CA ALA F 7 -6.07 -11.11 -15.90
C ALA F 7 -4.69 -10.75 -15.36
N THR F 8 -4.50 -9.47 -15.00
CA THR F 8 -3.20 -9.07 -14.48
C THR F 8 -2.87 -9.82 -13.21
N GLU F 9 -3.85 -9.99 -12.32
CA GLU F 9 -3.59 -10.70 -11.07
C GLU F 9 -3.24 -12.16 -11.31
N TYR F 10 -3.92 -12.83 -12.24
CA TYR F 10 -3.90 -14.28 -12.27
C TYR F 10 -3.03 -14.90 -13.37
N VAL F 11 -2.74 -14.17 -14.45
CA VAL F 11 -1.90 -14.69 -15.52
C VAL F 11 -0.65 -13.85 -15.74
N PHE F 12 -0.77 -12.52 -15.71
CA PHE F 12 0.36 -11.64 -15.98
C PHE F 12 1.16 -11.30 -14.73
N SER F 13 0.70 -11.70 -13.56
CA SER F 13 1.43 -11.46 -12.31
C SER F 13 2.05 -12.77 -11.83
N ASP F 14 2.87 -12.66 -10.79
CA ASP F 14 3.53 -13.81 -10.18
C ASP F 14 2.59 -14.50 -9.19
N PHE F 15 1.48 -14.99 -9.72
CA PHE F 15 0.48 -15.70 -8.93
C PHE F 15 0.96 -17.13 -8.71
N LEU F 16 1.28 -17.47 -7.46
CA LEU F 16 1.83 -18.77 -7.09
C LEU F 16 3.21 -19.00 -7.71
N LEU F 17 3.79 -17.98 -8.34
CA LEU F 17 5.15 -18.05 -8.85
C LEU F 17 6.16 -17.41 -7.90
N LYS F 18 5.71 -16.98 -6.72
CA LYS F 18 6.59 -16.34 -5.76
C LYS F 18 7.58 -17.35 -5.20
N GLU F 19 8.85 -16.97 -5.19
CA GLU F 19 9.87 -17.83 -4.59
C GLU F 19 9.69 -17.85 -3.08
N PRO F 20 10.15 -18.91 -2.40
CA PRO F 20 10.01 -18.96 -0.94
C PRO F 20 10.60 -17.72 -0.29
N THR F 21 9.75 -17.02 0.49
CA THR F 21 10.16 -15.79 1.15
C THR F 21 10.87 -16.13 2.45
N GLU F 22 12.14 -16.54 2.32
CA GLU F 22 12.96 -16.88 3.47
C GLU F 22 14.41 -17.03 3.03
N PRO F 23 15.38 -16.77 3.93
CA PRO F 23 16.79 -16.94 3.56
C PRO F 23 17.22 -18.39 3.43
N LYS F 24 16.42 -19.35 3.90
CA LYS F 24 16.82 -20.75 3.83
C LYS F 24 17.00 -21.21 2.39
N PHE F 25 16.09 -20.82 1.51
CA PHE F 25 16.13 -21.18 0.10
C PHE F 25 16.38 -19.91 -0.71
N LYS F 26 17.66 -19.59 -0.91
CA LYS F 26 18.07 -18.42 -1.66
C LYS F 26 18.41 -18.86 -3.08
N GLY F 27 17.48 -18.63 -4.00
CA GLY F 27 17.67 -18.98 -5.38
C GLY F 27 17.32 -20.41 -5.73
N LEU F 28 16.83 -21.20 -4.78
CA LEU F 28 16.45 -22.58 -5.03
C LEU F 28 14.96 -22.63 -5.40
N ARG F 29 14.67 -23.15 -6.59
CA ARG F 29 13.28 -23.24 -7.03
C ARG F 29 12.47 -24.13 -6.10
N LEU F 30 13.03 -25.29 -5.74
CA LEU F 30 12.37 -26.31 -4.93
C LEU F 30 11.15 -26.92 -5.62
N GLU F 31 10.88 -26.53 -6.86
CA GLU F 31 9.76 -27.08 -7.60
C GLU F 31 10.12 -27.03 -9.09
N LEU F 32 9.96 -28.14 -9.77
CA LEU F 32 10.30 -28.19 -11.19
C LEU F 32 9.43 -27.20 -11.96
N ALA F 33 9.97 -26.73 -13.09
CA ALA F 33 9.25 -25.74 -13.89
C ALA F 33 7.93 -26.30 -14.39
N VAL F 34 7.93 -27.54 -14.86
CA VAL F 34 6.70 -28.14 -15.38
C VAL F 34 5.68 -28.30 -14.26
N ASP F 35 6.11 -28.75 -13.08
CA ASP F 35 5.19 -28.90 -11.96
C ASP F 35 4.62 -27.55 -11.54
N LYS F 36 5.46 -26.52 -11.51
CA LYS F 36 4.98 -25.19 -11.13
C LYS F 36 3.98 -24.68 -12.15
N MET F 37 4.25 -24.89 -13.44
CA MET F 37 3.29 -24.49 -14.46
C MET F 37 1.97 -25.24 -14.30
N VAL F 38 2.04 -26.54 -14.05
CA VAL F 38 0.82 -27.34 -13.90
C VAL F 38 0.01 -26.84 -12.72
N THR F 39 0.66 -26.63 -11.58
CA THR F 39 -0.05 -26.16 -10.41
C THR F 39 -0.63 -24.77 -10.64
N CYS F 40 0.15 -23.88 -11.23
CA CYS F 40 -0.32 -22.52 -11.47
C CYS F 40 -1.56 -22.53 -12.36
N ILE F 41 -1.52 -23.30 -13.45
CA ILE F 41 -2.69 -23.38 -14.33
C ILE F 41 -3.87 -23.98 -13.56
N ALA F 42 -3.69 -25.18 -13.02
CA ALA F 42 -4.78 -25.90 -12.40
C ALA F 42 -5.41 -25.14 -11.25
N VAL F 43 -4.70 -24.21 -10.63
CA VAL F 43 -5.23 -23.44 -9.53
C VAL F 43 -5.80 -22.11 -9.99
N GLY F 44 -5.02 -21.33 -10.74
CA GLY F 44 -5.46 -20.00 -11.14
C GLY F 44 -6.38 -19.95 -12.33
N LEU F 45 -6.64 -21.07 -12.99
CA LEU F 45 -7.62 -21.07 -14.06
C LEU F 45 -9.02 -21.06 -13.48
N PRO F 46 -9.38 -22.02 -12.61
CA PRO F 46 -10.73 -21.99 -12.03
C PRO F 46 -11.02 -20.70 -11.27
N LEU F 47 -10.03 -20.14 -10.58
CA LEU F 47 -10.23 -18.87 -9.90
C LEU F 47 -10.48 -17.76 -10.91
N LEU F 48 -9.73 -17.75 -12.00
CA LEU F 48 -9.94 -16.74 -13.04
C LEU F 48 -11.34 -16.86 -13.64
N LEU F 49 -11.79 -18.09 -13.87
CA LEU F 49 -13.12 -18.29 -14.42
C LEU F 49 -14.20 -17.88 -13.44
N ILE F 50 -14.01 -18.16 -12.14
CA ILE F 50 -14.95 -17.70 -11.13
C ILE F 50 -15.06 -16.18 -11.19
N SER F 51 -13.91 -15.50 -11.21
CA SER F 51 -13.92 -14.04 -11.24
C SER F 51 -14.57 -13.53 -12.52
N LEU F 52 -14.28 -14.15 -13.66
CA LEU F 52 -14.84 -13.71 -14.93
C LEU F 52 -16.35 -13.87 -14.96
N ALA F 53 -16.86 -15.01 -14.48
CA ALA F 53 -18.28 -15.29 -14.59
C ALA F 53 -19.14 -14.25 -13.88
N PHE F 54 -18.58 -13.54 -12.90
CA PHE F 54 -19.32 -12.53 -12.15
C PHE F 54 -18.71 -11.15 -12.32
N ALA F 55 -18.04 -10.93 -13.46
CA ALA F 55 -17.48 -9.63 -13.77
C ALA F 55 -18.60 -8.60 -13.96
N GLN F 56 -18.30 -7.35 -13.60
CA GLN F 56 -19.33 -6.31 -13.64
C GLN F 56 -19.86 -6.10 -15.05
N GLU F 57 -19.09 -6.46 -16.07
CA GLU F 57 -19.54 -6.31 -17.45
C GLU F 57 -20.35 -7.50 -17.96
N ILE F 58 -19.86 -8.73 -17.76
CA ILE F 58 -20.58 -9.90 -18.21
C ILE F 58 -21.86 -10.16 -17.42
N SER F 59 -21.96 -9.63 -16.21
CA SER F 59 -23.07 -9.92 -15.32
C SER F 59 -24.17 -8.88 -15.54
N ILE F 60 -25.35 -9.34 -15.95
CA ILE F 60 -26.49 -8.45 -16.11
C ILE F 60 -26.91 -7.88 -14.76
N GLY F 61 -26.81 -8.69 -13.71
CA GLY F 61 -27.32 -8.30 -12.41
C GLY F 61 -27.47 -9.47 -11.47
N THR F 62 -28.65 -9.61 -10.88
CA THR F 62 -28.92 -10.70 -9.96
C THR F 62 -28.85 -12.04 -10.69
N GLN F 63 -28.55 -13.10 -9.93
CA GLN F 63 -28.30 -14.41 -10.50
C GLN F 63 -29.58 -15.22 -10.74
N ILE F 64 -30.74 -14.70 -10.38
CA ILE F 64 -31.99 -15.42 -10.61
C ILE F 64 -33.13 -14.41 -10.68
N SER F 65 -34.04 -14.62 -11.62
CA SER F 65 -35.23 -13.79 -11.75
C SER F 65 -36.42 -14.70 -12.00
N CYS F 66 -37.51 -14.50 -11.24
CA CYS F 66 -38.62 -15.43 -11.23
C CYS F 66 -39.87 -14.91 -11.95
N PHE F 67 -39.88 -13.66 -12.40
CA PHE F 67 -41.00 -13.11 -13.16
C PHE F 67 -42.31 -13.21 -12.36
N SER F 68 -42.34 -12.44 -11.27
CA SER F 68 -43.56 -12.35 -10.49
C SER F 68 -44.63 -11.61 -11.28
N PRO F 69 -45.90 -11.82 -10.95
CA PRO F 69 -46.98 -11.10 -11.64
C PRO F 69 -46.81 -9.60 -11.53
N SER F 70 -47.50 -8.89 -12.43
CA SER F 70 -47.46 -7.43 -12.40
C SER F 70 -48.05 -6.87 -11.11
N SER F 71 -49.10 -7.53 -10.60
CA SER F 71 -49.70 -7.09 -9.34
C SER F 71 -48.70 -7.12 -8.20
N PHE F 72 -47.72 -8.01 -8.26
CA PHE F 72 -46.73 -8.11 -7.20
C PHE F 72 -45.89 -6.85 -7.14
N SER F 73 -45.58 -6.43 -5.93
CA SER F 73 -44.71 -5.28 -5.70
C SER F 73 -43.25 -5.70 -5.87
N TRP F 74 -42.36 -4.71 -5.87
CA TRP F 74 -40.94 -4.99 -6.04
C TRP F 74 -40.42 -5.95 -4.97
N ARG F 75 -40.74 -5.69 -3.71
CA ARG F 75 -40.20 -6.55 -2.66
C ARG F 75 -40.92 -7.88 -2.57
N GLN F 76 -42.17 -7.97 -3.02
CA GLN F 76 -42.79 -9.29 -3.19
C GLN F 76 -42.03 -10.11 -4.23
N ALA F 77 -41.70 -9.49 -5.36
CA ALA F 77 -40.92 -10.19 -6.39
C ALA F 77 -39.54 -10.55 -5.87
N ALA F 78 -38.92 -9.66 -5.10
CA ALA F 78 -37.62 -9.96 -4.51
C ALA F 78 -37.72 -11.13 -3.55
N PHE F 79 -38.78 -11.18 -2.74
CA PHE F 79 -39.00 -12.34 -1.89
C PHE F 79 -39.11 -13.60 -2.73
N VAL F 80 -39.85 -13.55 -3.84
CA VAL F 80 -39.99 -14.73 -4.69
C VAL F 80 -38.62 -15.18 -5.17
N ASP F 81 -37.82 -14.24 -5.68
CA ASP F 81 -36.53 -14.60 -6.25
C ASP F 81 -35.61 -15.19 -5.20
N SER F 82 -35.52 -14.53 -4.03
CA SER F 82 -34.65 -15.02 -2.98
C SER F 82 -35.14 -16.36 -2.44
N TYR F 83 -36.46 -16.53 -2.31
CA TYR F 83 -37.02 -17.79 -1.84
C TYR F 83 -36.65 -18.92 -2.78
N CYS F 84 -36.78 -18.69 -4.09
CA CYS F 84 -36.43 -19.74 -5.04
C CYS F 84 -34.93 -20.02 -5.03
N TRP F 85 -34.13 -18.96 -4.89
CA TRP F 85 -32.69 -19.14 -4.78
C TRP F 85 -32.33 -20.02 -3.60
N ALA F 86 -32.97 -19.81 -2.45
CA ALA F 86 -32.73 -20.65 -1.29
C ALA F 86 -33.44 -22.00 -1.37
N ALA F 87 -34.43 -22.14 -2.25
CA ALA F 87 -35.22 -23.34 -2.37
C ALA F 87 -34.71 -24.27 -3.46
N VAL F 88 -33.70 -23.88 -4.23
CA VAL F 88 -33.06 -24.83 -5.12
C VAL F 88 -32.67 -26.09 -4.35
N GLN F 89 -32.28 -25.92 -3.09
CA GLN F 89 -32.00 -27.07 -2.23
C GLN F 89 -33.28 -27.81 -1.89
N GLN F 90 -34.31 -27.09 -1.47
CA GLN F 90 -35.57 -27.70 -1.09
C GLN F 90 -36.27 -28.31 -2.29
N LYS F 91 -36.23 -29.64 -2.39
CA LYS F 91 -36.76 -30.32 -3.57
C LYS F 91 -38.27 -30.13 -3.71
N ASN F 92 -38.99 -30.11 -2.59
CA ASN F 92 -40.45 -30.01 -2.67
C ASN F 92 -40.87 -28.69 -3.29
N SER F 93 -40.17 -27.60 -2.98
CA SER F 93 -40.58 -26.28 -3.44
C SER F 93 -40.58 -26.19 -4.97
N LEU F 94 -39.54 -26.72 -5.60
CA LEU F 94 -39.35 -26.58 -7.04
C LEU F 94 -39.58 -27.90 -7.76
N GLN F 95 -40.03 -27.79 -9.00
CA GLN F 95 -40.24 -28.95 -9.88
C GLN F 95 -39.63 -28.61 -11.23
N SER F 96 -38.47 -29.21 -11.52
CA SER F 96 -37.75 -28.97 -12.76
C SER F 96 -37.58 -30.29 -13.52
N GLU F 97 -37.66 -30.21 -14.84
CA GLU F 97 -37.54 -31.42 -15.66
C GLU F 97 -36.17 -32.07 -15.49
N SER F 98 -35.11 -31.26 -15.47
CA SER F 98 -33.76 -31.82 -15.37
C SER F 98 -33.47 -32.35 -13.97
N GLY F 99 -34.28 -32.02 -12.98
CA GLY F 99 -34.06 -32.44 -11.61
C GLY F 99 -33.61 -31.29 -10.74
N ASN F 100 -33.02 -31.63 -9.60
CA ASN F 100 -32.53 -30.64 -8.65
C ASN F 100 -31.00 -30.58 -8.59
N LEU F 101 -30.32 -31.65 -8.98
CA LEU F 101 -28.87 -31.61 -9.05
C LEU F 101 -28.37 -30.54 -10.02
N PRO F 102 -28.96 -30.36 -11.20
CA PRO F 102 -28.53 -29.25 -12.06
C PRO F 102 -28.68 -27.90 -11.39
N LEU F 103 -29.73 -27.70 -10.60
CA LEU F 103 -29.91 -26.43 -9.91
C LEU F 103 -28.85 -26.25 -8.83
N TRP F 104 -28.58 -27.31 -8.07
CA TRP F 104 -27.50 -27.26 -7.08
C TRP F 104 -26.19 -26.85 -7.74
N LEU F 105 -25.87 -27.49 -8.87
CA LEU F 105 -24.62 -27.21 -9.56
C LEU F 105 -24.61 -25.78 -10.08
N HIS F 106 -25.71 -25.31 -10.65
CA HIS F 106 -25.75 -23.95 -11.16
C HIS F 106 -25.55 -22.94 -10.04
N LYS F 107 -26.13 -23.20 -8.87
CA LYS F 107 -25.99 -22.26 -7.76
C LYS F 107 -24.58 -22.29 -7.18
N PHE F 108 -23.97 -23.48 -7.08
CA PHE F 108 -22.72 -23.64 -6.35
C PHE F 108 -21.52 -23.90 -7.26
N PHE F 109 -21.63 -23.58 -8.55
CA PHE F 109 -20.48 -23.73 -9.45
C PHE F 109 -19.25 -22.99 -8.97
N PRO F 110 -19.32 -21.74 -8.52
CA PRO F 110 -18.12 -21.10 -7.98
C PRO F 110 -17.51 -21.86 -6.82
N TYR F 111 -18.35 -22.40 -5.94
CA TYR F 111 -17.85 -23.19 -4.82
C TYR F 111 -17.14 -24.43 -5.31
N ILE F 112 -17.66 -25.07 -6.35
CA ILE F 112 -17.05 -26.29 -6.86
C ILE F 112 -15.71 -25.99 -7.52
N LEU F 113 -15.64 -24.89 -8.28
CA LEU F 113 -14.36 -24.49 -8.86
C LEU F 113 -13.34 -24.17 -7.78
N LEU F 114 -13.77 -23.45 -6.74
CA LEU F 114 -12.86 -23.15 -5.64
C LEU F 114 -12.40 -24.42 -4.93
N LEU F 115 -13.31 -25.38 -4.77
CA LEU F 115 -12.95 -26.66 -4.18
C LEU F 115 -11.90 -27.38 -5.01
N PHE F 116 -12.09 -27.41 -6.33
CA PHE F 116 -11.09 -28.05 -7.18
C PHE F 116 -9.75 -27.33 -7.11
N ALA F 117 -9.79 -26.00 -7.08
CA ALA F 117 -8.53 -25.24 -6.97
C ALA F 117 -7.82 -25.55 -5.67
N ILE F 118 -8.56 -25.61 -4.56
CA ILE F 118 -7.95 -25.90 -3.26
C ILE F 118 -7.39 -27.31 -3.25
N LEU F 119 -8.15 -28.27 -3.79
CA LEU F 119 -7.69 -29.65 -3.80
C LEU F 119 -6.45 -29.82 -4.68
N LEU F 120 -6.35 -29.05 -5.75
CA LEU F 120 -5.16 -29.10 -6.60
C LEU F 120 -3.98 -28.39 -5.98
N TYR F 121 -4.24 -27.35 -5.18
CA TYR F 121 -3.17 -26.65 -4.46
C TYR F 121 -2.68 -27.42 -3.25
N LEU F 122 -3.49 -28.34 -2.72
CA LEU F 122 -3.09 -29.09 -1.54
C LEU F 122 -1.83 -29.91 -1.73
N PRO F 123 -1.69 -30.72 -2.78
CA PRO F 123 -0.50 -31.57 -2.90
C PRO F 123 0.77 -30.75 -3.06
N PRO F 124 0.75 -29.70 -3.88
CA PRO F 124 1.94 -28.82 -3.92
C PRO F 124 2.30 -28.25 -2.57
N LEU F 125 1.31 -27.85 -1.78
CA LEU F 125 1.59 -27.31 -0.45
C LEU F 125 2.17 -28.39 0.47
N PHE F 126 1.63 -29.60 0.41
CA PHE F 126 2.17 -30.70 1.18
C PHE F 126 3.62 -30.95 0.81
N TRP F 127 3.92 -30.95 -0.50
CA TRP F 127 5.29 -31.09 -0.94
C TRP F 127 6.17 -29.99 -0.35
N ARG F 128 5.76 -28.73 -0.53
CA ARG F 128 6.60 -27.61 -0.13
C ARG F 128 6.80 -27.55 1.38
N PHE F 129 5.88 -28.12 2.16
CA PHE F 129 5.97 -28.08 3.61
C PHE F 129 6.55 -29.36 4.22
N ALA F 130 6.64 -30.45 3.46
CA ALA F 130 7.15 -31.71 3.99
C ALA F 130 8.47 -32.12 3.34
N ALA F 131 8.51 -32.23 2.01
CA ALA F 131 9.66 -32.78 1.33
C ALA F 131 10.55 -31.71 0.70
N ALA F 132 10.18 -30.44 0.79
CA ALA F 132 10.96 -29.39 0.19
C ALA F 132 12.17 -29.01 1.05
N PRO F 133 12.01 -28.85 2.37
CA PRO F 133 13.19 -28.50 3.18
C PRO F 133 14.32 -29.51 3.07
N HIS F 134 13.99 -30.80 3.05
CA HIS F 134 15.02 -31.83 3.00
C HIS F 134 15.79 -31.77 1.70
N ILE F 135 15.07 -31.71 0.57
CA ILE F 135 15.75 -31.64 -0.72
C ILE F 135 16.51 -30.33 -0.84
N CYS F 136 15.99 -29.24 -0.27
CA CYS F 136 16.70 -27.98 -0.30
C CYS F 136 18.04 -28.10 0.40
N SER F 137 18.04 -28.64 1.62
CA SER F 137 19.28 -28.78 2.37
C SER F 137 20.26 -29.69 1.64
N ASP F 138 19.76 -30.84 1.15
CA ASP F 138 20.64 -31.79 0.46
C ASP F 138 21.24 -31.18 -0.80
N LEU F 139 20.42 -30.46 -1.56
CA LEU F 139 20.89 -29.88 -2.82
C LEU F 139 21.84 -28.72 -2.57
N LYS F 140 21.61 -27.94 -1.51
CA LYS F 140 22.55 -26.90 -1.15
C LYS F 140 23.89 -27.50 -0.76
N PHE F 141 23.88 -28.58 0.02
CA PHE F 141 25.12 -29.27 0.35
C PHE F 141 25.81 -29.77 -0.91
N ILE F 142 25.05 -30.34 -1.84
CA ILE F 142 25.65 -30.89 -3.06
C ILE F 142 26.28 -29.78 -3.88
N MET F 143 25.61 -28.65 -4.03
CA MET F 143 26.17 -27.53 -4.78
C MET F 143 27.43 -27.00 -4.09
N GLU F 144 27.41 -26.89 -2.76
CA GLU F 144 28.59 -26.43 -2.05
C GLU F 144 29.75 -27.40 -2.25
N GLU F 145 29.48 -28.70 -2.20
CA GLU F 145 30.52 -29.69 -2.43
C GLU F 145 31.08 -29.60 -3.84
N LEU F 146 30.21 -29.40 -4.83
CA LEU F 146 30.69 -29.25 -6.21
C LEU F 146 31.57 -28.01 -6.35
N ASP F 147 31.16 -26.89 -5.75
CA ASP F 147 31.98 -25.69 -5.80
C ASP F 147 33.33 -25.92 -5.13
N LYS F 148 33.33 -26.59 -3.98
CA LYS F 148 34.57 -26.83 -3.26
C LYS F 148 35.50 -27.73 -4.05
N VAL F 149 34.97 -28.80 -4.66
CA VAL F 149 35.82 -29.70 -5.42
C VAL F 149 36.35 -29.02 -6.67
N TYR F 150 35.54 -28.18 -7.31
CA TYR F 150 36.02 -27.41 -8.45
C TYR F 150 37.16 -26.48 -8.03
N ASN F 151 36.99 -25.79 -6.90
CA ASN F 151 38.05 -24.91 -6.41
C ASN F 151 39.31 -25.69 -6.10
N ARG F 152 39.18 -26.85 -5.47
CA ARG F 152 40.35 -27.66 -5.16
C ARG F 152 41.05 -28.13 -6.43
N ALA F 153 40.28 -28.55 -7.43
CA ALA F 153 40.88 -29.02 -8.67
C ALA F 153 41.61 -27.90 -9.40
N ILE F 154 41.02 -26.71 -9.45
CA ILE F 154 41.69 -25.60 -10.12
C ILE F 154 42.93 -25.17 -9.35
N LYS F 155 42.86 -25.21 -8.01
CA LYS F 155 44.04 -24.89 -7.22
C LYS F 155 45.16 -25.90 -7.47
N ALA F 156 44.81 -27.18 -7.54
CA ALA F 156 45.82 -28.20 -7.83
C ALA F 156 46.42 -28.00 -9.21
N ALA F 157 45.59 -27.68 -10.21
CA ALA F 157 46.10 -27.44 -11.55
C ALA F 157 47.04 -26.24 -11.57
N LYS F 158 46.67 -25.15 -10.88
CA LYS F 158 47.53 -23.97 -10.82
C LYS F 158 48.84 -24.29 -10.13
N SER F 159 48.80 -25.06 -9.03
CA SER F 159 50.03 -25.43 -8.35
C SER F 159 50.92 -26.27 -9.24
N ALA F 160 50.34 -27.22 -9.98
CA ALA F 160 51.13 -28.03 -10.90
C ALA F 160 51.74 -27.18 -11.99
N ARG F 161 50.98 -26.22 -12.53
CA ARG F 161 51.50 -25.35 -13.57
C ARG F 161 52.66 -24.50 -13.04
N ASP F 162 52.52 -23.97 -11.83
CA ASP F 162 53.55 -23.14 -11.24
C ASP F 162 54.76 -23.97 -10.81
N PHE F 191 42.86 -36.05 1.86
CA PHE F 191 41.49 -36.56 1.78
C PHE F 191 41.18 -37.08 0.39
N LYS F 192 40.80 -36.16 -0.51
CA LYS F 192 40.48 -36.51 -1.89
C LYS F 192 39.43 -37.61 -1.93
N TYR F 193 38.44 -37.52 -1.05
CA TYR F 193 37.39 -38.54 -0.97
C TYR F 193 36.15 -38.07 -1.71
N PRO F 194 35.47 -38.94 -2.46
CA PRO F 194 34.26 -38.51 -3.19
C PRO F 194 33.02 -38.51 -2.31
N ILE F 195 32.95 -37.51 -1.43
CA ILE F 195 31.85 -37.40 -0.48
C ILE F 195 30.53 -37.21 -1.23
N VAL F 196 30.52 -36.33 -2.22
CA VAL F 196 29.29 -36.06 -2.96
C VAL F 196 28.83 -37.30 -3.72
N GLU F 197 29.77 -38.03 -4.32
CA GLU F 197 29.40 -39.24 -5.05
C GLU F 197 28.84 -40.29 -4.09
N GLN F 198 29.45 -40.44 -2.92
CA GLN F 198 28.92 -41.39 -1.94
C GLN F 198 27.53 -40.97 -1.48
N TYR F 199 27.30 -39.67 -1.28
CA TYR F 199 25.98 -39.21 -0.86
C TYR F 199 24.93 -39.51 -1.92
N LEU F 200 25.27 -39.24 -3.19
CA LEU F 200 24.34 -39.55 -4.27
C LEU F 200 24.06 -41.05 -4.35
N LYS F 201 25.11 -41.87 -4.20
CA LYS F 201 24.93 -43.31 -4.21
C LYS F 201 23.99 -43.74 -3.09
N THR F 202 24.14 -43.17 -1.90
CA THR F 202 23.23 -43.48 -0.80
C THR F 202 21.81 -43.06 -1.14
N LYS F 203 21.64 -41.88 -1.76
CA LYS F 203 20.32 -41.46 -2.20
C LYS F 203 19.73 -42.44 -3.20
N LYS F 204 20.58 -43.15 -3.95
CA LYS F 204 20.09 -44.15 -4.88
C LYS F 204 19.20 -45.18 -4.19
N ASN F 205 19.45 -45.47 -2.92
CA ASN F 205 18.70 -46.49 -2.19
C ASN F 205 17.35 -45.96 -1.69
N SER F 206 17.39 -44.88 -0.90
CA SER F 206 16.16 -44.34 -0.33
C SER F 206 15.23 -43.83 -1.43
N ASN F 207 13.92 -43.94 -1.16
CA ASN F 207 12.92 -43.56 -2.15
C ASN F 207 11.73 -42.81 -1.55
N ASN F 208 11.86 -42.31 -0.31
CA ASN F 208 10.73 -41.64 0.31
C ASN F 208 10.34 -40.37 -0.44
N LEU F 209 11.35 -39.60 -0.88
CA LEU F 209 11.06 -38.37 -1.60
C LEU F 209 10.39 -38.64 -2.93
N ILE F 210 10.88 -39.63 -3.68
CA ILE F 210 10.27 -39.94 -4.97
C ILE F 210 8.88 -40.50 -4.77
N ILE F 211 8.66 -41.28 -3.72
CA ILE F 211 7.33 -41.80 -3.44
C ILE F 211 6.37 -40.67 -3.13
N LYS F 212 6.79 -39.70 -2.31
CA LYS F 212 5.94 -38.56 -2.02
C LYS F 212 5.65 -37.75 -3.29
N TYR F 213 6.67 -37.55 -4.13
CA TYR F 213 6.48 -36.80 -5.36
C TYR F 213 5.46 -37.49 -6.27
N ILE F 214 5.63 -38.80 -6.46
CA ILE F 214 4.71 -39.53 -7.31
C ILE F 214 3.30 -39.55 -6.72
N SER F 215 3.19 -39.66 -5.39
CA SER F 215 1.87 -39.66 -4.76
C SER F 215 1.18 -38.32 -4.96
N CYS F 216 1.90 -37.22 -4.77
CA CYS F 216 1.28 -35.91 -4.94
C CYS F 216 0.90 -35.66 -6.40
N ARG F 217 1.76 -36.08 -7.34
CA ARG F 217 1.42 -35.94 -8.75
C ARG F 217 0.21 -36.79 -9.11
N LEU F 218 0.13 -38.00 -8.57
CA LEU F 218 -1.00 -38.88 -8.86
C LEU F 218 -2.29 -38.31 -8.29
N LEU F 219 -2.23 -37.77 -7.08
CA LEU F 219 -3.42 -37.13 -6.50
C LEU F 219 -3.84 -35.93 -7.34
N THR F 220 -2.88 -35.14 -7.81
CA THR F 220 -3.21 -34.01 -8.69
C THR F 220 -3.88 -34.51 -9.96
N LEU F 221 -3.36 -35.60 -10.54
CA LEU F 221 -3.96 -36.15 -11.76
C LEU F 221 -5.38 -36.64 -11.50
N ILE F 222 -5.60 -37.31 -10.37
CA ILE F 222 -6.93 -37.81 -10.04
C ILE F 222 -7.90 -36.66 -9.84
N ILE F 223 -7.45 -35.61 -9.15
CA ILE F 223 -8.30 -34.43 -8.96
C ILE F 223 -8.64 -33.79 -10.31
N ILE F 224 -7.65 -33.71 -11.19
CA ILE F 224 -7.88 -33.14 -12.52
C ILE F 224 -8.90 -33.97 -13.29
N LEU F 225 -8.77 -35.30 -13.22
CA LEU F 225 -9.72 -36.16 -13.93
C LEU F 225 -11.12 -36.01 -13.37
N LEU F 226 -11.26 -35.96 -12.04
CA LEU F 226 -12.58 -35.76 -11.46
C LEU F 226 -13.16 -34.41 -11.85
N ALA F 227 -12.32 -33.38 -11.87
CA ALA F 227 -12.78 -32.06 -12.32
C ALA F 227 -13.24 -32.11 -13.77
N CYS F 228 -12.51 -32.83 -14.61
CA CYS F 228 -12.92 -32.97 -16.01
C CYS F 228 -14.26 -33.68 -16.12
N ILE F 229 -14.46 -34.74 -15.33
CA ILE F 229 -15.74 -35.45 -15.33
C ILE F 229 -16.85 -34.49 -14.95
N TYR F 230 -16.65 -33.74 -13.86
CA TYR F 230 -17.68 -32.82 -13.39
C TYR F 230 -17.97 -31.74 -14.44
N LEU F 231 -16.93 -31.18 -15.05
CA LEU F 231 -17.13 -30.11 -16.01
C LEU F 231 -17.82 -30.63 -17.27
N GLY F 232 -17.47 -31.83 -17.70
CA GLY F 232 -18.18 -32.41 -18.83
C GLY F 232 -19.65 -32.64 -18.54
N TYR F 233 -19.95 -33.15 -17.34
CA TYR F 233 -21.35 -33.32 -16.95
C TYR F 233 -22.07 -31.98 -16.91
N TYR F 234 -21.41 -30.96 -16.36
CA TYR F 234 -22.05 -29.64 -16.24
C TYR F 234 -22.30 -29.03 -17.62
N PHE F 235 -21.35 -29.18 -18.54
CA PHE F 235 -21.50 -28.65 -19.88
C PHE F 235 -22.44 -29.47 -20.74
N SER F 236 -22.70 -30.72 -20.37
CA SER F 236 -23.61 -31.58 -21.13
C SER F 236 -25.08 -31.31 -20.82
N LEU F 237 -25.37 -30.45 -19.83
CA LEU F 237 -26.75 -30.14 -19.51
C LEU F 237 -27.48 -29.59 -20.72
N SER F 238 -28.81 -29.64 -20.67
CA SER F 238 -29.64 -29.23 -21.79
C SER F 238 -29.60 -27.73 -22.03
N SER F 239 -29.02 -26.94 -21.12
CA SER F 239 -29.00 -25.49 -21.13
C SER F 239 -30.34 -24.88 -20.74
N LEU F 240 -31.38 -25.69 -20.57
CA LEU F 240 -32.67 -25.23 -20.09
C LEU F 240 -32.93 -25.67 -18.65
N SER F 241 -31.99 -26.41 -18.05
CA SER F 241 -32.14 -26.79 -16.64
C SER F 241 -32.04 -25.59 -15.72
N ASP F 242 -31.43 -24.49 -16.19
CA ASP F 242 -31.40 -23.27 -15.40
C ASP F 242 -32.79 -22.70 -15.17
N GLU F 243 -33.75 -23.03 -16.04
CA GLU F 243 -35.14 -22.61 -15.85
C GLU F 243 -35.86 -23.68 -15.04
N PHE F 244 -36.31 -23.31 -13.85
CA PHE F 244 -37.04 -24.22 -12.98
C PHE F 244 -38.29 -23.55 -12.45
N VAL F 245 -39.29 -24.37 -12.15
CA VAL F 245 -40.55 -23.88 -11.60
C VAL F 245 -40.44 -23.81 -10.09
N CYS F 246 -40.89 -22.70 -9.52
CA CYS F 246 -40.74 -22.40 -8.10
C CYS F 246 -42.09 -22.13 -7.48
N SER F 247 -42.31 -22.63 -6.28
CA SER F 247 -43.60 -22.53 -5.61
C SER F 247 -43.39 -22.01 -4.20
N ILE F 248 -43.82 -20.77 -3.96
CA ILE F 248 -43.82 -20.20 -2.60
C ILE F 248 -45.19 -20.51 -2.02
N LYS F 249 -45.37 -21.76 -1.61
CA LYS F 249 -46.67 -22.27 -1.17
C LYS F 249 -46.51 -23.13 0.08
N SER F 250 -45.54 -22.80 0.92
CA SER F 250 -45.32 -23.49 2.17
C SER F 250 -45.56 -22.52 3.32
N GLY F 251 -46.25 -23.00 4.34
CA GLY F 251 -46.58 -22.17 5.48
C GLY F 251 -47.95 -21.56 5.38
N ILE F 252 -48.08 -20.28 5.77
CA ILE F 252 -49.35 -19.60 5.70
C ILE F 252 -49.76 -19.32 4.25
N LEU F 253 -48.80 -19.29 3.34
CA LEU F 253 -49.06 -19.02 1.93
C LEU F 253 -49.49 -20.25 1.15
N ARG F 254 -49.52 -21.42 1.79
CA ARG F 254 -49.83 -22.64 1.07
C ARG F 254 -51.23 -22.61 0.48
N ASN F 255 -52.20 -22.11 1.24
CA ASN F 255 -53.59 -22.03 0.80
C ASN F 255 -54.00 -20.62 0.39
N ASP F 256 -53.04 -19.70 0.31
CA ASP F 256 -53.35 -18.35 -0.15
C ASP F 256 -53.75 -18.39 -1.62
N SER F 257 -54.67 -17.51 -2.00
CA SER F 257 -55.24 -17.51 -3.35
C SER F 257 -54.61 -16.48 -4.26
N THR F 258 -54.35 -15.27 -3.75
CA THR F 258 -53.82 -14.20 -4.61
C THR F 258 -52.47 -14.57 -5.20
N VAL F 259 -51.72 -15.44 -4.54
CA VAL F 259 -50.40 -15.83 -5.03
C VAL F 259 -50.55 -16.95 -6.05
N PRO F 260 -49.89 -16.86 -7.22
CA PRO F 260 -49.98 -17.97 -8.18
C PRO F 260 -49.31 -19.23 -7.64
N ASP F 261 -49.81 -20.36 -8.14
CA ASP F 261 -49.33 -21.65 -7.64
C ASP F 261 -47.84 -21.83 -7.90
N GLN F 262 -47.31 -21.15 -8.92
CA GLN F 262 -45.91 -21.34 -9.28
C GLN F 262 -45.42 -20.15 -10.09
N PHE F 263 -44.11 -20.08 -10.24
CA PHE F 263 -43.42 -18.99 -10.93
C PHE F 263 -42.40 -19.58 -11.88
N GLN F 264 -42.00 -18.79 -12.87
CA GLN F 264 -40.98 -19.17 -13.83
C GLN F 264 -39.68 -18.49 -13.44
N CYS F 265 -38.75 -19.26 -12.89
CA CYS F 265 -37.45 -18.75 -12.46
C CYS F 265 -36.37 -19.27 -13.38
N LYS F 266 -35.38 -18.41 -13.65
CA LYS F 266 -34.24 -18.75 -14.47
C LYS F 266 -32.97 -18.36 -13.74
N LEU F 267 -31.98 -19.24 -13.75
CA LEU F 267 -30.69 -18.97 -13.14
C LEU F 267 -29.79 -18.32 -14.17
N ILE F 268 -29.59 -17.01 -14.03
CA ILE F 268 -28.73 -16.30 -14.97
C ILE F 268 -27.28 -16.75 -14.78
N ALA F 269 -26.47 -16.51 -15.80
CA ALA F 269 -25.05 -16.82 -15.83
C ALA F 269 -24.77 -18.31 -15.96
N VAL F 270 -25.80 -19.15 -16.15
CA VAL F 270 -25.56 -20.58 -16.32
C VAL F 270 -24.87 -20.85 -17.64
N GLY F 271 -25.23 -20.11 -18.69
CA GLY F 271 -24.52 -20.25 -19.96
C GLY F 271 -23.05 -19.87 -19.83
N ILE F 272 -22.78 -18.78 -19.09
CA ILE F 272 -21.39 -18.40 -18.83
C ILE F 272 -20.68 -19.49 -18.05
N PHE F 273 -21.35 -20.06 -17.05
CA PHE F 273 -20.77 -21.15 -16.29
C PHE F 273 -20.40 -22.31 -17.20
N GLN F 274 -21.31 -22.68 -18.11
CA GLN F 274 -21.04 -23.80 -19.01
C GLN F 274 -19.88 -23.48 -19.95
N LEU F 275 -19.84 -22.26 -20.48
CA LEU F 275 -18.74 -21.88 -21.36
C LEU F 275 -17.40 -21.97 -20.62
N LEU F 276 -17.33 -21.38 -19.43
CA LEU F 276 -16.09 -21.42 -18.67
C LEU F 276 -15.75 -22.84 -18.22
N SER F 277 -16.77 -23.67 -17.98
CA SER F 277 -16.52 -25.04 -17.58
C SER F 277 -15.92 -25.84 -18.73
N VAL F 278 -16.42 -25.64 -19.95
CA VAL F 278 -15.81 -26.33 -21.09
C VAL F 278 -14.41 -25.81 -21.34
N ILE F 279 -14.18 -24.51 -21.12
CA ILE F 279 -12.82 -23.98 -21.24
C ILE F 279 -11.89 -24.68 -20.26
N ASN F 280 -12.32 -24.79 -19.00
CA ASN F 280 -11.52 -25.45 -17.98
C ASN F 280 -11.32 -26.92 -18.31
N LEU F 281 -12.35 -27.56 -18.87
CA LEU F 281 -12.24 -28.95 -19.28
C LEU F 281 -11.16 -29.12 -20.35
N VAL F 282 -11.17 -28.23 -21.35
CA VAL F 282 -10.15 -28.29 -22.39
C VAL F 282 -8.77 -28.11 -21.79
N VAL F 283 -8.62 -27.12 -20.91
CA VAL F 283 -7.31 -26.86 -20.32
C VAL F 283 -6.85 -28.06 -19.51
N TYR F 284 -7.74 -28.66 -18.74
CA TYR F 284 -7.36 -29.77 -17.87
C TYR F 284 -7.04 -31.03 -18.69
N VAL F 285 -7.78 -31.28 -19.77
CA VAL F 285 -7.47 -32.45 -20.59
C VAL F 285 -6.15 -32.24 -21.30
N LEU F 286 -5.83 -31.00 -21.70
CA LEU F 286 -4.51 -30.74 -22.26
C LEU F 286 -3.42 -30.89 -21.20
N LEU F 287 -3.73 -30.55 -19.94
CA LEU F 287 -2.74 -30.58 -18.88
C LEU F 287 -2.47 -31.99 -18.38
N ALA F 288 -3.48 -32.86 -18.38
CA ALA F 288 -3.31 -34.20 -17.82
C ALA F 288 -2.17 -34.97 -18.46
N PRO F 289 -1.99 -34.95 -19.79
CA PRO F 289 -0.80 -35.62 -20.36
C PRO F 289 0.49 -35.10 -19.76
N VAL F 290 0.56 -33.81 -19.45
CA VAL F 290 1.76 -33.25 -18.82
C VAL F 290 1.99 -33.91 -17.46
N VAL F 291 0.93 -34.07 -16.68
CA VAL F 291 1.06 -34.70 -15.37
C VAL F 291 1.48 -36.16 -15.51
N VAL F 292 0.92 -36.87 -16.51
CA VAL F 292 1.30 -38.25 -16.72
C VAL F 292 2.77 -38.35 -17.10
N TYR F 293 3.23 -37.45 -17.98
CA TYR F 293 4.65 -37.42 -18.34
C TYR F 293 5.51 -37.11 -17.13
N THR F 294 5.02 -36.23 -16.24
CA THR F 294 5.75 -35.93 -15.01
C THR F 294 5.87 -37.16 -14.13
N LEU F 295 4.82 -37.97 -14.06
CA LEU F 295 4.85 -39.15 -13.22
C LEU F 295 6.01 -40.07 -13.58
N PHE F 296 6.36 -40.15 -14.86
CA PHE F 296 7.45 -41.01 -15.32
C PHE F 296 8.76 -40.24 -15.20
N VAL F 297 9.20 -40.08 -13.94
CA VAL F 297 10.43 -39.32 -13.68
C VAL F 297 11.65 -40.00 -14.28
N PRO F 298 11.81 -41.33 -14.24
CA PRO F 298 13.06 -41.91 -14.78
C PRO F 298 13.30 -41.56 -16.23
N PHE F 299 12.24 -41.54 -17.04
CA PHE F 299 12.39 -41.13 -18.44
C PHE F 299 12.85 -39.68 -18.53
N ARG F 300 12.30 -38.81 -17.68
CA ARG F 300 12.73 -37.43 -17.64
C ARG F 300 14.19 -37.30 -17.22
N GLN F 301 14.70 -38.26 -16.46
CA GLN F 301 16.09 -38.20 -16.00
C GLN F 301 17.04 -38.48 -17.17
N LYS F 302 17.49 -37.41 -17.82
CA LYS F 302 18.38 -37.53 -18.97
C LYS F 302 19.26 -36.28 -19.01
N THR F 303 20.18 -36.25 -19.97
CA THR F 303 21.13 -35.15 -20.11
C THR F 303 21.93 -34.98 -18.81
N ASP F 304 22.70 -36.03 -18.50
CA ASP F 304 23.37 -36.14 -17.22
C ASP F 304 24.08 -34.84 -16.86
N VAL F 305 23.63 -34.22 -15.77
CA VAL F 305 24.23 -32.96 -15.32
C VAL F 305 25.64 -33.21 -14.79
N LEU F 306 25.85 -34.31 -14.09
CA LEU F 306 27.12 -34.62 -13.47
C LEU F 306 28.16 -35.13 -14.47
N LYS F 307 27.75 -35.45 -15.70
CA LYS F 307 28.71 -35.92 -16.69
C LYS F 307 29.78 -34.87 -16.98
N VAL F 308 29.43 -33.59 -16.85
CA VAL F 308 30.38 -32.53 -17.15
C VAL F 308 31.51 -32.50 -16.12
N TYR F 309 31.21 -32.87 -14.87
CA TYR F 309 32.20 -32.83 -13.80
C TYR F 309 33.19 -33.98 -13.86
N GLU F 310 32.99 -34.95 -14.75
CA GLU F 310 33.86 -36.14 -14.79
C GLU F 310 35.26 -35.83 -15.29
N ILE F 311 35.49 -34.64 -15.85
CA ILE F 311 36.80 -34.30 -16.41
C ILE F 311 37.69 -33.68 -15.35
N LEU F 312 37.15 -33.47 -14.15
CA LEU F 312 37.94 -32.91 -13.05
C LEU F 312 38.81 -33.99 -12.44
N PRO F 313 40.12 -33.77 -12.32
CA PRO F 313 40.96 -34.78 -11.63
C PRO F 313 40.50 -35.08 -10.22
N THR F 314 40.00 -34.08 -9.50
CA THR F 314 39.58 -34.26 -8.11
C THR F 314 38.23 -34.95 -7.99
N PHE F 315 37.52 -35.16 -9.09
CA PHE F 315 36.21 -35.79 -9.08
C PHE F 315 36.29 -37.14 -9.77
N ASP F 316 35.79 -38.18 -9.10
CA ASP F 316 35.83 -39.52 -9.65
C ASP F 316 34.98 -39.62 -10.91
N VAL F 317 35.42 -40.43 -11.86
CA VAL F 317 34.73 -40.58 -13.15
C VAL F 317 33.69 -41.68 -12.96
N LEU F 318 32.54 -41.27 -12.40
CA LEU F 318 31.44 -42.20 -12.20
C LEU F 318 30.17 -41.40 -12.02
N HIS F 319 29.22 -41.53 -12.96
CA HIS F 319 27.93 -40.86 -12.83
C HIS F 319 26.98 -41.68 -11.98
N PHE F 320 26.63 -42.88 -12.45
CA PHE F 320 25.81 -43.82 -11.69
C PHE F 320 24.50 -43.17 -11.23
N LYS F 321 23.77 -42.61 -12.20
CA LYS F 321 22.46 -42.01 -11.91
C LYS F 321 21.58 -42.20 -13.15
N SER F 322 20.79 -43.26 -13.15
CA SER F 322 19.84 -43.52 -14.22
C SER F 322 19.10 -44.82 -13.92
N GLU F 323 17.93 -44.97 -14.55
CA GLU F 323 17.17 -46.21 -14.56
C GLU F 323 16.86 -46.67 -13.13
N GLY F 324 16.08 -45.85 -12.44
CA GLY F 324 15.68 -46.17 -11.08
C GLY F 324 14.48 -45.39 -10.57
N TYR F 325 13.52 -46.11 -9.98
CA TYR F 325 12.40 -45.47 -9.27
C TYR F 325 12.83 -45.11 -7.85
N ASN F 326 13.85 -44.24 -7.78
CA ASN F 326 14.46 -43.87 -6.52
C ASN F 326 14.63 -42.36 -6.47
N ASP F 327 14.94 -41.84 -5.28
CA ASP F 327 15.13 -40.41 -5.11
C ASP F 327 16.30 -39.88 -5.92
N LEU F 328 17.18 -40.75 -6.40
CA LEU F 328 18.33 -40.28 -7.17
C LEU F 328 17.89 -39.61 -8.46
N SER F 329 16.90 -40.19 -9.15
CA SER F 329 16.39 -39.58 -10.38
C SER F 329 15.77 -38.22 -10.10
N LEU F 330 15.02 -38.11 -9.01
CA LEU F 330 14.41 -36.83 -8.67
C LEU F 330 15.47 -35.79 -8.35
N TYR F 331 16.51 -36.19 -7.62
CA TYR F 331 17.62 -35.27 -7.36
C TYR F 331 18.32 -34.87 -8.65
N ASN F 332 18.47 -35.80 -9.59
CA ASN F 332 19.05 -35.45 -10.88
C ASN F 332 18.19 -34.42 -11.60
N LEU F 333 16.86 -34.58 -11.54
CA LEU F 333 15.97 -33.60 -12.14
C LEU F 333 16.13 -32.23 -11.50
N PHE F 334 16.14 -32.19 -10.16
CA PHE F 334 16.29 -30.91 -9.47
C PHE F 334 17.64 -30.26 -9.78
N LEU F 335 18.69 -31.07 -9.90
CA LEU F 335 19.99 -30.53 -10.30
C LEU F 335 19.93 -29.94 -11.70
N GLU F 336 19.43 -30.71 -12.67
CA GLU F 336 19.33 -30.20 -14.02
C GLU F 336 18.47 -28.93 -14.07
N GLU F 337 17.57 -28.78 -13.10
CA GLU F 337 16.72 -27.60 -13.06
C GLU F 337 17.47 -26.38 -12.52
N ASN F 338 18.05 -26.51 -11.31
CA ASN F 338 18.61 -25.38 -10.60
C ASN F 338 20.13 -25.45 -10.45
N ILE F 339 20.83 -26.01 -11.44
CA ILE F 339 22.30 -26.01 -11.42
C ILE F 339 22.88 -24.85 -12.22
N SER F 340 22.06 -24.15 -13.02
CA SER F 340 22.58 -23.05 -13.81
C SER F 340 23.16 -21.94 -12.93
N GLU F 341 22.74 -21.88 -11.67
CA GLU F 341 23.23 -20.86 -10.75
C GLU F 341 24.64 -21.13 -10.26
N VAL F 342 25.23 -22.28 -10.60
CA VAL F 342 26.53 -22.67 -10.10
C VAL F 342 27.60 -22.26 -11.12
N LYS F 343 28.51 -21.39 -10.68
CA LYS F 343 29.54 -20.89 -11.59
C LYS F 343 30.47 -22.02 -12.03
N SER F 344 30.82 -22.94 -11.13
CA SER F 344 31.67 -24.05 -11.50
C SER F 344 31.00 -24.92 -12.56
N TYR F 345 29.70 -25.19 -12.39
CA TYR F 345 28.97 -25.98 -13.38
C TYR F 345 28.94 -25.26 -14.71
N LYS F 346 28.71 -23.94 -14.70
CA LYS F 346 28.69 -23.19 -15.96
C LYS F 346 30.05 -23.26 -16.66
N CYS F 347 31.12 -23.09 -15.88
CA CYS F 347 32.46 -23.16 -16.46
C CYS F 347 32.72 -24.54 -17.06
N LEU F 348 32.37 -25.61 -16.33
CA LEU F 348 32.58 -26.95 -16.86
C LEU F 348 31.73 -27.17 -18.10
N LYS F 349 30.53 -26.59 -18.15
CA LYS F 349 29.67 -26.75 -19.32
C LYS F 349 30.28 -26.08 -20.55
N VAL F 350 30.83 -24.88 -20.38
CA VAL F 350 31.47 -24.22 -21.52
C VAL F 350 32.72 -24.99 -21.93
N LEU F 351 33.46 -25.54 -20.96
CA LEU F 351 34.60 -26.39 -21.32
C LEU F 351 34.15 -27.59 -22.14
N GLU F 352 33.05 -28.23 -21.72
CA GLU F 352 32.52 -29.36 -22.47
C GLU F 352 32.13 -28.95 -23.89
N ASN F 353 31.42 -27.82 -24.00
CA ASN F 353 30.99 -27.37 -25.32
C ASN F 353 32.16 -27.09 -26.23
N ILE F 354 33.23 -26.48 -25.69
CA ILE F 354 34.43 -26.24 -26.48
C ILE F 354 35.09 -27.56 -26.85
N LYS F 355 35.01 -28.56 -25.97
CA LYS F 355 35.61 -29.86 -26.27
C LYS F 355 34.97 -30.53 -27.47
N SER F 356 33.79 -30.07 -27.90
CA SER F 356 33.17 -30.65 -29.09
C SER F 356 34.09 -30.52 -30.30
N SER F 357 34.72 -29.37 -30.47
CA SER F 357 35.70 -29.20 -31.53
C SER F 357 36.99 -29.95 -31.23
N GLY F 358 37.38 -29.97 -29.95
CA GLY F 358 38.59 -30.66 -29.56
C GLY F 358 39.87 -29.94 -29.88
N GLN F 359 39.79 -28.64 -30.22
CA GLN F 359 40.99 -27.91 -30.60
C GLN F 359 41.98 -27.82 -29.45
N GLY F 360 41.49 -27.58 -28.23
CA GLY F 360 42.35 -27.38 -27.08
C GLY F 360 42.39 -28.58 -26.15
N ILE F 361 42.65 -28.31 -24.87
CA ILE F 361 42.74 -29.36 -23.85
C ILE F 361 41.90 -28.93 -22.66
N ASP F 362 41.20 -29.88 -22.06
CA ASP F 362 40.33 -29.58 -20.92
C ASP F 362 41.10 -28.99 -19.75
N PRO F 363 42.20 -29.58 -19.26
CA PRO F 363 42.92 -28.96 -18.14
C PRO F 363 43.48 -27.59 -18.49
N MET F 364 43.98 -27.40 -19.70
CA MET F 364 44.51 -26.09 -20.09
C MET F 364 43.39 -25.05 -20.09
N LEU F 365 42.23 -25.39 -20.64
CA LEU F 365 41.11 -24.46 -20.64
C LEU F 365 40.65 -24.15 -19.22
N LEU F 366 40.61 -25.17 -18.36
CA LEU F 366 40.21 -24.93 -16.96
C LEU F 366 41.19 -24.01 -16.26
N LEU F 367 42.49 -24.22 -16.48
CA LEU F 367 43.49 -23.34 -15.87
C LEU F 367 43.35 -21.91 -16.40
N THR F 368 43.14 -21.76 -17.71
CA THR F 368 43.02 -20.43 -18.29
C THR F 368 41.76 -19.72 -17.83
N ASN F 369 40.70 -20.47 -17.54
CA ASN F 369 39.42 -19.85 -17.17
C ASN F 369 39.57 -19.00 -15.91
N LEU F 370 40.25 -19.53 -14.89
CA LEU F 370 40.43 -18.84 -13.62
C LEU F 370 39.08 -18.37 -13.08
N GLY F 371 38.21 -19.34 -12.82
CA GLY F 371 36.86 -19.07 -12.37
C GLY F 371 36.56 -19.60 -10.98
N MET F 372 37.53 -19.44 -10.06
CA MET F 372 37.34 -19.96 -8.71
C MET F 372 36.09 -19.37 -8.06
N ILE F 373 35.92 -18.06 -8.17
CA ILE F 373 34.75 -17.39 -7.60
C ILE F 373 34.66 -15.96 -8.12
N ALA G 2 -14.28 -10.89 -3.78
CA ALA G 2 -14.72 -11.99 -4.63
C ALA G 2 -14.28 -13.33 -4.06
N ILE G 3 -14.86 -14.41 -4.59
CA ILE G 3 -14.52 -15.74 -4.09
C ILE G 3 -13.04 -16.01 -4.26
N ALA G 4 -12.50 -15.68 -5.44
CA ALA G 4 -11.09 -15.93 -5.70
C ALA G 4 -10.21 -15.10 -4.78
N GLN G 5 -10.61 -13.86 -4.50
CA GLN G 5 -9.84 -13.04 -3.56
C GLN G 5 -9.82 -13.68 -2.19
N LEU G 6 -10.95 -14.18 -1.71
CA LEU G 6 -11.00 -14.85 -0.42
C LEU G 6 -10.09 -16.07 -0.41
N ALA G 7 -10.12 -16.86 -1.49
CA ALA G 7 -9.26 -18.03 -1.57
C ALA G 7 -7.80 -17.62 -1.50
N THR G 8 -7.41 -16.59 -2.26
CA THR G 8 -6.02 -16.15 -2.23
C THR G 8 -5.62 -15.71 -0.83
N GLU G 9 -6.49 -14.99 -0.15
CA GLU G 9 -6.17 -14.51 1.19
C GLU G 9 -6.00 -15.67 2.17
N TYR G 10 -6.88 -16.67 2.10
CA TYR G 10 -7.02 -17.61 3.20
C TYR G 10 -6.37 -18.97 2.98
N VAL G 11 -6.13 -19.40 1.73
CA VAL G 11 -5.51 -20.68 1.46
C VAL G 11 -4.20 -20.53 0.67
N PHE G 12 -4.18 -19.67 -0.34
CA PHE G 12 -3.00 -19.52 -1.18
C PHE G 12 -2.01 -18.49 -0.65
N SER G 13 -2.35 -17.75 0.41
CA SER G 13 -1.46 -16.79 1.03
C SER G 13 -0.93 -17.34 2.34
N ASP G 14 0.03 -16.61 2.92
CA ASP G 14 0.62 -16.99 4.20
C ASP G 14 -0.26 -16.50 5.36
N PHE G 15 -1.48 -17.03 5.39
CA PHE G 15 -2.43 -16.70 6.44
C PHE G 15 -2.09 -17.52 7.69
N LEU G 16 -1.66 -16.82 8.74
CA LEU G 16 -1.21 -17.45 9.98
C LEU G 16 0.04 -18.30 9.78
N LEU G 17 0.64 -18.24 8.60
CA LEU G 17 1.91 -18.90 8.32
C LEU G 17 3.09 -17.94 8.44
N LYS G 18 2.84 -16.71 8.87
CA LYS G 18 3.91 -15.72 8.98
C LYS G 18 4.85 -16.10 10.12
N GLU G 19 6.15 -16.08 9.84
CA GLU G 19 7.13 -16.32 10.90
C GLU G 19 7.14 -15.15 11.88
N PRO G 20 7.55 -15.37 13.12
CA PRO G 20 7.60 -14.27 14.09
C PRO G 20 8.41 -13.10 13.54
N THR G 21 7.75 -11.94 13.50
CA THR G 21 8.38 -10.72 12.96
C THR G 21 9.20 -10.07 14.07
N GLU G 22 10.38 -10.64 14.30
CA GLU G 22 11.31 -10.11 15.30
C GLU G 22 12.67 -10.78 15.15
N PRO G 23 13.76 -10.10 15.53
CA PRO G 23 15.08 -10.73 15.43
C PRO G 23 15.33 -11.81 16.47
N LYS G 24 14.49 -11.92 17.50
CA LYS G 24 14.72 -12.90 18.54
C LYS G 24 14.66 -14.32 17.98
N PHE G 25 13.69 -14.60 17.12
CA PHE G 25 13.52 -15.91 16.50
C PHE G 25 13.81 -15.76 15.01
N LYS G 26 15.08 -15.93 14.65
CA LYS G 26 15.52 -15.85 13.26
C LYS G 26 15.63 -17.26 12.70
N GLY G 27 14.62 -17.66 11.93
CA GLY G 27 14.58 -18.97 11.33
C GLY G 27 14.04 -20.08 12.21
N LEU G 28 13.59 -19.75 13.42
CA LEU G 28 13.01 -20.75 14.33
C LEU G 28 11.51 -20.80 14.12
N ARG G 29 11.00 -21.98 13.75
CA ARG G 29 9.57 -22.13 13.54
C ARG G 29 8.80 -21.86 14.82
N LEU G 30 9.26 -22.40 15.94
CA LEU G 30 8.60 -22.30 17.24
C LEU G 30 7.25 -23.00 17.27
N GLU G 31 6.86 -23.66 16.18
CA GLU G 31 5.59 -24.39 16.12
C GLU G 31 5.78 -25.53 15.14
N LEU G 32 5.40 -26.74 15.56
CA LEU G 32 5.55 -27.90 14.71
C LEU G 32 4.71 -27.73 13.45
N ALA G 33 5.15 -28.38 12.36
CA ALA G 33 4.45 -28.24 11.10
C ALA G 33 3.01 -28.75 11.19
N VAL G 34 2.82 -29.88 11.86
CA VAL G 34 1.48 -30.45 11.99
C VAL G 34 0.59 -29.52 12.80
N ASP G 35 1.12 -28.97 13.91
CA ASP G 35 0.33 -28.06 14.73
C ASP G 35 -0.02 -26.80 13.95
N LYS G 36 0.93 -26.27 13.19
CA LYS G 36 0.66 -25.08 12.39
C LYS G 36 -0.41 -25.36 11.35
N MET G 37 -0.33 -26.52 10.69
CA MET G 37 -1.36 -26.89 9.73
C MET G 37 -2.72 -27.01 10.40
N VAL G 38 -2.78 -27.64 11.56
CA VAL G 38 -4.04 -27.83 12.26
C VAL G 38 -4.65 -26.47 12.62
N THR G 39 -3.82 -25.59 13.20
CA THR G 39 -4.32 -24.28 13.57
C THR G 39 -4.78 -23.49 12.35
N CYS G 40 -3.98 -23.51 11.28
CA CYS G 40 -4.32 -22.75 10.08
C CYS G 40 -5.64 -23.24 9.51
N ILE G 41 -5.84 -24.56 9.43
CA ILE G 41 -7.11 -25.08 8.92
C ILE G 41 -8.24 -24.67 9.86
N ALA G 42 -8.12 -25.04 11.14
CA ALA G 42 -9.22 -24.84 12.08
C ALA G 42 -9.61 -23.37 12.21
N VAL G 43 -8.71 -22.44 11.89
CA VAL G 43 -9.01 -21.03 12.00
C VAL G 43 -9.48 -20.44 10.68
N GLY G 44 -8.73 -20.66 9.60
CA GLY G 44 -9.05 -20.06 8.32
C GLY G 44 -10.10 -20.78 7.51
N LEU G 45 -10.57 -21.94 7.97
CA LEU G 45 -11.68 -22.59 7.28
C LEU G 45 -12.99 -21.91 7.64
N PRO G 46 -13.34 -21.79 8.93
CA PRO G 46 -14.58 -21.09 9.25
C PRO G 46 -14.62 -19.67 8.75
N LEU G 47 -13.50 -18.96 8.77
CA LEU G 47 -13.46 -17.61 8.20
C LEU G 47 -13.73 -17.63 6.70
N LEU G 48 -13.12 -18.59 6.00
CA LEU G 48 -13.35 -18.71 4.57
C LEU G 48 -14.81 -19.00 4.28
N LEU G 49 -15.43 -19.87 5.08
CA LEU G 49 -16.84 -20.19 4.87
C LEU G 49 -17.73 -19.00 5.17
N ILE G 50 -17.41 -18.23 6.21
CA ILE G 50 -18.15 -17.00 6.49
C ILE G 50 -18.09 -16.08 5.28
N SER G 51 -16.88 -15.88 4.74
CA SER G 51 -16.73 -14.98 3.60
C SER G 51 -17.49 -15.52 2.38
N LEU G 52 -17.41 -16.82 2.15
CA LEU G 52 -18.07 -17.42 1.00
C LEU G 52 -19.59 -17.29 1.09
N ALA G 53 -20.15 -17.55 2.27
CA ALA G 53 -21.60 -17.57 2.41
C ALA G 53 -22.24 -16.24 2.06
N PHE G 54 -21.48 -15.14 2.13
CA PHE G 54 -22.00 -13.81 1.83
C PHE G 54 -21.26 -13.19 0.65
N ALA G 55 -20.74 -14.03 -0.23
CA ALA G 55 -20.07 -13.54 -1.43
C ALA G 55 -21.08 -12.85 -2.35
N GLN G 56 -20.60 -11.85 -3.08
CA GLN G 56 -21.50 -11.06 -3.92
C GLN G 56 -22.18 -11.91 -4.99
N GLU G 57 -21.60 -13.05 -5.36
CA GLU G 57 -22.20 -13.92 -6.35
C GLU G 57 -23.19 -14.92 -5.76
N ILE G 58 -22.82 -15.61 -4.68
CA ILE G 58 -23.72 -16.57 -4.05
C ILE G 58 -24.91 -15.90 -3.37
N SER G 59 -24.79 -14.63 -3.00
CA SER G 59 -25.82 -13.95 -2.22
C SER G 59 -26.81 -13.29 -3.18
N ILE G 60 -28.07 -13.68 -3.08
CA ILE G 60 -29.11 -13.06 -3.88
C ILE G 60 -29.30 -11.61 -3.47
N GLY G 61 -29.16 -11.32 -2.18
CA GLY G 61 -29.44 -10.00 -1.66
C GLY G 61 -29.60 -9.99 -0.15
N THR G 62 -30.72 -9.43 0.32
CA THR G 62 -30.97 -9.37 1.75
C THR G 62 -31.16 -10.78 2.32
N GLN G 63 -30.89 -10.91 3.62
CA GLN G 63 -30.86 -12.20 4.28
C GLN G 63 -32.23 -12.68 4.74
N ILE G 64 -33.29 -11.89 4.56
CA ILE G 64 -34.63 -12.29 4.96
C ILE G 64 -35.64 -11.52 4.13
N SER G 65 -36.68 -12.21 3.69
CA SER G 65 -37.78 -11.60 2.96
C SER G 65 -39.08 -12.16 3.50
N CYS G 66 -40.03 -11.26 3.82
CA CYS G 66 -41.24 -11.64 4.53
C CYS G 66 -42.49 -11.65 3.67
N PHE G 67 -42.42 -11.21 2.42
CA PHE G 67 -43.56 -11.26 1.51
C PHE G 67 -44.76 -10.49 2.08
N SER G 68 -44.58 -9.18 2.18
CA SER G 68 -45.66 -8.31 2.60
C SER G 68 -46.74 -8.27 1.51
N PRO G 69 -47.98 -7.94 1.89
CA PRO G 69 -49.04 -7.83 0.88
C PRO G 69 -48.69 -6.83 -0.21
N SER G 70 -49.40 -6.96 -1.33
CA SER G 70 -49.19 -6.03 -2.44
C SER G 70 -49.55 -4.61 -2.05
N SER G 71 -50.59 -4.45 -1.22
CA SER G 71 -50.97 -3.12 -0.77
C SER G 71 -49.84 -2.43 -0.02
N PHE G 72 -48.99 -3.21 0.64
CA PHE G 72 -47.89 -2.63 1.39
C PHE G 72 -46.91 -1.93 0.47
N SER G 73 -46.40 -0.80 0.92
CA SER G 73 -45.39 -0.06 0.17
C SER G 73 -44.02 -0.70 0.41
N TRP G 74 -43.03 -0.23 -0.35
CA TRP G 74 -41.69 -0.78 -0.23
C TRP G 74 -41.15 -0.65 1.17
N ARG G 75 -41.27 0.52 1.78
CA ARG G 75 -40.71 0.70 3.11
C ARG G 75 -41.55 0.06 4.20
N GLN G 76 -42.85 -0.14 3.98
CA GLN G 76 -43.62 -0.98 4.87
C GLN G 76 -43.10 -2.41 4.86
N ALA G 77 -42.85 -2.94 3.66
CA ALA G 77 -42.30 -4.29 3.55
C ALA G 77 -40.91 -4.37 4.17
N ALA G 78 -40.10 -3.32 3.98
CA ALA G 78 -38.78 -3.28 4.59
C ALA G 78 -38.88 -3.26 6.11
N PHE G 79 -39.84 -2.51 6.64
CA PHE G 79 -40.08 -2.54 8.08
C PHE G 79 -40.43 -3.94 8.53
N VAL G 80 -41.29 -4.63 7.78
CA VAL G 80 -41.67 -5.99 8.14
C VAL G 80 -40.44 -6.88 8.20
N ASP G 81 -39.62 -6.82 7.15
CA ASP G 81 -38.45 -7.70 7.07
C ASP G 81 -37.47 -7.41 8.21
N SER G 82 -37.17 -6.13 8.44
CA SER G 82 -36.23 -5.78 9.50
C SER G 82 -36.79 -6.13 10.87
N TYR G 83 -38.09 -5.90 11.07
CA TYR G 83 -38.72 -6.24 12.34
C TYR G 83 -38.60 -7.74 12.61
N CYS G 84 -38.87 -8.57 11.61
CA CYS G 84 -38.77 -10.00 11.81
C CYS G 84 -37.32 -10.42 12.04
N TRP G 85 -36.40 -9.79 11.32
CA TRP G 85 -34.98 -10.05 11.53
C TRP G 85 -34.58 -9.78 12.97
N ALA G 86 -35.05 -8.67 13.53
CA ALA G 86 -34.75 -8.35 14.93
C ALA G 86 -35.62 -9.13 15.90
N ALA G 87 -36.71 -9.72 15.44
CA ALA G 87 -37.65 -10.44 16.29
C ALA G 87 -37.38 -11.93 16.33
N VAL G 88 -36.44 -12.43 15.53
CA VAL G 88 -36.04 -13.83 15.71
C VAL G 88 -35.70 -14.08 17.17
N GLN G 89 -35.12 -13.09 17.85
CA GLN G 89 -34.87 -13.20 19.28
C GLN G 89 -36.17 -13.20 20.07
N GLN G 90 -37.05 -12.24 19.76
CA GLN G 90 -38.32 -12.11 20.47
C GLN G 90 -39.23 -13.30 20.18
N LYS G 91 -39.35 -14.21 21.14
CA LYS G 91 -40.09 -15.45 20.91
C LYS G 91 -41.58 -15.18 20.67
N ASN G 92 -42.15 -14.19 21.36
CA ASN G 92 -43.58 -13.93 21.23
C ASN G 92 -43.93 -13.52 19.80
N SER G 93 -43.08 -12.72 19.17
CA SER G 93 -43.40 -12.18 17.86
C SER G 93 -43.58 -13.28 16.82
N LEU G 94 -42.69 -14.27 16.82
CA LEU G 94 -42.67 -15.30 15.80
C LEU G 94 -43.14 -16.64 16.36
N GLN G 95 -43.72 -17.45 15.49
CA GLN G 95 -44.17 -18.79 15.81
C GLN G 95 -43.71 -19.73 14.72
N SER G 96 -42.67 -20.52 14.99
CA SER G 96 -42.09 -21.43 14.03
C SER G 96 -42.16 -22.85 14.57
N GLU G 97 -42.40 -23.81 13.66
CA GLU G 97 -42.53 -25.21 14.07
C GLU G 97 -41.24 -25.72 14.69
N SER G 98 -40.09 -25.38 14.08
CA SER G 98 -38.82 -25.87 14.59
C SER G 98 -38.40 -25.20 15.89
N GLY G 99 -39.04 -24.09 16.26
CA GLY G 99 -38.71 -23.35 17.45
C GLY G 99 -38.01 -22.05 17.11
N ASN G 100 -37.32 -21.49 18.12
CA ASN G 100 -36.61 -20.24 17.96
C ASN G 100 -35.09 -20.41 17.96
N LEU G 101 -34.59 -21.49 18.54
CA LEU G 101 -33.16 -21.77 18.47
C LEU G 101 -32.67 -21.91 17.03
N PRO G 102 -33.39 -22.60 16.14
CA PRO G 102 -32.94 -22.64 14.74
C PRO G 102 -32.85 -21.25 14.13
N LEU G 103 -33.77 -20.35 14.46
CA LEU G 103 -33.72 -19.00 13.92
C LEU G 103 -32.52 -18.25 14.48
N TRP G 104 -32.27 -18.38 15.78
CA TRP G 104 -31.08 -17.78 16.38
C TRP G 104 -29.83 -18.25 15.64
N LEU G 105 -29.72 -19.56 15.43
CA LEU G 105 -28.55 -20.12 14.77
C LEU G 105 -28.44 -19.63 13.33
N HIS G 106 -29.54 -19.58 12.61
CA HIS G 106 -29.50 -19.10 11.23
C HIS G 106 -29.05 -17.66 11.17
N LYS G 107 -29.50 -16.84 12.10
CA LYS G 107 -29.11 -15.43 12.10
C LYS G 107 -27.65 -15.24 12.49
N PHE G 108 -27.16 -16.02 13.46
CA PHE G 108 -25.86 -15.77 14.07
C PHE G 108 -24.82 -16.82 13.69
N PHE G 109 -25.06 -17.59 12.64
CA PHE G 109 -24.07 -18.57 12.18
C PHE G 109 -22.70 -17.95 11.93
N PRO G 110 -22.58 -16.80 11.25
CA PRO G 110 -21.25 -16.21 11.10
C PRO G 110 -20.59 -15.89 12.43
N TYR G 111 -21.38 -15.42 13.40
CA TYR G 111 -20.82 -15.14 14.72
C TYR G 111 -20.32 -16.42 15.37
N ILE G 112 -21.05 -17.52 15.20
CA ILE G 112 -20.64 -18.78 15.83
C ILE G 112 -19.37 -19.32 15.18
N LEU G 113 -19.27 -19.21 13.85
CA LEU G 113 -18.05 -19.64 13.18
C LEU G 113 -16.87 -18.78 13.63
N LEU G 114 -17.07 -17.46 13.73
CA LEU G 114 -15.99 -16.59 14.20
C LEU G 114 -15.60 -16.92 15.63
N LEU G 115 -16.59 -17.25 16.47
CA LEU G 115 -16.30 -17.66 17.84
C LEU G 115 -15.45 -18.92 17.88
N PHE G 116 -15.80 -19.91 17.06
CA PHE G 116 -15.01 -21.13 17.01
C PHE G 116 -13.61 -20.85 16.52
N ALA G 117 -13.47 -19.99 15.50
CA ALA G 117 -12.15 -19.66 15.00
C ALA G 117 -11.31 -18.98 16.08
N ILE G 118 -11.91 -18.03 16.81
CA ILE G 118 -11.18 -17.33 17.86
C ILE G 118 -10.78 -18.31 18.97
N LEU G 119 -11.70 -19.18 19.36
CA LEU G 119 -11.40 -20.14 20.42
C LEU G 119 -10.31 -21.11 20.00
N LEU G 120 -10.26 -21.46 18.72
CA LEU G 120 -9.21 -22.35 18.23
C LEU G 120 -7.88 -21.63 18.09
N TYR G 121 -7.91 -20.32 17.79
CA TYR G 121 -6.70 -19.53 17.71
C TYR G 121 -6.15 -19.17 19.08
N LEU G 122 -6.98 -19.21 20.11
CA LEU G 122 -6.52 -18.84 21.45
C LEU G 122 -5.39 -19.72 21.97
N PRO G 123 -5.48 -21.04 21.93
CA PRO G 123 -4.42 -21.87 22.51
C PRO G 123 -3.10 -21.70 21.79
N PRO G 124 -3.09 -21.66 20.46
CA PRO G 124 -1.83 -21.34 19.76
C PRO G 124 -1.24 -20.01 20.18
N LEU G 125 -2.07 -18.99 20.37
CA LEU G 125 -1.57 -17.69 20.80
C LEU G 125 -1.00 -17.76 22.21
N PHE G 126 -1.69 -18.48 23.11
CA PHE G 126 -1.17 -18.68 24.45
C PHE G 126 0.18 -19.36 24.42
N TRP G 127 0.31 -20.39 23.60
CA TRP G 127 1.60 -21.05 23.43
C TRP G 127 2.66 -20.07 22.96
N ARG G 128 2.37 -19.34 21.88
CA ARG G 128 3.37 -18.48 21.26
C ARG G 128 3.76 -17.33 22.18
N PHE G 129 2.89 -16.95 23.11
CA PHE G 129 3.18 -15.83 24.01
C PHE G 129 3.68 -16.26 25.38
N ALA G 130 3.55 -17.53 25.74
CA ALA G 130 3.99 -18.00 27.05
C ALA G 130 5.15 -18.98 26.96
N ALA G 131 5.01 -20.07 26.21
CA ALA G 131 6.00 -21.13 26.20
C ALA G 131 6.92 -21.10 24.99
N ALA G 132 6.70 -20.17 24.05
CA ALA G 132 7.52 -20.10 22.86
C ALA G 132 8.86 -19.41 23.13
N PRO G 133 8.89 -18.28 23.84
CA PRO G 133 10.19 -17.64 24.09
C PRO G 133 11.18 -18.54 24.82
N HIS G 134 10.70 -19.31 25.80
CA HIS G 134 11.60 -20.16 26.56
C HIS G 134 12.20 -21.25 25.69
N ILE G 135 11.36 -21.96 24.93
CA ILE G 135 11.86 -23.00 24.05
C ILE G 135 12.75 -22.42 22.97
N CYS G 136 12.42 -21.21 22.49
CA CYS G 136 13.27 -20.56 21.50
C CYS G 136 14.67 -20.32 22.05
N SER G 137 14.75 -19.74 23.23
CA SER G 137 16.06 -19.47 23.83
C SER G 137 16.83 -20.76 24.07
N ASP G 138 16.14 -21.77 24.65
CA ASP G 138 16.82 -23.03 24.95
C ASP G 138 17.31 -23.71 23.68
N LEU G 139 16.50 -23.71 22.63
CA LEU G 139 16.86 -24.38 21.39
C LEU G 139 17.97 -23.62 20.66
N LYS G 140 17.96 -22.29 20.73
CA LYS G 140 19.05 -21.53 20.16
C LYS G 140 20.35 -21.84 20.87
N PHE G 141 20.31 -21.92 22.21
CA PHE G 141 21.50 -22.30 22.95
C PHE G 141 21.97 -23.69 22.55
N ILE G 142 21.04 -24.63 22.39
CA ILE G 142 21.40 -25.99 22.04
C ILE G 142 22.06 -26.05 20.67
N MET G 143 21.49 -25.32 19.70
CA MET G 143 22.08 -25.29 18.37
C MET G 143 23.46 -24.66 18.40
N GLU G 144 23.62 -23.58 19.15
CA GLU G 144 24.93 -22.94 19.27
C GLU G 144 25.95 -23.90 19.89
N GLU G 145 25.53 -24.64 20.92
CA GLU G 145 26.43 -25.60 21.55
C GLU G 145 26.81 -26.71 20.58
N LEU G 146 25.85 -27.19 19.79
CA LEU G 146 26.16 -28.22 18.80
C LEU G 146 27.15 -27.71 17.77
N ASP G 147 26.94 -26.48 17.28
CA ASP G 147 27.88 -25.91 16.32
C ASP G 147 29.27 -25.78 16.93
N LYS G 148 29.34 -25.31 18.19
CA LYS G 148 30.64 -25.13 18.83
C LYS G 148 31.35 -26.46 19.03
N VAL G 149 30.63 -27.49 19.47
CA VAL G 149 31.27 -28.78 19.69
C VAL G 149 31.71 -29.39 18.37
N TYR G 150 30.91 -29.22 17.31
CA TYR G 150 31.34 -29.69 16.00
C TYR G 150 32.61 -28.98 15.54
N ASN G 151 32.67 -27.66 15.73
CA ASN G 151 33.86 -26.91 15.37
C ASN G 151 35.08 -27.39 16.17
N ARG G 152 34.89 -27.61 17.48
CA ARG G 152 36.00 -28.07 18.30
C ARG G 152 36.47 -29.45 17.86
N ALA G 153 35.53 -30.35 17.55
CA ALA G 153 35.91 -31.69 17.12
C ALA G 153 36.67 -31.66 15.81
N ILE G 154 36.21 -30.86 14.84
CA ILE G 154 36.91 -30.79 13.56
C ILE G 154 38.28 -30.14 13.74
N LYS G 155 38.38 -29.13 14.61
CA LYS G 155 39.68 -28.53 14.89
C LYS G 155 40.64 -29.54 15.51
N ALA G 156 40.14 -30.35 16.46
CA ALA G 156 40.97 -31.37 17.06
C ALA G 156 41.43 -32.40 16.03
N ALA G 157 40.51 -32.82 15.14
CA ALA G 157 40.87 -33.77 14.11
C ALA G 157 41.93 -33.20 13.17
N LYS G 158 41.77 -31.93 12.77
CA LYS G 158 42.75 -31.29 11.91
C LYS G 158 44.11 -31.19 12.60
N SER G 159 44.12 -30.82 13.88
CA SER G 159 45.36 -30.75 14.62
C SER G 159 46.05 -32.11 14.70
N ALA G 160 45.27 -33.16 14.96
CA ALA G 160 45.84 -34.51 15.02
C ALA G 160 46.41 -34.90 13.66
N ARG G 161 45.68 -34.59 12.58
CA ARG G 161 46.18 -34.93 11.24
C ARG G 161 47.47 -34.19 10.93
N ASP G 162 47.55 -32.92 11.29
CA ASP G 162 48.73 -32.11 11.02
C ASP G 162 49.88 -32.51 11.95
N PHE G 191 38.41 -28.40 29.25
CA PHE G 191 37.01 -28.54 29.59
C PHE G 191 36.46 -29.88 29.10
N LYS G 192 36.07 -29.93 27.82
CA LYS G 192 35.53 -31.14 27.22
C LYS G 192 34.37 -31.69 28.03
N TYR G 193 33.51 -30.79 28.53
CA TYR G 193 32.38 -31.19 29.35
C TYR G 193 31.13 -31.25 28.51
N PRO G 194 30.26 -32.25 28.69
CA PRO G 194 29.02 -32.34 27.89
C PRO G 194 27.91 -31.45 28.45
N ILE G 195 28.07 -30.14 28.24
CA ILE G 195 27.12 -29.17 28.75
C ILE G 195 25.75 -29.39 28.12
N VAL G 196 25.70 -29.59 26.80
CA VAL G 196 24.42 -29.77 26.12
C VAL G 196 23.74 -31.06 26.60
N GLU G 197 24.50 -32.13 26.78
CA GLU G 197 23.92 -33.37 27.26
C GLU G 197 23.37 -33.21 28.66
N GLN G 198 24.10 -32.51 29.54
CA GLN G 198 23.59 -32.27 30.88
C GLN G 198 22.33 -31.42 30.84
N TYR G 199 22.28 -30.42 29.97
CA TYR G 199 21.08 -29.59 29.87
C TYR G 199 19.88 -30.41 29.41
N LEU G 200 20.08 -31.27 28.41
CA LEU G 200 18.99 -32.12 27.95
C LEU G 200 18.54 -33.08 29.06
N LYS G 201 19.50 -33.63 29.80
CA LYS G 201 19.15 -34.52 30.90
C LYS G 201 18.32 -33.78 31.94
N THR G 202 18.69 -32.54 32.25
CA THR G 202 17.90 -31.75 33.18
C THR G 202 16.50 -31.51 32.64
N LYS G 203 16.39 -31.21 31.34
CA LYS G 203 15.08 -31.05 30.73
C LYS G 203 14.26 -32.33 30.84
N LYS G 204 14.93 -33.49 30.91
CA LYS G 204 14.20 -34.74 31.10
C LYS G 204 13.30 -34.71 32.33
N ASN G 205 13.68 -33.97 33.36
CA ASN G 205 12.92 -33.92 34.61
C ASN G 205 11.72 -32.97 34.50
N SER G 206 11.96 -31.71 34.17
CA SER G 206 10.89 -30.73 34.11
C SER G 206 9.89 -31.09 33.01
N ASN G 207 8.62 -30.73 33.26
CA ASN G 207 7.55 -31.07 32.33
C ASN G 207 6.55 -29.94 32.13
N ASN G 208 6.89 -28.72 32.53
CA ASN G 208 5.92 -27.62 32.39
C ASN G 208 5.59 -27.34 30.94
N LEU G 209 6.62 -27.37 30.07
CA LEU G 209 6.38 -27.08 28.66
C LEU G 209 5.51 -28.16 28.01
N ILE G 210 5.79 -29.43 28.32
CA ILE G 210 5.00 -30.50 27.73
C ILE G 210 3.57 -30.47 28.27
N ILE G 211 3.42 -30.12 29.55
CA ILE G 211 2.08 -30.02 30.12
C ILE G 211 1.30 -28.90 29.44
N LYS G 212 1.93 -27.75 29.22
CA LYS G 212 1.26 -26.66 28.51
C LYS G 212 0.90 -27.07 27.08
N TYR G 213 1.82 -27.76 26.40
CA TYR G 213 1.56 -28.21 25.04
C TYR G 213 0.37 -29.15 24.99
N ILE G 214 0.35 -30.14 25.87
CA ILE G 214 -0.75 -31.09 25.89
C ILE G 214 -2.05 -30.41 26.27
N SER G 215 -2.00 -29.45 27.21
CA SER G 215 -3.22 -28.75 27.59
C SER G 215 -3.79 -27.95 26.42
N CYS G 216 -2.93 -27.23 25.69
CA CYS G 216 -3.41 -26.45 24.58
C CYS G 216 -3.94 -27.34 23.47
N ARG G 217 -3.26 -28.45 23.18
CA ARG G 217 -3.76 -29.38 22.18
C ARG G 217 -5.10 -29.99 22.61
N LEU G 218 -5.25 -30.32 23.88
CA LEU G 218 -6.49 -30.90 24.37
C LEU G 218 -7.63 -29.89 24.29
N LEU G 219 -7.36 -28.63 24.64
CA LEU G 219 -8.38 -27.60 24.50
C LEU G 219 -8.77 -27.41 23.05
N THR G 220 -7.79 -27.44 22.14
CA THR G 220 -8.10 -27.35 20.71
C THR G 220 -8.98 -28.52 20.28
N LEU G 221 -8.66 -29.72 20.75
CA LEU G 221 -9.46 -30.89 20.41
C LEU G 221 -10.89 -30.76 20.94
N ILE G 222 -11.04 -30.28 22.17
CA ILE G 222 -12.37 -30.12 22.76
C ILE G 222 -13.16 -29.08 21.98
N ILE G 223 -12.53 -27.97 21.61
CA ILE G 223 -13.20 -26.95 20.83
C ILE G 223 -13.63 -27.52 19.49
N ILE G 224 -12.76 -28.31 18.86
CA ILE G 224 -13.10 -28.92 17.58
C ILE G 224 -14.29 -29.86 17.73
N LEU G 225 -14.30 -30.67 18.79
CA LEU G 225 -15.42 -31.58 19.00
C LEU G 225 -16.72 -30.81 19.22
N LEU G 226 -16.68 -29.75 20.03
CA LEU G 226 -17.88 -28.95 20.25
C LEU G 226 -18.35 -28.31 18.95
N ALA G 227 -17.41 -27.83 18.14
CA ALA G 227 -17.78 -27.27 16.84
C ALA G 227 -18.42 -28.32 15.96
N CYS G 228 -17.88 -29.55 15.97
CA CYS G 228 -18.49 -30.62 15.20
C CYS G 228 -19.91 -30.92 15.67
N ILE G 229 -20.11 -30.95 16.99
CA ILE G 229 -21.45 -31.18 17.52
C ILE G 229 -22.40 -30.09 17.01
N TYR G 230 -21.98 -28.83 17.13
CA TYR G 230 -22.83 -27.73 16.71
C TYR G 230 -23.12 -27.80 15.21
N LEU G 231 -22.11 -28.09 14.40
CA LEU G 231 -22.31 -28.11 12.96
C LEU G 231 -23.21 -29.27 12.55
N GLY G 232 -23.07 -30.43 13.21
CA GLY G 232 -23.96 -31.53 12.94
C GLY G 232 -25.40 -31.20 13.29
N TYR G 233 -25.60 -30.55 14.45
CA TYR G 233 -26.95 -30.13 14.81
C TYR G 233 -27.51 -29.13 13.80
N TYR G 234 -26.68 -28.19 13.37
CA TYR G 234 -27.13 -27.17 12.43
C TYR G 234 -27.48 -27.78 11.07
N PHE G 235 -26.69 -28.74 10.62
CA PHE G 235 -26.94 -29.40 9.34
C PHE G 235 -28.08 -30.42 9.43
N SER G 236 -28.43 -30.88 10.63
CA SER G 236 -29.52 -31.83 10.80
C SER G 236 -30.89 -31.18 10.78
N LEU G 237 -30.95 -29.85 10.75
CA LEU G 237 -32.23 -29.17 10.70
C LEU G 237 -33.05 -29.63 9.50
N SER G 238 -34.36 -29.39 9.57
CA SER G 238 -35.27 -29.84 8.53
C SER G 238 -35.11 -29.10 7.22
N SER G 239 -34.33 -28.01 7.20
CA SER G 239 -34.15 -27.11 6.06
C SER G 239 -35.35 -26.20 5.84
N LEU G 240 -36.45 -26.42 6.56
CA LEU G 240 -37.60 -25.53 6.52
C LEU G 240 -37.71 -24.66 7.76
N SER G 241 -36.80 -24.82 8.72
CA SER G 241 -36.81 -23.98 9.90
C SER G 241 -36.46 -22.54 9.56
N ASP G 242 -35.79 -22.31 8.43
CA ASP G 242 -35.52 -20.96 7.98
C ASP G 242 -36.80 -20.19 7.69
N GLU G 243 -37.89 -20.89 7.38
CA GLU G 243 -39.19 -20.25 7.16
C GLU G 243 -39.92 -20.18 8.50
N PHE G 244 -40.19 -18.97 8.96
CA PHE G 244 -40.88 -18.75 10.23
C PHE G 244 -41.98 -17.72 10.04
N VAL G 245 -43.01 -17.83 10.85
CA VAL G 245 -44.12 -16.89 10.81
C VAL G 245 -43.82 -15.72 11.72
N CYS G 246 -44.07 -14.51 11.21
CA CYS G 246 -43.70 -13.27 11.89
C CYS G 246 -44.94 -12.40 12.06
N SER G 247 -45.05 -11.75 13.23
CA SER G 247 -46.22 -10.96 13.57
C SER G 247 -45.78 -9.59 14.06
N ILE G 248 -46.03 -8.56 13.25
CA ILE G 248 -45.79 -7.18 13.68
C ILE G 248 -47.12 -6.71 14.27
N LYS G 249 -47.37 -7.15 15.51
CA LYS G 249 -48.65 -6.90 16.16
C LYS G 249 -48.43 -6.51 17.62
N SER G 250 -47.33 -5.84 17.90
CA SER G 250 -47.03 -5.35 19.23
C SER G 250 -47.01 -3.82 19.21
N GLY G 251 -47.62 -3.23 20.23
CA GLY G 251 -47.71 -1.79 20.32
C GLY G 251 -49.01 -1.24 19.77
N ILE G 252 -48.93 -0.14 19.03
CA ILE G 252 -50.12 0.45 18.45
C ILE G 252 -50.68 -0.40 17.31
N LEU G 253 -49.85 -1.25 16.71
CA LEU G 253 -50.26 -2.09 15.61
C LEU G 253 -50.91 -3.39 16.06
N ARG G 254 -50.99 -3.62 17.37
CA ARG G 254 -51.53 -4.89 17.85
C ARG G 254 -52.98 -5.09 17.45
N ASN G 255 -53.78 -4.02 17.54
CA ASN G 255 -55.20 -4.08 17.19
C ASN G 255 -55.49 -3.45 15.84
N ASP G 256 -54.45 -3.07 15.08
CA ASP G 256 -54.67 -2.54 13.74
C ASP G 256 -55.25 -3.62 12.83
N SER G 257 -56.10 -3.20 11.91
CA SER G 257 -56.84 -4.13 11.06
C SER G 257 -56.22 -4.28 9.67
N THR G 258 -55.77 -3.19 9.07
CA THR G 258 -55.24 -3.26 7.71
C THR G 258 -54.02 -4.17 7.63
N VAL G 259 -53.29 -4.33 8.73
CA VAL G 259 -52.09 -5.18 8.71
C VAL G 259 -52.50 -6.63 8.92
N PRO G 260 -52.00 -7.57 8.13
CA PRO G 260 -52.32 -8.99 8.36
C PRO G 260 -51.74 -9.48 9.68
N ASP G 261 -52.42 -10.48 10.25
CA ASP G 261 -52.02 -10.98 11.56
C ASP G 261 -50.62 -11.56 11.54
N GLN G 262 -50.14 -12.00 10.37
CA GLN G 262 -48.83 -12.63 10.30
C GLN G 262 -48.32 -12.58 8.87
N PHE G 263 -47.03 -12.87 8.73
CA PHE G 263 -46.33 -12.84 7.45
C PHE G 263 -45.50 -14.10 7.31
N GLN G 264 -45.16 -14.42 6.07
CA GLN G 264 -44.31 -15.57 5.77
C GLN G 264 -42.90 -15.08 5.49
N CYS G 265 -42.00 -15.28 6.44
CA CYS G 265 -40.61 -14.86 6.33
C CYS G 265 -39.72 -16.07 6.14
N LYS G 266 -38.69 -15.90 5.32
CA LYS G 266 -37.70 -16.95 5.08
C LYS G 266 -36.32 -16.36 5.23
N LEU G 267 -35.45 -17.08 5.91
CA LEU G 267 -34.06 -16.67 6.11
C LEU G 267 -33.24 -17.20 4.95
N ILE G 268 -32.87 -16.31 4.03
CA ILE G 268 -32.06 -16.72 2.90
C ILE G 268 -30.66 -17.09 3.37
N ALA G 269 -29.96 -17.86 2.54
CA ALA G 269 -28.60 -18.32 2.77
C ALA G 269 -28.52 -19.40 3.84
N VAL G 270 -29.64 -19.90 4.36
CA VAL G 270 -29.59 -20.96 5.35
C VAL G 270 -29.10 -22.25 4.72
N GLY G 271 -29.51 -22.52 3.49
CA GLY G 271 -28.98 -23.69 2.80
C GLY G 271 -27.48 -23.61 2.59
N ILE G 272 -26.99 -22.42 2.23
CA ILE G 272 -25.56 -22.23 2.10
C ILE G 272 -24.87 -22.43 3.44
N PHE G 273 -25.49 -21.92 4.51
CA PHE G 273 -24.92 -22.11 5.84
C PHE G 273 -24.81 -23.59 6.17
N GLN G 274 -25.86 -24.36 5.86
CA GLN G 274 -25.84 -25.79 6.16
C GLN G 274 -24.79 -26.52 5.33
N LEU G 275 -24.67 -26.17 4.05
CA LEU G 275 -23.65 -26.77 3.20
C LEU G 275 -22.25 -26.50 3.75
N LEU G 276 -21.96 -25.23 4.05
CA LEU G 276 -20.64 -24.88 4.57
C LEU G 276 -20.42 -25.49 5.95
N SER G 277 -21.49 -25.64 6.74
CA SER G 277 -21.35 -26.25 8.05
C SER G 277 -21.00 -27.72 7.94
N VAL G 278 -21.61 -28.44 7.00
CA VAL G 278 -21.23 -29.84 6.83
C VAL G 278 -19.82 -29.95 6.27
N ILE G 279 -19.42 -29.01 5.41
CA ILE G 279 -18.04 -29.00 4.93
C ILE G 279 -17.07 -28.83 6.10
N ASN G 280 -17.36 -27.87 6.98
CA ASN G 280 -16.52 -27.65 8.15
C ASN G 280 -16.53 -28.86 9.07
N LEU G 281 -17.69 -29.51 9.21
CA LEU G 281 -17.77 -30.71 10.02
C LEU G 281 -16.88 -31.81 9.48
N VAL G 282 -16.91 -32.02 8.16
CA VAL G 282 -16.05 -33.02 7.54
C VAL G 282 -14.58 -32.69 7.79
N VAL G 283 -14.22 -31.42 7.58
CA VAL G 283 -12.82 -31.03 7.77
C VAL G 283 -12.39 -31.25 9.21
N TYR G 284 -13.24 -30.88 10.17
CA TYR G 284 -12.88 -30.99 11.58
C TYR G 284 -12.82 -32.44 12.03
N VAL G 285 -13.71 -33.29 11.53
CA VAL G 285 -13.64 -34.70 11.91
C VAL G 285 -12.40 -35.35 11.30
N LEU G 286 -12.00 -34.93 10.10
CA LEU G 286 -10.73 -35.41 9.56
C LEU G 286 -9.55 -34.88 10.34
N LEU G 287 -9.66 -33.67 10.88
CA LEU G 287 -8.55 -33.04 11.59
C LEU G 287 -8.38 -33.59 13.00
N ALA G 288 -9.47 -33.96 13.66
CA ALA G 288 -9.38 -34.39 15.05
C ALA G 288 -8.42 -35.56 15.24
N PRO G 289 -8.42 -36.59 14.39
CA PRO G 289 -7.40 -37.64 14.54
C PRO G 289 -5.99 -37.08 14.53
N VAL G 290 -5.73 -36.05 13.73
CA VAL G 290 -4.41 -35.43 13.71
C VAL G 290 -4.08 -34.84 15.08
N VAL G 291 -5.04 -34.17 15.70
CA VAL G 291 -4.81 -33.59 17.02
C VAL G 291 -4.59 -34.68 18.06
N VAL G 292 -5.34 -35.78 17.97
CA VAL G 292 -5.15 -36.88 18.90
C VAL G 292 -3.76 -37.47 18.74
N TYR G 293 -3.33 -37.66 17.51
CA TYR G 293 -1.97 -38.16 17.25
C TYR G 293 -0.93 -37.19 17.79
N THR G 294 -1.20 -35.88 17.67
CA THR G 294 -0.30 -34.88 18.22
C THR G 294 -0.19 -35.00 19.73
N LEU G 295 -1.31 -35.27 20.40
CA LEU G 295 -1.30 -35.38 21.85
C LEU G 295 -0.31 -36.42 22.33
N PHE G 296 -0.15 -37.51 21.58
CA PHE G 296 0.78 -38.58 21.96
C PHE G 296 2.17 -38.23 21.46
N VAL G 297 2.77 -37.23 22.12
CA VAL G 297 4.11 -36.79 21.72
C VAL G 297 5.17 -37.87 21.87
N PRO G 298 5.17 -38.70 22.92
CA PRO G 298 6.27 -39.68 23.03
C PRO G 298 6.36 -40.60 21.84
N PHE G 299 5.21 -41.04 21.30
CA PHE G 299 5.24 -41.87 20.10
C PHE G 299 5.83 -41.11 18.93
N ARG G 300 5.49 -39.82 18.80
CA ARG G 300 6.09 -39.00 17.76
C ARG G 300 7.59 -38.85 17.93
N GLN G 301 8.09 -38.95 19.16
CA GLN G 301 9.51 -38.81 19.41
C GLN G 301 10.27 -40.02 18.89
N LYS G 302 10.74 -39.94 17.65
CA LYS G 302 11.48 -41.03 17.01
C LYS G 302 12.47 -40.44 16.03
N THR G 303 13.26 -41.30 15.40
CA THR G 303 14.30 -40.89 14.47
C THR G 303 15.28 -39.93 15.17
N ASP G 304 15.95 -40.47 16.18
CA ASP G 304 16.77 -39.68 17.09
C ASP G 304 17.66 -38.72 16.32
N VAL G 305 17.42 -37.42 16.53
CA VAL G 305 18.21 -36.39 15.85
C VAL G 305 19.64 -36.39 16.38
N LEU G 306 19.81 -36.57 17.68
CA LEU G 306 21.11 -36.52 18.32
C LEU G 306 21.95 -37.76 18.08
N LYS G 307 21.37 -38.83 17.54
CA LYS G 307 22.13 -40.05 17.29
C LYS G 307 23.25 -39.79 16.29
N VAL G 308 23.08 -38.83 15.39
CA VAL G 308 24.10 -38.56 14.39
C VAL G 308 25.33 -37.95 15.03
N TYR G 309 25.17 -37.17 16.10
CA TYR G 309 26.28 -36.51 16.76
C TYR G 309 27.12 -37.44 17.61
N GLU G 310 26.71 -38.69 17.80
CA GLU G 310 27.41 -39.60 18.69
C GLU G 310 28.77 -40.03 18.14
N ILE G 311 29.06 -39.76 16.87
CA ILE G 311 30.31 -40.20 16.27
C ILE G 311 31.40 -39.15 16.47
N LEU G 312 31.04 -38.01 17.05
CA LEU G 312 32.02 -36.96 17.33
C LEU G 312 32.84 -37.32 18.56
N PRO G 313 34.17 -37.31 18.47
CA PRO G 313 34.97 -37.57 19.69
C PRO G 313 34.67 -36.60 20.82
N THR G 314 34.38 -35.33 20.50
CA THR G 314 34.12 -34.33 21.52
C THR G 314 32.72 -34.42 22.12
N PHE G 315 31.86 -35.28 21.58
CA PHE G 315 30.49 -35.44 22.07
C PHE G 315 30.34 -36.83 22.67
N ASP G 316 29.82 -36.88 23.90
CA ASP G 316 29.63 -38.15 24.58
C ASP G 316 28.62 -39.02 23.84
N VAL G 317 28.85 -40.33 23.89
CA VAL G 317 27.99 -41.28 23.17
C VAL G 317 26.86 -41.65 24.13
N LEU G 318 25.85 -40.78 24.17
CA LEU G 318 24.68 -41.02 25.00
C LEU G 318 23.53 -40.16 24.48
N HIS G 319 22.47 -40.80 23.99
CA HIS G 319 21.30 -40.06 23.55
C HIS G 319 20.36 -39.77 24.71
N PHE G 320 19.84 -40.81 25.35
CA PHE G 320 19.01 -40.69 26.54
C PHE G 320 17.86 -39.71 26.33
N LYS G 321 17.07 -39.97 25.27
CA LYS G 321 15.89 -39.15 24.98
C LYS G 321 14.84 -40.06 24.33
N SER G 322 13.95 -40.60 25.17
CA SER G 322 12.85 -41.41 24.67
C SER G 322 12.00 -41.87 25.86
N GLU G 323 10.76 -42.25 25.56
CA GLU G 323 9.87 -42.90 26.52
C GLU G 323 9.70 -42.04 27.78
N GLY G 324 9.10 -40.88 27.57
CA GLY G 324 8.85 -39.98 28.69
C GLY G 324 7.82 -38.91 28.40
N TYR G 325 6.87 -38.73 29.33
CA TYR G 325 5.93 -37.61 29.28
C TYR G 325 6.57 -36.37 29.90
N ASN G 326 7.68 -35.95 29.29
CA ASN G 326 8.48 -34.85 29.80
C ASN G 326 8.82 -33.90 28.67
N ASP G 327 9.34 -32.73 29.03
CA ASP G 327 9.71 -31.73 28.03
C ASP G 327 10.82 -32.21 27.11
N LEU G 328 11.53 -33.27 27.49
CA LEU G 328 12.61 -33.76 26.64
C LEU G 328 12.08 -34.25 25.30
N SER G 329 10.96 -34.97 25.31
CA SER G 329 10.38 -35.44 24.06
C SER G 329 9.95 -34.28 23.17
N LEU G 330 9.36 -33.25 23.77
CA LEU G 330 8.94 -32.08 23.00
C LEU G 330 10.15 -31.37 22.40
N TYR G 331 11.23 -31.24 23.18
CA TYR G 331 12.46 -30.65 22.65
C TYR G 331 13.02 -31.50 21.53
N ASN G 332 12.95 -32.83 21.64
CA ASN G 332 13.40 -33.69 20.56
C ASN G 332 12.58 -33.44 19.30
N LEU G 333 11.26 -33.28 19.45
CA LEU G 333 10.41 -32.98 18.31
C LEU G 333 10.81 -31.65 17.66
N PHE G 334 10.99 -30.61 18.48
CA PHE G 334 11.37 -29.32 17.93
C PHE G 334 12.72 -29.37 17.25
N LEU G 335 13.66 -30.14 17.79
CA LEU G 335 14.95 -30.33 17.14
C LEU G 335 14.78 -31.02 15.79
N GLU G 336 14.08 -32.15 15.77
CA GLU G 336 13.86 -32.85 14.50
C GLU G 336 13.15 -31.95 13.50
N GLU G 337 12.40 -30.95 13.99
CA GLU G 337 11.70 -30.04 13.09
C GLU G 337 12.65 -28.99 12.51
N ASN G 338 13.36 -28.26 13.37
CA ASN G 338 14.13 -27.09 12.95
C ASN G 338 15.64 -27.28 13.12
N ILE G 339 16.15 -28.51 12.92
CA ILE G 339 17.58 -28.75 12.94
C ILE G 339 18.19 -28.73 11.55
N SER G 340 17.37 -28.77 10.49
CA SER G 340 17.89 -28.76 9.13
C SER G 340 18.70 -27.50 8.85
N GLU G 341 18.45 -26.43 9.60
CA GLU G 341 19.17 -25.17 9.40
C GLU G 341 20.60 -25.21 9.93
N VAL G 342 20.99 -26.29 10.60
CA VAL G 342 22.31 -26.37 11.24
C VAL G 342 23.27 -27.07 10.28
N LYS G 343 24.32 -26.35 9.89
CA LYS G 343 25.29 -26.90 8.94
C LYS G 343 26.01 -28.10 9.53
N SER G 344 26.36 -28.04 10.81
CA SER G 344 27.03 -29.18 11.44
C SER G 344 26.13 -30.41 11.44
N TYR G 345 24.85 -30.23 11.75
CA TYR G 345 23.92 -31.35 11.72
C TYR G 345 23.79 -31.91 10.31
N LYS G 346 23.73 -31.04 9.31
CA LYS G 346 23.63 -31.53 7.93
C LYS G 346 24.86 -32.32 7.54
N CYS G 347 26.05 -31.81 7.91
CA CYS G 347 27.28 -32.53 7.61
C CYS G 347 27.31 -33.89 8.29
N LEU G 348 26.94 -33.94 9.58
CA LEU G 348 26.91 -35.22 10.27
C LEU G 348 25.89 -36.17 9.64
N LYS G 349 24.77 -35.63 9.17
CA LYS G 349 23.76 -36.47 8.53
C LYS G 349 24.28 -37.09 7.24
N VAL G 350 24.99 -36.30 6.42
CA VAL G 350 25.54 -36.87 5.19
C VAL G 350 26.64 -37.88 5.54
N LEU G 351 27.42 -37.61 6.59
CA LEU G 351 28.41 -38.61 7.02
C LEU G 351 27.72 -39.91 7.42
N GLU G 352 26.63 -39.81 8.17
CA GLU G 352 25.88 -41.00 8.57
C GLU G 352 25.37 -41.74 7.35
N ASN G 353 24.77 -41.01 6.40
CA ASN G 353 24.23 -41.65 5.21
C ASN G 353 25.31 -42.38 4.43
N ILE G 354 26.49 -41.75 4.31
CA ILE G 354 27.60 -42.42 3.63
C ILE G 354 28.05 -43.64 4.41
N LYS G 355 27.97 -43.58 5.74
CA LYS G 355 28.38 -44.73 6.57
C LYS G 355 27.52 -45.95 6.32
N SER G 356 26.36 -45.79 5.67
CA SER G 356 25.53 -46.95 5.36
C SER G 356 26.30 -47.95 4.50
N SER G 357 27.03 -47.46 3.51
CA SER G 357 27.87 -48.33 2.70
C SER G 357 29.10 -48.78 3.49
N GLY G 358 29.65 -47.89 4.32
CA GLY G 358 30.81 -48.24 5.11
C GLY G 358 32.11 -48.25 4.35
N GLN G 359 32.14 -47.68 3.14
CA GLN G 359 33.36 -47.71 2.33
C GLN G 359 34.49 -46.95 3.01
N GLY G 360 34.18 -45.78 3.58
CA GLY G 360 35.21 -44.94 4.17
C GLY G 360 35.24 -44.98 5.69
N ILE G 361 35.68 -43.89 6.30
CA ILE G 361 35.78 -43.77 7.75
C ILE G 361 35.15 -42.46 8.17
N ASP G 362 34.43 -42.48 9.29
CA ASP G 362 33.76 -41.27 9.76
C ASP G 362 34.72 -40.14 10.06
N PRO G 363 35.80 -40.33 10.83
CA PRO G 363 36.72 -39.21 11.06
C PRO G 363 37.38 -38.71 9.80
N MET G 364 37.75 -39.60 8.88
CA MET G 364 38.36 -39.17 7.63
C MET G 364 37.39 -38.33 6.82
N LEU G 365 36.13 -38.77 6.74
CA LEU G 365 35.13 -37.99 6.00
C LEU G 365 34.90 -36.64 6.66
N LEU G 366 34.85 -36.61 8.00
CA LEU G 366 34.66 -35.34 8.69
C LEU G 366 35.81 -34.38 8.43
N LEU G 367 37.05 -34.89 8.47
CA LEU G 367 38.20 -34.06 8.18
C LEU G 367 38.16 -33.55 6.74
N THR G 368 37.81 -34.41 5.79
CA THR G 368 37.76 -34.01 4.39
C THR G 368 36.65 -32.99 4.13
N ASN G 369 35.56 -33.06 4.89
CA ASN G 369 34.43 -32.17 4.64
C ASN G 369 34.83 -30.71 4.78
N LEU G 370 35.58 -30.39 5.84
CA LEU G 370 35.99 -29.01 6.12
C LEU G 370 34.77 -28.08 6.09
N GLY G 371 33.84 -28.34 7.00
CA GLY G 371 32.59 -27.59 7.06
C GLY G 371 32.43 -26.82 8.35
N MET G 372 33.50 -26.19 8.83
CA MET G 372 33.43 -25.45 10.09
C MET G 372 32.35 -24.37 10.03
N ILE G 373 32.32 -23.61 8.95
CA ILE G 373 31.32 -22.56 8.79
C ILE G 373 31.31 -22.06 7.36
#